data_9ERS
#
_entry.id   9ERS
#
_cell.length_a   99.864
_cell.length_b   100.065
_cell.length_c   168.359
_cell.angle_alpha   90.000
_cell.angle_beta   90.000
_cell.angle_gamma   90.000
#
_symmetry.space_group_name_H-M   'P 21 21 21'
#
loop_
_entity.id
_entity.type
_entity.pdbx_description
1 polymer 'Hydrogenase-2 small chain'
2 polymer 'Hydrogenase-2 large chain'
3 non-polymer 'IRON/SULFUR CLUSTER'
4 non-polymer 'FE3-S4 CLUSTER'
5 non-polymer GLYCEROL
6 non-polymer 'CARBONMONOXIDE-(DICYANO) IRON'
7 non-polymer 'NICKEL (II) ION'
8 non-polymer 'MAGNESIUM ION'
9 water water
#
loop_
_entity_poly.entity_id
_entity_poly.type
_entity_poly.pdbx_seq_one_letter_code
_entity_poly.pdbx_strand_id
1 'polypeptide(L)'
;MAESVTNPQRPPVIWIGAQECTGCTESLLRATHPTVENLVLETISLEYHEVLSAAFGHQVEENKHNALEKYKGQYVLVVD
GSIPLKDNGIYCMVAGEPIVDHIRKAAEGAAAIIAIGSCSAWGGVAAAGVNPTGAVSLQEVLPGKTVINIPGCPPNPHNF
LATVAHIITYGKPPKLDDKNRPTFAYGRLIHEHCERRPHFDAGRFAKEFGDEGHREGWCLYHLGCKGPETYGNCSTLQFC
DVGGVWPVAIGHPCYGCNEEGIGFHKGIHQLANVENQTPRSQKPDVNAKEGGHHHHHH
;
S,T
2 'polypeptide(L)'
;MSQRITIDPVTRIEGHLRIDCEIENGVVSKAWASGTMWRGMEEIVKNRDPRDAWMIVQRICGVCTTTHALSSVRAAESAL
NIDVPVNAQYIRNIILAAHTTHDHIVHFYQLSALDWVDITSALQADPTKASEMLKGVSTWHLNSPEEFTKVQNKIKDLVA
SGQLGIFANGYWGHPAMKLPPEVNLIAVAHYLQALECQRDANRVVALLGGKTPHIQNLAVGGVANPINLDGLGVLNLERL
MYIKSFIDKLSDFVEQVYKVDTAVIAAFYPEWLTRGKGAVNYLSVPEFPTDSKNGSFLFPGGYIENADLSSYRPITSHSD
EYLIKGIQESAKHSWYKDEAPQAPWEGTTIPAYDGWSDDGKYSWVKSPTFYGKTVEVGPLANMLVKLAAGRESTQNKLNE
IVAIYQKLTGNTLEVAQLHSTLGRIIGRTVHCCELQDILQNQYSALITNIGKGDHTTFVKPNIPATGEFKGVGFLEAPRG
MLSHWMVIKDGIISNYQAVVPSTWNSGPRNFNDDVGPYEQSLVGTPVADPNKPLEVVRTIHSFDPCMACAVHVVDADGNE
VVSVKVL
;
L,M
#
loop_
_chem_comp.id
_chem_comp.type
_chem_comp.name
_chem_comp.formula
F3S non-polymer 'FE3-S4 CLUSTER' 'Fe3 S4'
FCO non-polymer 'CARBONMONOXIDE-(DICYANO) IRON' 'C3 Fe N2 O'
GOL non-polymer GLYCEROL 'C3 H8 O3'
MG non-polymer 'MAGNESIUM ION' 'Mg 2'
NI non-polymer 'NICKEL (II) ION' 'Ni 2'
SF4 non-polymer 'IRON/SULFUR CLUSTER' 'Fe4 S4'
#
# COMPACT_ATOMS: atom_id res chain seq x y z
N PRO A 8 25.99 -9.98 7.47
CA PRO A 8 26.70 -9.85 6.19
C PRO A 8 27.11 -8.43 5.82
N GLN A 9 28.14 -8.30 4.97
CA GLN A 9 28.54 -6.98 4.49
C GLN A 9 27.59 -6.55 3.38
N ARG A 10 27.26 -5.26 3.33
CA ARG A 10 26.36 -4.74 2.33
C ARG A 10 27.15 -3.96 1.29
N PRO A 11 26.70 -3.98 0.02
CA PRO A 11 27.40 -3.28 -1.05
C PRO A 11 27.40 -1.78 -0.80
N PRO A 12 28.58 -1.11 -0.93
CA PRO A 12 28.69 0.30 -0.59
C PRO A 12 28.23 1.22 -1.71
N VAL A 13 27.60 2.34 -1.30
CA VAL A 13 27.13 3.38 -2.21
C VAL A 13 27.61 4.74 -1.71
N ILE A 14 28.12 5.55 -2.66
CA ILE A 14 28.53 6.92 -2.43
CA ILE A 14 28.53 6.92 -2.44
C ILE A 14 27.64 7.82 -3.28
N TRP A 15 26.95 8.77 -2.63
CA TRP A 15 25.98 9.63 -3.31
C TRP A 15 26.45 11.08 -3.20
N ILE A 16 26.68 11.72 -4.34
CA ILE A 16 27.13 13.11 -4.37
C ILE A 16 26.09 13.93 -5.12
N GLY A 17 25.59 15.00 -4.46
CA GLY A 17 24.68 15.91 -5.11
C GLY A 17 25.40 17.13 -5.66
N ALA A 18 25.11 17.47 -6.93
CA ALA A 18 25.73 18.60 -7.61
C ALA A 18 24.77 19.78 -7.63
N GLN A 19 24.19 20.14 -8.79
CA GLN A 19 23.17 21.16 -8.83
C GLN A 19 21.80 20.50 -8.74
N GLU A 20 21.50 19.93 -7.56
N GLU A 20 21.51 19.92 -7.58
CA GLU A 20 20.34 19.09 -7.37
CA GLU A 20 20.32 19.10 -7.39
C GLU A 20 19.29 19.88 -6.58
C GLU A 20 19.29 19.89 -6.59
N CYS A 21 18.01 19.54 -6.79
CA CYS A 21 16.91 20.12 -6.02
C CYS A 21 16.56 19.20 -4.85
N THR A 22 17.16 17.99 -4.81
CA THR A 22 17.00 16.96 -3.77
C THR A 22 15.76 16.08 -4.02
N GLY A 23 14.98 16.39 -5.07
CA GLY A 23 13.86 15.57 -5.47
C GLY A 23 14.25 14.12 -5.78
N CYS A 24 15.45 13.92 -6.31
CA CYS A 24 15.93 12.58 -6.64
C CYS A 24 16.19 11.75 -5.38
N THR A 25 16.73 12.37 -4.33
CA THR A 25 16.85 11.72 -3.04
C THR A 25 15.46 11.49 -2.46
N GLU A 26 14.61 12.52 -2.54
CA GLU A 26 13.28 12.45 -1.97
C GLU A 26 12.44 11.33 -2.60
N SER A 27 12.74 10.96 -3.86
CA SER A 27 12.03 9.85 -4.49
C SER A 27 12.11 8.61 -3.61
N LEU A 28 13.29 8.41 -2.96
CA LEU A 28 13.54 7.23 -2.16
C LEU A 28 12.57 7.13 -0.98
N LEU A 29 12.09 8.27 -0.47
CA LEU A 29 11.22 8.28 0.69
C LEU A 29 9.80 7.85 0.32
N ARG A 30 9.50 7.74 -0.98
CA ARG A 30 8.23 7.21 -1.46
C ARG A 30 8.31 5.72 -1.77
N ALA A 31 9.55 5.21 -1.92
CA ALA A 31 9.78 3.84 -2.35
C ALA A 31 9.20 2.84 -1.36
N THR A 32 8.81 1.67 -1.88
CA THR A 32 8.25 0.60 -1.07
C THR A 32 8.99 -0.73 -1.23
N HIS A 33 9.90 -0.85 -2.20
CA HIS A 33 10.51 -2.15 -2.46
C HIS A 33 11.92 -2.00 -3.03
N PRO A 34 12.93 -1.64 -2.22
CA PRO A 34 12.77 -1.42 -0.77
C PRO A 34 12.35 -0.02 -0.33
N THR A 35 11.72 0.05 0.86
CA THR A 35 11.61 1.29 1.60
C THR A 35 13.01 1.84 1.88
N VAL A 36 13.10 3.15 2.12
CA VAL A 36 14.38 3.81 2.33
C VAL A 36 15.06 3.23 3.58
N GLU A 37 14.27 2.89 4.62
CA GLU A 37 14.85 2.32 5.84
C GLU A 37 15.45 0.94 5.55
N ASN A 38 14.77 0.12 4.74
CA ASN A 38 15.33 -1.17 4.39
C ASN A 38 16.50 -1.00 3.42
N LEU A 39 16.45 0.02 2.56
CA LEU A 39 17.58 0.26 1.69
C LEU A 39 18.85 0.45 2.51
N VAL A 40 18.79 1.33 3.51
CA VAL A 40 20.04 1.76 4.17
C VAL A 40 20.46 0.76 5.25
N LEU A 41 19.52 -0.02 5.79
CA LEU A 41 19.83 -0.96 6.85
C LEU A 41 20.10 -2.37 6.32
N GLU A 42 19.50 -2.76 5.18
CA GLU A 42 19.59 -4.14 4.67
C GLU A 42 20.19 -4.25 3.28
N THR A 43 19.78 -3.43 2.32
CA THR A 43 20.14 -3.63 0.92
C THR A 43 21.55 -3.14 0.60
N ILE A 44 21.88 -1.92 1.05
CA ILE A 44 23.17 -1.30 0.74
C ILE A 44 23.79 -0.79 2.03
N SER A 45 25.06 -0.40 1.93
CA SER A 45 25.64 0.51 2.91
C SER A 45 25.80 1.88 2.26
N LEU A 46 25.00 2.85 2.72
CA LEU A 46 25.04 4.19 2.20
C LEU A 46 26.14 4.93 2.94
N GLU A 47 27.34 4.89 2.35
CA GLU A 47 28.57 5.34 2.98
C GLU A 47 28.70 6.86 2.95
N TYR A 48 28.07 7.53 1.98
CA TYR A 48 28.08 8.98 1.90
C TYR A 48 26.75 9.45 1.32
N HIS A 49 26.02 10.26 2.08
CA HIS A 49 24.85 10.96 1.59
C HIS A 49 24.60 12.11 2.55
N GLU A 50 24.75 13.33 2.06
CA GLU A 50 24.72 14.51 2.90
C GLU A 50 23.34 14.82 3.48
N VAL A 51 22.26 14.39 2.82
CA VAL A 51 20.93 14.66 3.33
C VAL A 51 20.66 13.90 4.64
N LEU A 52 21.23 12.70 4.81
CA LEU A 52 20.87 11.86 5.93
C LEU A 52 22.01 11.64 6.93
N SER A 53 23.24 12.02 6.55
N SER A 53 23.23 12.03 6.56
CA SER A 53 24.41 11.67 7.35
CA SER A 53 24.43 11.75 7.35
C SER A 53 24.42 12.43 8.68
C SER A 53 24.41 12.46 8.70
N ALA A 54 24.67 11.70 9.77
CA ALA A 54 24.82 12.23 11.11
C ALA A 54 25.99 13.22 11.15
N ALA A 55 27.11 12.81 10.55
CA ALA A 55 28.32 13.61 10.50
C ALA A 55 28.12 14.82 9.58
N PHE A 56 28.78 15.94 9.92
CA PHE A 56 28.82 17.13 9.10
C PHE A 56 30.29 17.56 8.92
N GLY A 57 30.50 18.53 8.02
CA GLY A 57 31.77 19.23 7.90
C GLY A 57 32.98 18.32 7.75
N HIS A 58 33.96 18.49 8.65
CA HIS A 58 35.22 17.78 8.55
C HIS A 58 35.00 16.28 8.77
N GLN A 59 34.02 15.93 9.60
CA GLN A 59 33.74 14.54 9.93
C GLN A 59 33.14 13.81 8.72
N VAL A 60 32.25 14.47 7.96
CA VAL A 60 31.61 13.80 6.84
C VAL A 60 32.62 13.72 5.69
N GLU A 61 33.50 14.72 5.60
CA GLU A 61 34.62 14.68 4.66
C GLU A 61 35.50 13.46 4.95
N GLU A 62 35.80 13.20 6.22
CA GLU A 62 36.58 12.00 6.57
C GLU A 62 35.84 10.75 6.08
N ASN A 63 34.52 10.67 6.33
CA ASN A 63 33.75 9.51 5.91
C ASN A 63 33.92 9.27 4.41
N LYS A 64 33.91 10.33 3.61
CA LYS A 64 34.04 10.18 2.17
C LYS A 64 35.40 9.56 1.83
N HIS A 65 36.47 10.12 2.38
CA HIS A 65 37.81 9.65 2.06
C HIS A 65 38.00 8.20 2.51
N ASN A 66 37.53 7.89 3.72
CA ASN A 66 37.69 6.55 4.25
C ASN A 66 36.95 5.58 3.34
N ALA A 67 35.74 5.96 2.88
CA ALA A 67 34.93 5.09 2.06
C ALA A 67 35.57 4.90 0.69
N LEU A 68 36.10 5.97 0.10
CA LEU A 68 36.72 5.87 -1.21
C LEU A 68 37.91 4.92 -1.17
N GLU A 69 38.63 4.89 -0.05
CA GLU A 69 39.81 4.03 0.08
C GLU A 69 39.40 2.60 0.39
N LYS A 70 38.61 2.42 1.45
CA LYS A 70 38.20 1.10 1.89
C LYS A 70 37.47 0.35 0.78
N TYR A 71 36.67 1.06 -0.05
CA TYR A 71 35.79 0.36 -0.98
C TYR A 71 36.20 0.62 -2.43
N LYS A 72 37.46 1.03 -2.64
CA LYS A 72 37.97 1.27 -3.98
C LYS A 72 37.61 0.07 -4.88
N GLY A 73 37.10 0.35 -6.08
CA GLY A 73 36.71 -0.67 -7.03
C GLY A 73 35.37 -1.35 -6.74
N GLN A 74 34.69 -1.01 -5.63
CA GLN A 74 33.54 -1.79 -5.19
C GLN A 74 32.25 -0.97 -5.15
N TYR A 75 32.33 0.34 -4.95
CA TYR A 75 31.14 1.12 -4.62
C TYR A 75 30.43 1.55 -5.90
N VAL A 76 29.13 1.78 -5.73
CA VAL A 76 28.32 2.43 -6.75
C VAL A 76 28.35 3.92 -6.42
N LEU A 77 28.74 4.72 -7.39
CA LEU A 77 28.65 6.17 -7.28
C LEU A 77 27.34 6.62 -7.91
N VAL A 78 26.61 7.49 -7.20
CA VAL A 78 25.35 8.05 -7.67
C VAL A 78 25.45 9.57 -7.64
N VAL A 79 25.03 10.24 -8.71
CA VAL A 79 25.02 11.69 -8.72
C VAL A 79 23.64 12.14 -9.17
N ASP A 80 23.08 13.09 -8.41
CA ASP A 80 21.92 13.88 -8.84
C ASP A 80 22.36 15.33 -9.04
N GLY A 81 21.60 16.02 -9.88
CA GLY A 81 21.90 17.37 -10.28
C GLY A 81 22.84 17.45 -11.46
N SER A 82 22.81 18.61 -12.15
CA SER A 82 23.77 18.92 -13.21
C SER A 82 25.12 19.35 -12.61
N ILE A 83 26.16 19.35 -13.45
CA ILE A 83 27.50 19.73 -13.03
C ILE A 83 27.87 21.00 -13.80
N PRO A 84 28.08 22.15 -13.10
CA PRO A 84 28.33 23.41 -13.78
C PRO A 84 29.82 23.61 -14.10
N LEU A 85 30.13 23.82 -15.37
CA LEU A 85 31.51 23.96 -15.82
C LEU A 85 31.89 25.43 -16.04
N LYS A 86 30.92 26.34 -16.11
CA LYS A 86 31.21 27.74 -16.40
C LYS A 86 32.06 28.33 -15.27
N ASP A 87 33.01 29.22 -15.61
CA ASP A 87 33.78 29.93 -14.60
C ASP A 87 34.51 28.97 -13.67
N ASN A 88 35.08 27.91 -14.27
CA ASN A 88 35.96 26.98 -13.58
C ASN A 88 35.25 26.23 -12.45
N GLY A 89 33.93 26.06 -12.54
CA GLY A 89 33.23 25.16 -11.65
C GLY A 89 32.68 25.79 -10.37
N ILE A 90 32.74 27.11 -10.25
CA ILE A 90 32.45 27.80 -8.98
C ILE A 90 30.94 27.89 -8.67
N TYR A 91 30.06 27.45 -9.59
CA TYR A 91 28.64 27.53 -9.32
C TYR A 91 28.16 26.40 -8.40
N CYS A 92 29.02 25.47 -8.03
CA CYS A 92 28.70 24.52 -6.98
C CYS A 92 29.99 24.15 -6.28
N MET A 93 30.20 24.69 -5.07
CA MET A 93 31.43 24.51 -4.33
C MET A 93 31.13 23.86 -2.98
N VAL A 94 31.78 22.72 -2.72
CA VAL A 94 31.60 21.99 -1.49
C VAL A 94 32.98 21.81 -0.86
N ALA A 95 33.06 22.14 0.44
CA ALA A 95 34.32 22.20 1.17
C ALA A 95 35.39 22.93 0.35
N GLY A 96 35.01 24.00 -0.33
CA GLY A 96 35.95 24.91 -0.95
C GLY A 96 36.44 24.45 -2.33
N GLU A 97 35.83 23.40 -2.89
CA GLU A 97 36.26 22.85 -4.16
C GLU A 97 35.07 22.65 -5.08
N PRO A 98 35.25 22.85 -6.40
CA PRO A 98 34.19 22.59 -7.39
C PRO A 98 33.67 21.15 -7.32
N ILE A 99 32.35 20.98 -7.43
CA ILE A 99 31.74 19.67 -7.32
C ILE A 99 32.24 18.75 -8.43
N VAL A 100 32.57 19.31 -9.59
CA VAL A 100 33.09 18.49 -10.68
C VAL A 100 34.34 17.73 -10.23
N ASP A 101 35.17 18.35 -9.37
CA ASP A 101 36.39 17.72 -8.91
C ASP A 101 36.09 16.59 -7.94
N HIS A 102 35.14 16.81 -7.01
CA HIS A 102 34.72 15.77 -6.10
C HIS A 102 34.18 14.57 -6.89
N ILE A 103 33.43 14.83 -7.96
CA ILE A 103 32.80 13.76 -8.73
C ILE A 103 33.85 12.96 -9.50
N ARG A 104 34.78 13.65 -10.18
CA ARG A 104 35.85 12.98 -10.92
C ARG A 104 36.71 12.14 -10.00
N LYS A 105 36.98 12.63 -8.78
CA LYS A 105 37.76 11.83 -7.84
C LYS A 105 36.99 10.57 -7.46
N ALA A 106 35.72 10.70 -7.09
CA ALA A 106 34.92 9.55 -6.68
C ALA A 106 34.75 8.56 -7.84
N ALA A 107 34.70 9.05 -9.08
CA ALA A 107 34.50 8.18 -10.22
C ALA A 107 35.69 7.26 -10.43
N GLU A 108 36.87 7.67 -9.96
CA GLU A 108 38.08 6.91 -10.21
C GLU A 108 37.93 5.50 -9.67
N GLY A 109 37.39 5.36 -8.46
CA GLY A 109 37.30 4.04 -7.84
C GLY A 109 35.93 3.36 -7.95
N ALA A 110 35.03 3.83 -8.82
CA ALA A 110 33.66 3.36 -8.79
C ALA A 110 33.55 2.05 -9.56
N ALA A 111 32.79 1.08 -9.00
CA ALA A 111 32.42 -0.13 -9.72
C ALA A 111 31.33 0.16 -10.75
N ALA A 112 30.42 1.09 -10.43
CA ALA A 112 29.35 1.46 -11.34
C ALA A 112 29.00 2.91 -11.07
N ILE A 113 28.54 3.63 -12.08
CA ILE A 113 28.24 5.04 -11.96
C ILE A 113 26.85 5.30 -12.52
N ILE A 114 26.00 5.95 -11.72
CA ILE A 114 24.60 6.16 -12.05
C ILE A 114 24.29 7.65 -11.96
N ALA A 115 23.77 8.19 -13.06
CA ALA A 115 23.13 9.50 -13.06
C ALA A 115 21.64 9.30 -12.80
N ILE A 116 21.21 9.64 -11.60
CA ILE A 116 19.79 9.62 -11.26
C ILE A 116 19.18 10.99 -11.53
N GLY A 117 18.10 10.97 -12.31
CA GLY A 117 17.38 12.16 -12.69
C GLY A 117 17.86 12.78 -13.99
N SER A 118 16.95 13.55 -14.60
CA SER A 118 17.21 14.23 -15.85
C SER A 118 18.38 15.22 -15.73
N CYS A 119 18.58 15.86 -14.56
CA CYS A 119 19.65 16.86 -14.44
C CYS A 119 21.02 16.21 -14.67
N SER A 120 21.32 15.13 -13.95
CA SER A 120 22.58 14.42 -14.14
C SER A 120 22.57 13.59 -15.43
N ALA A 121 21.40 13.12 -15.88
CA ALA A 121 21.32 12.28 -17.08
C ALA A 121 21.59 13.07 -18.34
N TRP A 122 21.03 14.29 -18.46
CA TRP A 122 21.24 15.05 -19.68
C TRP A 122 21.24 16.56 -19.46
N GLY A 123 21.39 17.03 -18.21
CA GLY A 123 21.42 18.47 -17.94
C GLY A 123 20.14 18.97 -17.31
N GLY A 124 19.00 18.48 -17.81
CA GLY A 124 17.70 18.72 -17.20
C GLY A 124 17.32 20.20 -17.15
N VAL A 125 16.52 20.57 -16.17
CA VAL A 125 16.02 21.94 -16.08
C VAL A 125 17.18 22.91 -15.82
N ALA A 126 18.18 22.44 -15.07
CA ALA A 126 19.27 23.31 -14.61
C ALA A 126 20.12 23.78 -15.79
N ALA A 127 20.15 22.99 -16.88
CA ALA A 127 20.92 23.28 -18.08
C ALA A 127 20.06 23.88 -19.17
N ALA A 128 18.78 24.20 -18.87
CA ALA A 128 17.84 24.59 -19.90
C ALA A 128 18.01 26.07 -20.27
N GLY A 129 17.38 26.43 -21.40
CA GLY A 129 17.33 27.81 -21.85
C GLY A 129 18.72 28.41 -22.01
N VAL A 130 18.95 29.56 -21.40
CA VAL A 130 20.24 30.22 -21.51
C VAL A 130 21.32 29.48 -20.73
N ASN A 131 20.97 28.49 -19.91
CA ASN A 131 21.95 27.69 -19.18
C ASN A 131 22.94 28.62 -18.44
N PRO A 132 22.49 29.36 -17.41
CA PRO A 132 23.34 30.32 -16.74
C PRO A 132 24.69 29.86 -16.20
N THR A 133 24.83 28.57 -15.85
CA THR A 133 26.02 28.08 -15.16
C THR A 133 26.82 27.09 -16.01
N GLY A 134 26.46 26.94 -17.28
CA GLY A 134 27.15 25.98 -18.15
C GLY A 134 27.04 24.57 -17.58
N ALA A 135 25.82 24.26 -17.11
CA ALA A 135 25.51 22.96 -16.54
C ALA A 135 25.57 21.87 -17.61
N VAL A 136 26.19 20.74 -17.28
CA VAL A 136 26.22 19.58 -18.18
C VAL A 136 25.86 18.31 -17.40
N SER A 137 25.72 17.22 -18.16
CA SER A 137 25.39 15.91 -17.63
C SER A 137 26.61 15.25 -16.97
N LEU A 138 26.34 14.23 -16.16
CA LEU A 138 27.40 13.42 -15.56
C LEU A 138 28.26 12.78 -16.64
N GLN A 139 27.65 12.19 -17.68
CA GLN A 139 28.40 11.52 -18.72
C GLN A 139 29.39 12.48 -19.38
N GLU A 140 28.99 13.75 -19.56
CA GLU A 140 29.86 14.74 -20.19
C GLU A 140 31.09 15.03 -19.33
N VAL A 141 30.96 14.97 -17.99
CA VAL A 141 32.10 15.22 -17.12
C VAL A 141 32.97 13.97 -16.99
N LEU A 142 32.46 12.79 -17.37
CA LEU A 142 33.17 11.53 -17.23
C LEU A 142 33.27 10.83 -18.58
N PRO A 143 33.95 11.44 -19.58
CA PRO A 143 33.97 10.89 -20.94
C PRO A 143 34.54 9.47 -21.06
N GLY A 144 35.42 9.07 -20.15
CA GLY A 144 35.98 7.73 -20.23
C GLY A 144 35.18 6.64 -19.50
N LYS A 145 34.04 6.98 -18.91
CA LYS A 145 33.30 6.03 -18.07
C LYS A 145 31.94 5.72 -18.68
N THR A 146 31.42 4.53 -18.40
CA THR A 146 30.03 4.22 -18.72
C THR A 146 29.13 4.71 -17.60
N VAL A 147 28.29 5.71 -17.90
CA VAL A 147 27.34 6.24 -16.94
C VAL A 147 25.97 5.66 -17.26
N ILE A 148 25.35 5.04 -16.24
CA ILE A 148 24.00 4.53 -16.35
C ILE A 148 23.04 5.69 -16.06
N ASN A 149 22.17 5.98 -17.02
CA ASN A 149 21.27 7.11 -16.93
C ASN A 149 19.87 6.64 -16.49
N ILE A 150 19.34 7.28 -15.45
CA ILE A 150 18.02 6.97 -14.94
C ILE A 150 17.21 8.26 -14.92
N PRO A 151 16.73 8.72 -16.08
CA PRO A 151 16.10 10.04 -16.18
C PRO A 151 14.67 10.09 -15.66
N GLY A 152 14.17 11.32 -15.63
CA GLY A 152 12.92 11.65 -14.97
C GLY A 152 13.21 12.71 -13.92
N CYS A 153 12.17 13.44 -13.51
CA CYS A 153 12.37 14.65 -12.73
C CYS A 153 11.38 14.67 -11.56
N PRO A 154 11.52 13.77 -10.56
CA PRO A 154 12.49 12.67 -10.57
C PRO A 154 11.93 11.35 -11.11
N PRO A 155 12.76 10.34 -11.41
CA PRO A 155 12.26 9.03 -11.82
C PRO A 155 11.49 8.40 -10.67
N ASN A 156 10.60 7.47 -11.02
CA ASN A 156 10.13 6.50 -10.05
C ASN A 156 11.37 5.93 -9.38
N PRO A 157 11.43 5.92 -8.03
CA PRO A 157 12.66 5.49 -7.34
C PRO A 157 13.05 4.07 -7.66
N HIS A 158 12.07 3.21 -8.02
CA HIS A 158 12.40 1.83 -8.33
C HIS A 158 13.11 1.71 -9.67
N ASN A 159 13.04 2.73 -10.55
CA ASN A 159 13.86 2.72 -11.77
C ASN A 159 15.34 2.68 -11.37
N PHE A 160 15.67 3.41 -10.30
CA PHE A 160 16.99 3.41 -9.69
C PHE A 160 17.21 2.13 -8.88
N LEU A 161 16.29 1.81 -7.96
CA LEU A 161 16.51 0.72 -7.00
C LEU A 161 16.64 -0.64 -7.67
N ALA A 162 15.82 -0.91 -8.70
CA ALA A 162 15.92 -2.16 -9.45
C ALA A 162 17.18 -2.22 -10.30
N THR A 163 17.73 -1.07 -10.70
CA THR A 163 19.01 -1.04 -11.40
C THR A 163 20.13 -1.44 -10.43
N VAL A 164 20.13 -0.83 -9.25
CA VAL A 164 21.08 -1.16 -8.20
C VAL A 164 20.96 -2.64 -7.81
N ALA A 165 19.72 -3.12 -7.66
CA ALA A 165 19.50 -4.51 -7.28
C ALA A 165 20.05 -5.46 -8.34
N HIS A 166 19.91 -5.11 -9.61
CA HIS A 166 20.43 -5.95 -10.69
C HIS A 166 21.96 -6.09 -10.56
N ILE A 167 22.63 -4.96 -10.33
CA ILE A 167 24.07 -4.91 -10.13
C ILE A 167 24.47 -5.78 -8.94
N ILE A 168 23.80 -5.62 -7.80
CA ILE A 168 24.07 -6.41 -6.61
C ILE A 168 23.78 -7.89 -6.85
N THR A 169 22.60 -8.22 -7.39
CA THR A 169 22.12 -9.59 -7.38
C THR A 169 22.80 -10.39 -8.48
N TYR A 170 22.96 -9.80 -9.66
CA TYR A 170 23.40 -10.55 -10.82
C TYR A 170 24.75 -10.07 -11.33
N GLY A 171 25.35 -9.08 -10.66
CA GLY A 171 26.77 -8.79 -10.86
C GLY A 171 27.07 -7.92 -12.08
N LYS A 172 26.03 -7.39 -12.75
CA LYS A 172 26.22 -6.52 -13.90
C LYS A 172 25.01 -5.60 -14.02
N PRO A 173 25.08 -4.53 -14.84
CA PRO A 173 23.95 -3.63 -15.01
C PRO A 173 22.84 -4.34 -15.78
N PRO A 174 21.60 -3.82 -15.67
CA PRO A 174 20.52 -4.28 -16.52
C PRO A 174 20.84 -3.88 -17.95
N LYS A 175 20.13 -4.47 -18.92
CA LYS A 175 20.27 -4.06 -20.30
C LYS A 175 19.94 -2.58 -20.44
N LEU A 176 20.71 -1.89 -21.29
CA LEU A 176 20.61 -0.46 -21.51
C LEU A 176 20.33 -0.19 -22.98
N ASP A 177 19.65 0.92 -23.26
CA ASP A 177 19.46 1.38 -24.63
C ASP A 177 20.70 2.18 -25.04
N ASP A 178 20.66 2.84 -26.18
N ASP A 178 20.62 2.85 -26.19
CA ASP A 178 21.83 3.55 -26.69
CA ASP A 178 21.73 3.60 -26.75
C ASP A 178 22.01 4.90 -26.00
C ASP A 178 21.99 4.90 -26.01
N LYS A 179 21.12 5.27 -25.07
CA LYS A 179 21.40 6.37 -24.15
C LYS A 179 21.80 5.87 -22.77
N ASN A 180 22.10 4.57 -22.65
CA ASN A 180 22.51 3.95 -21.40
C ASN A 180 21.40 4.03 -20.34
N ARG A 181 20.15 4.02 -20.80
CA ARG A 181 19.00 3.93 -19.91
C ARG A 181 18.56 2.47 -19.79
N PRO A 182 18.26 1.95 -18.59
CA PRO A 182 17.72 0.59 -18.47
C PRO A 182 16.43 0.37 -19.27
N THR A 183 16.42 -0.68 -20.11
CA THR A 183 15.31 -0.97 -21.01
C THR A 183 14.04 -1.30 -20.23
N PHE A 184 14.16 -1.90 -19.03
CA PHE A 184 12.95 -2.27 -18.30
C PHE A 184 12.12 -1.05 -17.97
N ALA A 185 12.76 0.15 -17.84
CA ALA A 185 12.08 1.38 -17.46
C ALA A 185 11.94 2.37 -18.63
N TYR A 186 12.86 2.36 -19.61
CA TYR A 186 12.89 3.42 -20.61
C TYR A 186 12.88 2.89 -22.05
N GLY A 187 12.58 1.59 -22.18
CA GLY A 187 12.68 0.92 -23.46
C GLY A 187 11.56 1.24 -24.43
N ARG A 188 10.54 2.03 -24.05
CA ARG A 188 9.38 2.23 -24.91
C ARG A 188 8.80 3.63 -24.70
N LEU A 189 8.24 4.22 -25.75
CA LEU A 189 7.54 5.49 -25.64
C LEU A 189 6.33 5.31 -24.74
N ILE A 190 6.04 6.33 -23.94
CA ILE A 190 4.85 6.35 -23.11
C ILE A 190 3.61 6.14 -23.99
N HIS A 191 3.58 6.80 -25.16
CA HIS A 191 2.42 6.77 -26.05
C HIS A 191 2.27 5.40 -26.72
N GLU A 192 3.32 4.57 -26.69
CA GLU A 192 3.25 3.23 -27.23
C GLU A 192 2.91 2.23 -26.14
N HIS A 193 2.53 2.76 -24.95
CA HIS A 193 1.97 1.91 -23.91
C HIS A 193 1.08 2.71 -22.98
N CYS A 194 0.24 3.58 -23.56
CA CYS A 194 -0.64 4.45 -22.79
C CYS A 194 -2.10 4.02 -22.93
N GLU A 195 -2.79 3.96 -21.77
CA GLU A 195 -4.16 3.45 -21.71
C GLU A 195 -5.15 4.40 -22.38
N ARG A 196 -4.71 5.62 -22.76
CA ARG A 196 -5.60 6.54 -23.45
C ARG A 196 -5.40 6.48 -24.97
N ARG A 197 -4.56 5.57 -25.44
CA ARG A 197 -4.36 5.39 -26.86
C ARG A 197 -5.69 5.17 -27.61
N PRO A 198 -6.66 4.39 -27.08
CA PRO A 198 -7.93 4.20 -27.80
C PRO A 198 -8.63 5.53 -28.12
N HIS A 199 -8.54 6.48 -27.17
CA HIS A 199 -9.19 7.76 -27.32
C HIS A 199 -8.45 8.56 -28.40
N PHE A 200 -7.12 8.55 -28.34
CA PHE A 200 -6.31 9.15 -29.38
C PHE A 200 -6.77 8.61 -30.74
N ASP A 201 -6.86 7.28 -30.83
CA ASP A 201 -7.14 6.59 -32.08
C ASP A 201 -8.51 7.02 -32.61
N ALA A 202 -9.46 7.30 -31.69
CA ALA A 202 -10.84 7.62 -32.08
C ALA A 202 -11.05 9.11 -32.25
N GLY A 203 -10.03 9.94 -32.05
CA GLY A 203 -10.25 11.38 -32.08
C GLY A 203 -11.01 11.89 -30.85
N ARG A 204 -10.97 11.14 -29.74
CA ARG A 204 -11.60 11.59 -28.51
C ARG A 204 -10.56 12.33 -27.66
N PHE A 205 -10.65 13.68 -27.67
CA PHE A 205 -9.61 14.51 -27.09
C PHE A 205 -10.18 15.53 -26.12
N ALA A 206 -9.50 15.68 -24.98
CA ALA A 206 -9.66 16.86 -24.14
C ALA A 206 -9.13 18.07 -24.90
N LYS A 207 -9.85 19.19 -24.79
CA LYS A 207 -9.43 20.44 -25.40
C LYS A 207 -9.04 21.46 -24.34
N GLU A 208 -9.74 21.46 -23.21
CA GLU A 208 -9.41 22.27 -22.06
C GLU A 208 -9.57 21.45 -20.78
N PHE A 209 -8.73 21.68 -19.78
CA PHE A 209 -9.01 21.09 -18.48
C PHE A 209 -10.45 21.42 -18.07
N GLY A 210 -11.14 20.42 -17.51
CA GLY A 210 -12.48 20.60 -16.99
C GLY A 210 -13.60 20.46 -18.02
N ASP A 211 -13.26 20.26 -19.30
CA ASP A 211 -14.29 20.07 -20.33
C ASP A 211 -14.81 18.61 -20.26
N GLU A 212 -15.81 18.31 -21.08
CA GLU A 212 -16.56 17.06 -20.92
C GLU A 212 -15.64 15.87 -21.18
N GLY A 213 -14.86 15.96 -22.25
CA GLY A 213 -13.96 14.89 -22.64
C GLY A 213 -12.87 14.64 -21.58
N HIS A 214 -12.34 15.75 -21.05
CA HIS A 214 -11.32 15.68 -20.02
C HIS A 214 -11.91 14.93 -18.82
N ARG A 215 -13.18 15.23 -18.53
CA ARG A 215 -13.89 14.65 -17.41
C ARG A 215 -14.42 13.25 -17.72
N GLU A 216 -14.10 12.71 -18.89
CA GLU A 216 -14.34 11.31 -19.20
C GLU A 216 -13.03 10.54 -19.41
N GLY A 217 -11.89 11.18 -19.13
CA GLY A 217 -10.60 10.50 -19.22
C GLY A 217 -10.09 10.30 -20.65
N TRP A 218 -10.45 11.21 -21.55
CA TRP A 218 -9.98 11.14 -22.94
C TRP A 218 -8.50 11.50 -23.05
N CYS A 219 -7.96 11.30 -24.26
CA CYS A 219 -6.56 11.55 -24.56
C CYS A 219 -6.23 13.04 -24.37
N LEU A 220 -5.01 13.32 -23.92
CA LEU A 220 -4.55 14.65 -23.60
C LEU A 220 -3.59 15.20 -24.67
N TYR A 221 -3.54 14.58 -25.85
CA TYR A 221 -2.66 15.01 -26.92
C TYR A 221 -2.82 16.52 -27.19
N HIS A 222 -4.08 16.99 -27.29
CA HIS A 222 -4.31 18.38 -27.67
C HIS A 222 -4.16 19.32 -26.49
N LEU A 223 -3.82 18.81 -25.31
CA LEU A 223 -3.42 19.66 -24.18
C LEU A 223 -1.90 19.79 -24.13
N GLY A 224 -1.20 19.08 -25.03
CA GLY A 224 0.25 19.15 -25.11
C GLY A 224 0.95 17.90 -24.61
N CYS A 225 0.26 16.77 -24.58
CA CYS A 225 0.89 15.57 -24.05
C CYS A 225 2.14 15.21 -24.87
N LYS A 226 3.26 14.95 -24.19
CA LYS A 226 4.53 14.63 -24.82
C LYS A 226 4.80 13.13 -24.82
N GLY A 227 3.81 12.34 -24.40
CA GLY A 227 3.93 10.89 -24.42
C GLY A 227 4.46 10.37 -25.77
N PRO A 228 4.03 10.94 -26.91
CA PRO A 228 4.52 10.48 -28.21
C PRO A 228 6.01 10.64 -28.46
N GLU A 229 6.71 11.44 -27.65
CA GLU A 229 8.13 11.67 -27.89
C GLU A 229 8.96 11.48 -26.62
N THR A 230 8.41 10.77 -25.61
CA THR A 230 9.08 10.57 -24.34
C THR A 230 9.19 9.08 -24.01
N TYR A 231 10.43 8.61 -23.77
CA TYR A 231 10.62 7.24 -23.34
C TYR A 231 10.47 7.15 -21.83
N GLY A 232 9.76 6.12 -21.34
CA GLY A 232 9.61 5.89 -19.91
C GLY A 232 8.56 4.84 -19.56
N ASN A 233 8.29 4.69 -18.26
CA ASN A 233 7.40 3.67 -17.76
C ASN A 233 6.30 4.28 -16.91
N CYS A 234 6.01 5.57 -17.13
CA CYS A 234 5.09 6.30 -16.29
C CYS A 234 3.68 5.73 -16.38
N SER A 235 3.30 5.21 -17.57
CA SER A 235 1.94 4.69 -17.75
C SER A 235 1.78 3.32 -17.12
N THR A 236 2.89 2.59 -16.89
CA THR A 236 2.80 1.21 -16.44
C THR A 236 3.22 1.11 -14.96
N LEU A 237 4.48 1.39 -14.67
CA LEU A 237 4.92 1.41 -13.28
C LEU A 237 4.22 2.54 -12.51
N GLN A 238 4.00 3.69 -13.17
CA GLN A 238 3.32 4.82 -12.55
C GLN A 238 4.15 5.29 -11.36
N PHE A 239 3.50 5.83 -10.32
CA PHE A 239 4.20 6.42 -9.18
C PHE A 239 3.51 6.06 -7.86
N CYS A 240 4.34 5.90 -6.82
CA CYS A 240 3.95 5.85 -5.42
C CYS A 240 3.27 4.53 -5.00
N ASP A 241 3.13 3.57 -5.93
CA ASP A 241 2.70 2.21 -5.65
C ASP A 241 1.30 2.12 -5.02
N VAL A 242 0.45 3.13 -5.28
CA VAL A 242 -0.91 3.14 -4.76
C VAL A 242 -1.88 2.66 -5.84
N GLY A 243 -1.45 2.70 -7.11
CA GLY A 243 -2.29 2.30 -8.24
C GLY A 243 -3.01 3.48 -8.88
N GLY A 244 -2.80 3.62 -10.19
CA GLY A 244 -3.54 4.56 -11.01
C GLY A 244 -2.99 5.98 -10.99
N VAL A 245 -1.77 6.16 -10.47
CA VAL A 245 -1.23 7.50 -10.26
C VAL A 245 -0.04 7.75 -11.20
N TRP A 246 -0.32 8.53 -12.25
CA TRP A 246 0.67 9.18 -13.06
C TRP A 246 0.06 10.45 -13.65
N PRO A 247 0.85 11.40 -14.20
CA PRO A 247 0.28 12.69 -14.61
C PRO A 247 -0.96 12.56 -15.48
N VAL A 248 -0.88 11.76 -16.54
CA VAL A 248 -1.99 11.64 -17.47
C VAL A 248 -3.23 11.07 -16.76
N ALA A 249 -3.05 10.05 -15.91
CA ALA A 249 -4.19 9.46 -15.19
C ALA A 249 -4.87 10.50 -14.30
N ILE A 250 -4.08 11.45 -13.76
CA ILE A 250 -4.61 12.48 -12.88
C ILE A 250 -5.29 13.60 -13.67
N GLY A 251 -4.99 13.70 -14.98
CA GLY A 251 -5.67 14.65 -15.85
C GLY A 251 -4.74 15.65 -16.54
N HIS A 252 -3.41 15.49 -16.37
CA HIS A 252 -2.47 16.45 -16.94
C HIS A 252 -1.57 15.79 -17.98
N PRO A 253 -1.28 16.46 -19.11
CA PRO A 253 -0.37 15.92 -20.12
C PRO A 253 1.03 15.63 -19.55
N CYS A 254 1.65 14.61 -20.12
CA CYS A 254 3.08 14.41 -19.99
C CYS A 254 3.76 15.66 -20.53
N TYR A 255 4.79 16.10 -19.79
CA TYR A 255 5.59 17.28 -20.11
C TYR A 255 6.89 16.89 -20.79
N GLY A 256 7.17 15.58 -20.83
CA GLY A 256 8.42 15.08 -21.39
C GLY A 256 9.63 15.22 -20.46
N CYS A 257 9.41 15.19 -19.13
CA CYS A 257 10.49 15.48 -18.18
C CYS A 257 11.63 14.46 -18.28
N ASN A 258 11.34 13.25 -18.76
CA ASN A 258 12.36 12.23 -18.94
C ASN A 258 13.35 12.59 -20.06
N GLU A 259 12.90 13.34 -21.06
CA GLU A 259 13.46 13.24 -22.40
C GLU A 259 14.12 14.57 -22.83
N GLU A 260 15.40 14.49 -23.15
CA GLU A 260 16.17 15.67 -23.53
C GLU A 260 15.55 16.29 -24.78
N GLY A 261 15.37 17.61 -24.74
CA GLY A 261 14.80 18.33 -25.86
C GLY A 261 13.29 18.43 -25.79
N ILE A 262 12.66 17.74 -24.81
CA ILE A 262 11.23 17.83 -24.66
C ILE A 262 10.96 18.60 -23.37
N GLY A 263 11.09 17.92 -22.22
CA GLY A 263 10.87 18.57 -20.93
C GLY A 263 11.80 19.78 -20.80
N PHE A 264 11.24 20.89 -20.32
CA PHE A 264 11.97 22.11 -20.01
C PHE A 264 12.37 22.88 -21.28
N HIS A 265 11.96 22.37 -22.45
CA HIS A 265 12.20 23.04 -23.72
C HIS A 265 10.86 23.38 -24.37
N LYS A 266 10.01 22.37 -24.58
CA LYS A 266 8.70 22.60 -25.16
C LYS A 266 7.72 23.12 -24.10
N GLY A 267 6.82 23.99 -24.52
CA GLY A 267 5.79 24.48 -23.62
C GLY A 267 4.82 23.36 -23.25
N ILE A 268 4.16 23.51 -22.10
CA ILE A 268 3.22 22.51 -21.62
C ILE A 268 2.19 22.20 -22.73
N HIS A 269 1.65 23.24 -23.35
CA HIS A 269 0.55 23.11 -24.28
C HIS A 269 1.02 22.99 -25.72
N GLN A 270 2.32 23.00 -25.96
CA GLN A 270 2.85 22.77 -27.31
C GLN A 270 2.61 21.31 -27.69
N LEU A 271 2.23 21.07 -28.97
CA LEU A 271 1.91 19.72 -29.41
C LEU A 271 3.18 18.94 -29.70
N ALA A 272 3.16 17.66 -29.37
CA ALA A 272 4.25 16.74 -29.70
C ALA A 272 4.19 16.31 -31.16
N ASN A 273 5.35 15.92 -31.69
CA ASN A 273 5.42 15.20 -32.95
C ASN A 273 5.09 13.73 -32.74
N VAL A 274 4.21 13.21 -33.59
CA VAL A 274 3.80 11.82 -33.52
C VAL A 274 4.44 11.06 -34.68
N GLU A 275 5.08 9.92 -34.35
CA GLU A 275 5.77 9.10 -35.35
C GLU A 275 4.79 8.38 -36.28
N SER B 2 40.72 35.01 18.87
CA SER B 2 39.54 34.21 18.46
C SER B 2 40.01 33.05 17.59
N GLN B 3 39.17 32.03 17.43
CA GLN B 3 39.42 30.94 16.51
C GLN B 3 38.35 30.96 15.42
N ARG B 4 38.74 30.51 14.22
CA ARG B 4 37.89 30.53 13.05
C ARG B 4 37.56 29.10 12.69
N ILE B 5 36.28 28.74 12.59
CA ILE B 5 35.89 27.42 12.12
C ILE B 5 34.99 27.51 10.89
N THR B 6 35.06 26.44 10.07
CA THR B 6 34.18 26.27 8.92
CA THR B 6 34.19 26.27 8.91
C THR B 6 33.45 24.94 9.04
N ILE B 7 32.14 24.97 8.78
CA ILE B 7 31.32 23.77 8.69
C ILE B 7 30.81 23.73 7.26
N ASP B 8 31.40 22.84 6.48
CA ASP B 8 31.20 22.80 5.05
C ASP B 8 31.55 21.40 4.55
N PRO B 9 30.56 20.55 4.18
CA PRO B 9 29.15 20.91 4.13
C PRO B 9 28.40 20.79 5.46
N VAL B 10 27.43 21.65 5.68
CA VAL B 10 26.40 21.35 6.68
C VAL B 10 25.50 20.27 6.06
N THR B 11 25.40 19.12 6.74
CA THR B 11 24.58 18.02 6.29
C THR B 11 23.20 18.07 6.97
N ARG B 12 22.32 17.15 6.57
CA ARG B 12 20.98 17.01 7.13
C ARG B 12 20.23 18.32 6.99
N ILE B 13 20.41 18.91 5.79
CA ILE B 13 19.61 20.01 5.28
C ILE B 13 19.30 19.65 3.83
N GLU B 14 18.54 20.50 3.16
CA GLU B 14 18.50 20.46 1.70
C GLU B 14 19.58 21.41 1.19
N GLY B 15 20.40 20.92 0.28
CA GLY B 15 21.27 21.78 -0.50
C GLY B 15 22.64 22.00 0.14
N HIS B 16 23.31 23.02 -0.38
CA HIS B 16 24.72 23.23 -0.15
C HIS B 16 24.90 24.46 0.73
N LEU B 17 25.35 24.21 1.97
CA LEU B 17 25.52 25.26 2.98
C LEU B 17 26.91 25.16 3.59
N ARG B 18 27.53 26.32 3.71
CA ARG B 18 28.72 26.54 4.50
C ARG B 18 28.38 27.51 5.62
N ILE B 19 28.79 27.16 6.84
CA ILE B 19 28.71 28.04 7.98
C ILE B 19 30.12 28.27 8.49
N ASP B 20 30.50 29.56 8.64
CA ASP B 20 31.72 29.93 9.32
C ASP B 20 31.38 30.61 10.64
N CYS B 21 32.24 30.36 11.64
CA CYS B 21 32.11 30.99 12.95
C CYS B 21 33.48 31.44 13.45
N GLU B 22 33.49 32.68 13.99
CA GLU B 22 34.51 33.14 14.92
C GLU B 22 34.11 32.71 16.34
N ILE B 23 35.05 32.07 17.03
CA ILE B 23 34.86 31.62 18.40
C ILE B 23 35.82 32.37 19.31
N GLU B 24 35.27 32.93 20.39
CA GLU B 24 36.06 33.60 21.43
C GLU B 24 35.87 32.85 22.74
N ASN B 25 36.93 32.20 23.24
CA ASN B 25 36.85 31.53 24.54
C ASN B 25 35.65 30.57 24.53
N GLY B 26 35.50 29.79 23.46
CA GLY B 26 34.49 28.74 23.37
C GLY B 26 33.04 29.23 23.24
N VAL B 27 32.86 30.46 22.76
CA VAL B 27 31.54 31.01 22.46
C VAL B 27 31.60 31.63 21.07
N VAL B 28 30.59 31.36 20.22
CA VAL B 28 30.55 31.97 18.90
C VAL B 28 30.32 33.47 19.06
N SER B 29 31.16 34.27 18.40
CA SER B 29 31.08 35.72 18.51
C SER B 29 30.51 36.32 17.23
N LYS B 30 30.72 35.61 16.12
CA LYS B 30 30.31 36.09 14.81
C LYS B 30 30.18 34.92 13.86
N ALA B 31 29.19 34.99 12.97
CA ALA B 31 28.95 33.91 12.02
C ALA B 31 28.67 34.43 10.62
N TRP B 32 28.97 33.56 9.64
CA TRP B 32 28.67 33.74 8.23
C TRP B 32 27.89 32.53 7.70
N ALA B 33 26.77 32.81 7.02
CA ALA B 33 26.03 31.79 6.29
C ALA B 33 26.25 31.97 4.80
N SER B 34 26.55 30.85 4.12
CA SER B 34 26.89 30.86 2.70
C SER B 34 26.18 29.74 1.95
N GLY B 35 25.30 30.13 1.02
CA GLY B 35 24.81 29.24 -0.02
C GLY B 35 25.84 29.10 -1.14
N THR B 36 26.33 27.89 -1.37
CA THR B 36 27.50 27.65 -2.21
C THR B 36 27.16 27.06 -3.58
N MET B 37 25.87 26.97 -3.94
CA MET B 37 25.47 26.48 -5.25
C MET B 37 24.38 27.37 -5.81
N TRP B 38 24.51 27.76 -7.08
CA TRP B 38 23.49 28.54 -7.79
C TRP B 38 23.20 27.84 -9.12
N ARG B 39 21.94 27.96 -9.55
CA ARG B 39 21.51 27.45 -10.85
C ARG B 39 21.02 28.57 -11.79
N GLY B 40 20.46 29.64 -11.24
CA GLY B 40 19.87 30.70 -12.05
C GLY B 40 18.49 30.32 -12.60
N MET B 41 17.64 29.78 -11.73
CA MET B 41 16.33 29.31 -12.10
C MET B 41 15.44 30.50 -12.51
N GLU B 42 15.64 31.66 -11.89
CA GLU B 42 14.92 32.87 -12.29
C GLU B 42 15.21 33.25 -13.75
N GLU B 43 16.46 33.08 -14.18
CA GLU B 43 16.86 33.40 -15.54
C GLU B 43 16.37 32.32 -16.51
N ILE B 44 16.45 31.04 -16.10
CA ILE B 44 16.01 29.94 -16.94
C ILE B 44 14.53 30.08 -17.34
N VAL B 45 13.68 30.58 -16.44
CA VAL B 45 12.24 30.64 -16.68
C VAL B 45 11.86 31.88 -17.48
N LYS B 46 12.75 32.87 -17.57
CA LYS B 46 12.43 34.10 -18.29
C LYS B 46 12.15 33.84 -19.77
N ASN B 47 11.33 34.71 -20.37
CA ASN B 47 11.07 34.71 -21.80
C ASN B 47 10.25 33.49 -22.24
N ARG B 48 9.44 32.97 -21.31
CA ARG B 48 8.55 31.85 -21.61
C ARG B 48 7.11 32.31 -21.43
N ASP B 49 6.18 31.50 -21.92
CA ASP B 49 4.76 31.70 -21.66
C ASP B 49 4.51 31.64 -20.15
N PRO B 50 3.75 32.58 -19.56
CA PRO B 50 3.49 32.53 -18.11
C PRO B 50 2.95 31.19 -17.59
N ARG B 51 2.22 30.47 -18.46
CA ARG B 51 1.63 29.19 -18.08
C ARG B 51 2.67 28.10 -17.85
N ASP B 52 3.86 28.25 -18.45
CA ASP B 52 4.91 27.24 -18.38
C ASP B 52 5.75 27.39 -17.12
N ALA B 53 5.68 28.53 -16.45
CA ALA B 53 6.61 28.80 -15.36
C ALA B 53 6.53 27.75 -14.26
N TRP B 54 5.31 27.35 -13.85
CA TRP B 54 5.17 26.55 -12.64
C TRP B 54 5.90 25.20 -12.74
N MET B 55 5.91 24.59 -13.93
CA MET B 55 6.53 23.28 -14.09
C MET B 55 8.04 23.40 -14.00
N ILE B 56 8.58 24.58 -14.37
CA ILE B 56 10.01 24.81 -14.34
C ILE B 56 10.46 25.22 -12.93
N VAL B 57 9.80 26.23 -12.36
CA VAL B 57 10.24 26.75 -11.07
C VAL B 57 9.87 25.78 -9.92
N GLN B 58 8.98 24.81 -10.15
CA GLN B 58 8.79 23.80 -9.11
C GLN B 58 10.13 23.17 -8.77
N ARG B 59 11.01 23.04 -9.79
CA ARG B 59 12.29 22.37 -9.64
C ARG B 59 13.30 23.23 -8.86
N ILE B 60 12.92 24.40 -8.34
CA ILE B 60 13.76 25.09 -7.40
C ILE B 60 14.08 24.14 -6.25
N CYS B 61 13.09 23.34 -5.82
CA CYS B 61 13.32 22.43 -4.69
C CYS B 61 12.42 21.21 -4.76
N GLY B 62 13.01 20.05 -4.44
CA GLY B 62 12.29 18.79 -4.40
C GLY B 62 11.98 18.33 -2.97
N VAL B 63 12.54 19.04 -1.97
CA VAL B 63 12.16 18.80 -0.59
C VAL B 63 10.83 19.52 -0.36
N CYS B 64 10.79 20.85 -0.57
CA CYS B 64 9.54 21.60 -0.56
C CYS B 64 8.96 21.60 -1.98
N THR B 65 8.82 20.38 -2.52
CA THR B 65 8.02 20.16 -3.71
C THR B 65 6.60 20.65 -3.44
N THR B 66 5.89 20.94 -4.52
CA THR B 66 4.57 21.57 -4.53
C THR B 66 4.64 23.09 -4.33
N THR B 67 5.53 23.60 -3.47
CA THR B 67 5.38 24.97 -2.99
C THR B 67 5.64 26.01 -4.09
N HIS B 68 6.69 25.84 -4.87
CA HIS B 68 7.02 26.77 -5.95
C HIS B 68 6.06 26.64 -7.12
N ALA B 69 5.55 25.43 -7.37
CA ALA B 69 4.49 25.23 -8.34
C ALA B 69 3.27 26.07 -7.99
N LEU B 70 2.80 25.98 -6.74
CA LEU B 70 1.62 26.70 -6.28
C LEU B 70 1.88 28.21 -6.29
N SER B 71 3.04 28.65 -5.78
CA SER B 71 3.36 30.06 -5.75
C SER B 71 3.40 30.62 -7.17
N SER B 72 3.94 29.86 -8.13
CA SER B 72 4.07 30.29 -9.51
C SER B 72 2.69 30.51 -10.17
N VAL B 73 1.80 29.51 -10.06
CA VAL B 73 0.47 29.70 -10.63
C VAL B 73 -0.23 30.84 -9.92
N ARG B 74 -0.04 30.99 -8.60
CA ARG B 74 -0.68 32.11 -7.90
C ARG B 74 -0.16 33.46 -8.42
N ALA B 75 1.13 33.53 -8.79
CA ALA B 75 1.72 34.75 -9.29
C ALA B 75 1.14 35.12 -10.65
N ALA B 76 1.03 34.12 -11.54
CA ALA B 76 0.44 34.31 -12.86
C ALA B 76 -1.01 34.74 -12.72
N GLU B 77 -1.74 34.09 -11.78
CA GLU B 77 -3.14 34.41 -11.56
C GLU B 77 -3.32 35.82 -11.01
N SER B 78 -2.35 36.24 -10.18
CA SER B 78 -2.32 37.60 -9.67
C SER B 78 -2.13 38.57 -10.84
N ALA B 79 -1.14 38.33 -11.71
CA ALA B 79 -0.88 39.21 -12.84
C ALA B 79 -2.11 39.35 -13.73
N LEU B 80 -2.79 38.22 -13.98
CA LEU B 80 -3.83 38.13 -14.98
C LEU B 80 -5.20 38.49 -14.42
N ASN B 81 -5.31 38.59 -13.09
CA ASN B 81 -6.56 38.86 -12.40
C ASN B 81 -7.54 37.70 -12.56
N ILE B 82 -7.08 36.48 -12.25
CA ILE B 82 -7.93 35.30 -12.31
C ILE B 82 -8.35 34.88 -10.90
N ASP B 83 -9.65 34.63 -10.77
CA ASP B 83 -10.27 34.09 -9.56
C ASP B 83 -10.35 32.56 -9.71
N VAL B 84 -9.61 31.85 -8.85
CA VAL B 84 -9.47 30.41 -8.94
C VAL B 84 -10.73 29.72 -8.43
N PRO B 85 -11.26 28.72 -9.15
CA PRO B 85 -12.43 27.97 -8.67
C PRO B 85 -12.15 27.32 -7.33
N VAL B 86 -13.19 27.29 -6.51
CA VAL B 86 -13.06 26.86 -5.13
C VAL B 86 -12.61 25.39 -5.07
N ASN B 87 -13.04 24.53 -6.01
CA ASN B 87 -12.60 23.14 -5.99
C ASN B 87 -11.08 23.04 -6.20
N ALA B 88 -10.55 23.93 -7.05
CA ALA B 88 -9.13 23.97 -7.31
C ALA B 88 -8.38 24.37 -6.05
N GLN B 89 -8.98 25.30 -5.28
CA GLN B 89 -8.42 25.69 -4.00
C GLN B 89 -8.40 24.52 -3.00
N TYR B 90 -9.51 23.77 -2.90
CA TYR B 90 -9.57 22.65 -1.96
C TYR B 90 -8.45 21.64 -2.27
N ILE B 91 -8.29 21.36 -3.56
CA ILE B 91 -7.30 20.38 -4.01
C ILE B 91 -5.88 20.92 -3.79
N ARG B 92 -5.60 22.16 -4.17
CA ARG B 92 -4.32 22.79 -3.87
C ARG B 92 -4.02 22.74 -2.36
N ASN B 93 -5.04 23.03 -1.54
CA ASN B 93 -4.90 23.10 -0.09
C ASN B 93 -4.57 21.71 0.47
N ILE B 94 -5.24 20.66 0.00
CA ILE B 94 -4.99 19.30 0.49
C ILE B 94 -3.56 18.91 0.15
N ILE B 95 -3.12 19.18 -1.08
CA ILE B 95 -1.76 18.88 -1.48
C ILE B 95 -0.76 19.60 -0.57
N LEU B 96 -0.91 20.91 -0.39
CA LEU B 96 0.03 21.67 0.43
C LEU B 96 0.08 21.16 1.87
N ALA B 97 -1.09 20.89 2.47
CA ALA B 97 -1.18 20.45 3.86
C ALA B 97 -0.53 19.08 4.02
N ALA B 98 -0.81 18.16 3.09
CA ALA B 98 -0.28 16.80 3.18
C ALA B 98 1.24 16.84 2.91
N HIS B 99 1.65 17.61 1.91
CA HIS B 99 3.07 17.79 1.65
C HIS B 99 3.78 18.26 2.92
N THR B 100 3.27 19.33 3.54
CA THR B 100 3.93 19.94 4.68
C THR B 100 4.00 18.94 5.83
N THR B 101 2.98 18.07 5.98
CA THR B 101 3.00 17.02 6.98
C THR B 101 4.24 16.12 6.80
N HIS B 102 4.41 15.62 5.58
CA HIS B 102 5.61 14.83 5.23
C HIS B 102 6.89 15.61 5.58
N ASP B 103 6.91 16.86 5.13
CA ASP B 103 8.09 17.70 5.18
C ASP B 103 8.52 17.87 6.65
N HIS B 104 7.60 18.32 7.51
CA HIS B 104 7.90 18.56 8.91
C HIS B 104 8.31 17.30 9.65
N ILE B 105 7.63 16.17 9.41
CA ILE B 105 7.98 14.91 10.05
C ILE B 105 9.43 14.55 9.70
N VAL B 106 9.77 14.64 8.41
CA VAL B 106 11.10 14.27 7.97
C VAL B 106 12.15 15.21 8.59
N HIS B 107 11.81 16.49 8.71
CA HIS B 107 12.73 17.45 9.32
C HIS B 107 13.04 17.09 10.77
N PHE B 108 12.00 16.85 11.58
CA PHE B 108 12.22 16.53 12.99
C PHE B 108 13.03 15.25 13.17
N TYR B 109 12.71 14.20 12.37
CA TYR B 109 13.35 12.91 12.54
C TYR B 109 14.60 12.77 11.69
N GLN B 110 14.44 12.67 10.37
CA GLN B 110 15.57 12.29 9.51
C GLN B 110 16.62 13.39 9.43
N LEU B 111 16.22 14.67 9.52
CA LEU B 111 17.18 15.76 9.39
C LEU B 111 17.70 16.22 10.75
N SER B 112 16.85 16.30 11.78
CA SER B 112 17.22 16.99 13.02
C SER B 112 17.59 16.06 14.18
N ALA B 113 16.96 14.87 14.29
CA ALA B 113 17.03 14.12 15.55
C ALA B 113 18.46 13.75 15.92
N LEU B 114 19.34 13.49 14.93
CA LEU B 114 20.68 13.02 15.24
C LEU B 114 21.61 14.14 15.74
N ASP B 115 21.06 15.34 15.90
CA ASP B 115 21.72 16.43 16.64
C ASP B 115 21.54 16.26 18.16
N TRP B 116 20.48 15.56 18.55
CA TRP B 116 20.00 15.52 19.92
C TRP B 116 20.05 14.11 20.49
N VAL B 117 20.26 13.11 19.62
CA VAL B 117 20.01 11.72 19.91
C VAL B 117 21.29 10.99 19.63
N ASP B 118 21.67 10.09 20.54
CA ASP B 118 22.94 9.38 20.45
C ASP B 118 22.67 7.89 20.26
N ILE B 119 22.94 7.33 19.08
CA ILE B 119 22.52 5.96 18.79
C ILE B 119 23.33 4.97 19.61
N THR B 120 24.59 5.29 19.92
CA THR B 120 25.46 4.46 20.74
C THR B 120 24.86 4.28 22.13
N SER B 121 24.43 5.40 22.72
CA SER B 121 23.80 5.38 24.02
C SER B 121 22.55 4.51 23.99
N ALA B 122 21.81 4.52 22.86
CA ALA B 122 20.58 3.74 22.74
C ALA B 122 20.84 2.25 22.93
N LEU B 123 22.04 1.78 22.61
CA LEU B 123 22.41 0.37 22.76
C LEU B 123 22.45 -0.05 24.22
N GLN B 124 22.59 0.92 25.14
CA GLN B 124 22.71 0.65 26.56
C GLN B 124 21.33 0.69 27.20
N ALA B 125 20.27 1.02 26.44
CA ALA B 125 18.97 1.23 27.05
C ALA B 125 18.35 -0.10 27.51
N ASP B 126 17.53 -0.01 28.55
CA ASP B 126 16.62 -1.06 28.94
C ASP B 126 15.29 -0.78 28.24
N PRO B 127 14.86 -1.60 27.26
CA PRO B 127 13.63 -1.32 26.54
C PRO B 127 12.38 -1.19 27.40
N THR B 128 12.31 -1.96 28.49
CA THR B 128 11.15 -1.91 29.35
C THR B 128 11.08 -0.57 30.08
N LYS B 129 12.22 -0.11 30.60
CA LYS B 129 12.30 1.19 31.24
C LYS B 129 11.89 2.28 30.26
N ALA B 130 12.39 2.19 29.01
CA ALA B 130 12.06 3.16 27.97
C ALA B 130 10.55 3.27 27.78
N SER B 131 9.90 2.10 27.62
CA SER B 131 8.45 2.05 27.46
C SER B 131 7.75 2.67 28.67
N GLU B 132 8.25 2.36 29.87
CA GLU B 132 7.64 2.83 31.11
C GLU B 132 7.65 4.35 31.20
N MET B 133 8.71 4.99 30.70
CA MET B 133 8.88 6.43 30.73
C MET B 133 7.75 7.15 30.00
N LEU B 134 7.07 6.48 29.06
CA LEU B 134 6.06 7.17 28.28
C LEU B 134 4.65 6.91 28.79
N LYS B 135 4.48 6.17 29.90
CA LYS B 135 3.17 5.98 30.49
C LYS B 135 2.59 7.32 30.93
N GLY B 136 1.34 7.59 30.54
CA GLY B 136 0.69 8.87 30.84
C GLY B 136 1.26 10.07 30.10
N VAL B 137 2.16 9.82 29.14
CA VAL B 137 2.72 10.86 28.29
C VAL B 137 2.18 10.72 26.86
N SER B 138 1.99 9.46 26.42
CA SER B 138 1.48 9.14 25.10
C SER B 138 0.56 7.93 25.16
N THR B 139 -0.42 7.90 24.26
CA THR B 139 -1.26 6.75 24.03
C THR B 139 -0.85 5.98 22.75
N TRP B 140 0.32 6.30 22.16
CA TRP B 140 0.78 5.64 20.95
C TRP B 140 0.89 4.13 21.15
N HIS B 141 0.50 3.38 20.12
CA HIS B 141 0.36 1.93 20.20
C HIS B 141 1.67 1.21 19.87
N LEU B 142 2.73 1.93 19.49
CA LEU B 142 3.99 1.29 19.13
C LEU B 142 5.15 1.78 19.99
N ASN B 143 4.90 1.87 21.31
CA ASN B 143 5.92 2.17 22.29
C ASN B 143 6.22 1.00 23.23
N SER B 144 5.93 -0.25 22.81
CA SER B 144 6.12 -1.41 23.68
C SER B 144 7.60 -1.69 23.86
N PRO B 145 7.98 -2.36 24.97
CA PRO B 145 9.35 -2.85 25.12
C PRO B 145 9.78 -3.72 23.95
N GLU B 146 8.82 -4.47 23.39
CA GLU B 146 9.09 -5.38 22.29
C GLU B 146 9.44 -4.61 21.01
N GLU B 147 8.69 -3.54 20.73
CA GLU B 147 9.04 -2.64 19.62
C GLU B 147 10.46 -2.11 19.82
N PHE B 148 10.73 -1.60 21.02
CA PHE B 148 12.00 -0.95 21.33
C PHE B 148 13.15 -1.95 21.24
N THR B 149 12.90 -3.20 21.62
CA THR B 149 13.91 -4.24 21.54
C THR B 149 14.24 -4.54 20.07
N LYS B 150 13.20 -4.66 19.21
CA LYS B 150 13.40 -4.88 17.79
C LYS B 150 14.29 -3.76 17.22
N VAL B 151 13.96 -2.51 17.57
CA VAL B 151 14.72 -1.36 17.08
C VAL B 151 16.14 -1.44 17.62
N GLN B 152 16.29 -1.72 18.92
CA GLN B 152 17.62 -1.79 19.50
C GLN B 152 18.46 -2.84 18.79
N ASN B 153 17.85 -3.98 18.44
CA ASN B 153 18.56 -5.05 17.74
C ASN B 153 19.00 -4.63 16.34
N LYS B 154 18.19 -3.81 15.66
CA LYS B 154 18.60 -3.30 14.35
C LYS B 154 19.85 -2.44 14.48
N ILE B 155 19.89 -1.58 15.51
CA ILE B 155 21.06 -0.74 15.72
C ILE B 155 22.26 -1.62 16.06
N LYS B 156 22.07 -2.56 16.98
CA LYS B 156 23.13 -3.50 17.36
C LYS B 156 23.73 -4.19 16.13
N ASP B 157 22.86 -4.68 15.23
CA ASP B 157 23.32 -5.40 14.04
C ASP B 157 24.10 -4.46 13.12
N LEU B 158 23.62 -3.22 12.98
CA LEU B 158 24.28 -2.25 12.14
C LEU B 158 25.68 -1.96 12.68
N VAL B 159 25.80 -1.73 13.99
CA VAL B 159 27.09 -1.39 14.58
C VAL B 159 28.03 -2.59 14.44
N ALA B 160 27.51 -3.78 14.74
CA ALA B 160 28.31 -5.00 14.68
C ALA B 160 28.82 -5.24 13.27
N SER B 161 28.10 -4.80 12.24
CA SER B 161 28.49 -5.04 10.87
C SER B 161 29.76 -4.27 10.50
N GLY B 162 30.10 -3.26 11.30
CA GLY B 162 31.23 -2.39 10.98
C GLY B 162 30.94 -1.43 9.83
N GLN B 163 29.70 -1.43 9.32
CA GLN B 163 29.30 -0.52 8.25
C GLN B 163 28.20 0.43 8.76
N LEU B 164 28.62 1.54 9.38
CA LEU B 164 27.70 2.47 10.02
C LEU B 164 26.99 3.33 8.98
N GLY B 165 27.61 3.53 7.81
CA GLY B 165 26.99 4.31 6.74
C GLY B 165 26.64 5.73 7.19
N ILE B 166 25.34 6.06 7.12
CA ILE B 166 24.85 7.39 7.45
C ILE B 166 25.09 7.71 8.93
N PHE B 167 25.32 6.69 9.75
CA PHE B 167 25.54 6.87 11.18
C PHE B 167 27.02 6.97 11.53
N ALA B 168 27.92 6.78 10.56
CA ALA B 168 29.35 6.76 10.83
C ALA B 168 29.85 8.14 11.25
N ASN B 169 30.70 8.16 12.28
CA ASN B 169 31.42 9.35 12.69
C ASN B 169 30.45 10.42 13.17
N GLY B 170 29.30 10.00 13.72
CA GLY B 170 28.38 10.92 14.34
C GLY B 170 28.91 11.40 15.69
N TYR B 171 28.11 12.22 16.40
CA TYR B 171 28.59 12.94 17.59
C TYR B 171 28.22 12.15 18.85
N TRP B 172 28.50 10.83 18.79
CA TRP B 172 28.18 9.92 19.87
C TRP B 172 29.14 10.22 21.04
N GLY B 173 28.61 10.38 22.25
CA GLY B 173 29.42 10.71 23.42
C GLY B 173 29.77 12.20 23.56
N HIS B 174 29.34 13.04 22.61
CA HIS B 174 29.60 14.47 22.70
C HIS B 174 29.01 15.00 24.01
N PRO B 175 29.69 15.93 24.71
CA PRO B 175 29.16 16.48 25.95
C PRO B 175 27.81 17.18 25.83
N ALA B 176 27.39 17.58 24.61
CA ALA B 176 26.11 18.25 24.45
C ALA B 176 24.95 17.26 24.32
N MET B 177 25.26 15.97 24.20
CA MET B 177 24.26 14.91 24.15
C MET B 177 23.79 14.59 25.57
N LYS B 178 22.52 14.88 25.87
CA LYS B 178 22.03 14.85 27.24
C LYS B 178 20.94 13.80 27.46
N LEU B 179 20.51 13.05 26.43
CA LEU B 179 19.38 12.15 26.65
C LEU B 179 19.90 10.91 27.37
N PRO B 180 19.11 10.33 28.28
CA PRO B 180 19.44 9.01 28.84
C PRO B 180 19.33 7.94 27.75
N PRO B 181 20.03 6.79 27.87
CA PRO B 181 19.93 5.71 26.89
C PRO B 181 18.49 5.42 26.43
N GLU B 182 17.56 5.36 27.38
CA GLU B 182 16.18 5.01 27.12
C GLU B 182 15.53 6.00 26.14
N VAL B 183 15.79 7.31 26.28
CA VAL B 183 15.11 8.29 25.45
C VAL B 183 15.77 8.29 24.07
N ASN B 184 17.06 7.98 24.00
CA ASN B 184 17.75 7.79 22.74
C ASN B 184 17.10 6.65 21.95
N LEU B 185 16.79 5.53 22.64
CA LEU B 185 16.19 4.39 21.97
C LEU B 185 14.77 4.74 21.49
N ILE B 186 13.98 5.42 22.34
CA ILE B 186 12.65 5.91 21.99
C ILE B 186 12.71 6.71 20.68
N ALA B 187 13.67 7.64 20.61
CA ALA B 187 13.78 8.52 19.45
C ALA B 187 14.12 7.73 18.18
N VAL B 188 15.02 6.75 18.27
CA VAL B 188 15.40 5.98 17.10
C VAL B 188 14.20 5.17 16.63
N ALA B 189 13.43 4.60 17.57
CA ALA B 189 12.23 3.87 17.20
C ALA B 189 11.30 4.79 16.42
N HIS B 190 11.09 6.01 16.97
CA HIS B 190 10.20 6.99 16.36
C HIS B 190 10.74 7.47 15.01
N TYR B 191 12.06 7.57 14.86
CA TYR B 191 12.69 7.91 13.59
C TYR B 191 12.26 6.93 12.50
N LEU B 192 12.26 5.63 12.81
CA LEU B 192 11.90 4.61 11.83
C LEU B 192 10.39 4.61 11.59
N GLN B 193 9.58 4.75 12.64
CA GLN B 193 8.13 4.81 12.49
C GLN B 193 7.70 6.03 11.67
N ALA B 194 8.43 7.14 11.81
CA ALA B 194 8.14 8.37 11.09
C ALA B 194 8.09 8.15 9.57
N LEU B 195 8.93 7.25 9.08
CA LEU B 195 9.07 7.05 7.65
C LEU B 195 7.79 6.50 7.05
N GLU B 196 7.00 5.77 7.85
CA GLU B 196 5.74 5.24 7.33
C GLU B 196 4.71 6.37 7.29
N CYS B 197 4.69 7.21 8.32
CA CYS B 197 3.71 8.29 8.36
C CYS B 197 3.91 9.28 7.21
N GLN B 198 5.17 9.68 6.97
CA GLN B 198 5.48 10.63 5.90
C GLN B 198 5.14 9.98 4.54
N ARG B 199 5.32 8.66 4.40
CA ARG B 199 4.93 7.97 3.17
C ARG B 199 3.42 8.08 2.94
N ASP B 200 2.60 7.88 3.98
CA ASP B 200 1.16 8.04 3.88
C ASP B 200 0.77 9.49 3.51
N ALA B 201 1.43 10.50 4.08
CA ALA B 201 1.16 11.88 3.73
C ALA B 201 1.35 12.10 2.24
N ASN B 202 2.42 11.54 1.68
CA ASN B 202 2.72 11.76 0.28
C ASN B 202 1.84 10.90 -0.63
N ARG B 203 1.19 9.85 -0.11
CA ARG B 203 0.21 9.13 -0.90
C ARG B 203 -1.00 10.05 -1.15
N VAL B 204 -1.34 10.90 -0.17
CA VAL B 204 -2.37 11.90 -0.35
C VAL B 204 -1.95 12.83 -1.48
N VAL B 205 -0.72 13.33 -1.40
CA VAL B 205 -0.21 14.27 -2.39
C VAL B 205 -0.25 13.63 -3.77
N ALA B 206 0.23 12.39 -3.87
CA ALA B 206 0.31 11.71 -5.16
C ALA B 206 -1.07 11.56 -5.81
N LEU B 207 -2.10 11.21 -5.04
CA LEU B 207 -3.40 10.90 -5.64
C LEU B 207 -4.05 12.16 -6.22
N LEU B 208 -3.67 13.35 -5.73
CA LEU B 208 -4.17 14.60 -6.35
C LEU B 208 -3.15 15.23 -7.33
N GLY B 209 -1.86 15.04 -7.07
CA GLY B 209 -0.82 15.68 -7.85
C GLY B 209 -0.41 14.90 -9.10
N GLY B 210 -0.64 13.58 -9.11
CA GLY B 210 -0.24 12.71 -10.22
C GLY B 210 1.08 12.02 -9.98
N LYS B 211 1.74 12.41 -8.88
CA LYS B 211 3.02 11.88 -8.42
C LYS B 211 3.55 12.85 -7.37
N THR B 212 4.56 12.40 -6.61
CA THR B 212 5.43 13.25 -5.81
C THR B 212 6.72 12.46 -5.61
N PRO B 213 7.92 13.10 -5.63
CA PRO B 213 8.09 14.54 -5.84
C PRO B 213 7.65 15.11 -7.18
N HIS B 214 7.34 16.41 -7.16
CA HIS B 214 7.02 17.27 -8.30
C HIS B 214 5.64 16.91 -8.85
N ILE B 215 4.63 17.55 -8.28
CA ILE B 215 3.25 17.35 -8.69
C ILE B 215 3.05 17.88 -10.10
N GLN B 216 1.96 17.45 -10.72
CA GLN B 216 1.71 17.76 -12.11
C GLN B 216 0.21 17.91 -12.35
N ASN B 217 -0.48 18.60 -11.45
CA ASN B 217 -1.92 18.75 -11.55
C ASN B 217 -2.34 20.21 -11.50
N LEU B 218 -1.38 21.15 -11.55
CA LEU B 218 -1.74 22.56 -11.49
C LEU B 218 -1.95 23.14 -12.89
N ALA B 219 -2.51 24.36 -12.89
CA ALA B 219 -2.57 25.19 -14.06
C ALA B 219 -2.77 26.62 -13.62
N VAL B 220 -2.26 27.57 -14.41
CA VAL B 220 -2.71 28.95 -14.32
C VAL B 220 -4.18 28.94 -14.69
N GLY B 221 -5.04 29.15 -13.68
CA GLY B 221 -6.48 29.02 -13.87
C GLY B 221 -7.13 27.98 -12.97
N GLY B 222 -6.37 27.06 -12.35
CA GLY B 222 -6.92 26.11 -11.40
C GLY B 222 -6.10 24.82 -11.31
N VAL B 223 -6.74 23.69 -11.60
CA VAL B 223 -6.10 22.39 -11.54
C VAL B 223 -6.54 21.54 -12.74
N ALA B 224 -5.75 20.48 -13.01
CA ALA B 224 -5.97 19.56 -14.11
C ALA B 224 -6.77 18.33 -13.69
N ASN B 225 -7.16 18.25 -12.42
CA ASN B 225 -7.94 17.12 -11.94
C ASN B 225 -9.35 17.22 -12.50
N PRO B 226 -9.88 16.17 -13.17
CA PRO B 226 -11.26 16.20 -13.70
C PRO B 226 -12.22 15.60 -12.68
N ILE B 227 -13.03 16.45 -12.04
CA ILE B 227 -14.01 15.99 -11.06
C ILE B 227 -15.22 15.42 -11.77
N ASN B 228 -15.49 14.13 -11.55
CA ASN B 228 -16.69 13.50 -12.08
C ASN B 228 -16.95 12.22 -11.29
N LEU B 229 -17.86 12.27 -10.33
CA LEU B 229 -18.17 11.11 -9.50
C LEU B 229 -18.57 9.89 -10.32
N ASP B 230 -19.11 10.08 -11.53
CA ASP B 230 -19.60 8.97 -12.35
C ASP B 230 -18.66 8.63 -13.50
N GLY B 231 -17.45 9.21 -13.51
CA GLY B 231 -16.51 9.05 -14.60
C GLY B 231 -15.51 7.94 -14.34
N LEU B 232 -15.18 7.18 -15.38
CA LEU B 232 -14.09 6.23 -15.34
C LEU B 232 -12.77 6.92 -15.68
N GLY B 233 -11.72 6.62 -14.92
CA GLY B 233 -10.39 7.15 -15.20
C GLY B 233 -10.17 8.60 -14.74
N VAL B 234 -11.10 9.16 -13.96
CA VAL B 234 -11.01 10.53 -13.49
C VAL B 234 -11.19 10.61 -11.97
N LEU B 235 -11.35 11.83 -11.43
CA LEU B 235 -11.45 12.00 -9.99
C LEU B 235 -12.90 11.76 -9.57
N ASN B 236 -13.16 10.51 -9.19
CA ASN B 236 -14.51 10.05 -8.84
C ASN B 236 -14.57 9.76 -7.34
N LEU B 237 -15.68 9.17 -6.86
CA LEU B 237 -15.82 8.97 -5.43
C LEU B 237 -14.85 7.90 -4.94
N GLU B 238 -14.53 6.91 -5.76
CA GLU B 238 -13.61 5.87 -5.37
C GLU B 238 -12.22 6.47 -5.10
N ARG B 239 -11.76 7.33 -6.00
CA ARG B 239 -10.47 7.99 -5.84
C ARG B 239 -10.48 8.88 -4.59
N LEU B 240 -11.57 9.59 -4.36
CA LEU B 240 -11.67 10.47 -3.20
C LEU B 240 -11.63 9.64 -1.90
N MET B 241 -12.30 8.48 -1.91
CA MET B 241 -12.29 7.60 -0.76
C MET B 241 -10.86 7.12 -0.48
N TYR B 242 -10.09 6.88 -1.54
CA TYR B 242 -8.72 6.43 -1.40
C TYR B 242 -7.88 7.53 -0.74
N ILE B 243 -8.00 8.76 -1.23
CA ILE B 243 -7.35 9.91 -0.61
C ILE B 243 -7.69 9.96 0.87
N LYS B 244 -8.99 9.87 1.20
CA LYS B 244 -9.41 9.94 2.59
C LYS B 244 -8.75 8.85 3.44
N SER B 245 -8.57 7.65 2.90
CA SER B 245 -7.99 6.57 3.68
C SER B 245 -6.57 6.93 4.16
N PHE B 246 -5.82 7.69 3.36
CA PHE B 246 -4.47 8.11 3.73
C PHE B 246 -4.51 9.32 4.67
N ILE B 247 -5.39 10.28 4.41
CA ILE B 247 -5.57 11.42 5.31
C ILE B 247 -5.78 10.92 6.75
N ASP B 248 -6.63 9.91 6.91
CA ASP B 248 -6.99 9.42 8.24
C ASP B 248 -5.83 8.72 8.93
N LYS B 249 -4.80 8.29 8.19
CA LYS B 249 -3.70 7.56 8.79
C LYS B 249 -2.61 8.46 9.38
N LEU B 250 -2.72 9.77 9.24
CA LEU B 250 -1.63 10.66 9.65
C LEU B 250 -1.72 11.06 11.12
N SER B 251 -2.94 11.29 11.61
CA SER B 251 -3.16 12.00 12.87
C SER B 251 -2.46 11.35 14.06
N ASP B 252 -2.61 10.03 14.22
CA ASP B 252 -2.15 9.39 15.43
C ASP B 252 -0.63 9.57 15.62
N PHE B 253 0.18 9.34 14.59
CA PHE B 253 1.62 9.53 14.72
C PHE B 253 1.93 10.99 15.04
N VAL B 254 1.27 11.91 14.34
CA VAL B 254 1.55 13.32 14.53
C VAL B 254 1.28 13.70 15.98
N GLU B 255 0.12 13.30 16.49
CA GLU B 255 -0.37 13.71 17.80
C GLU B 255 0.30 12.94 18.94
N GLN B 256 0.59 11.65 18.73
CA GLN B 256 0.99 10.77 19.84
C GLN B 256 2.47 10.50 19.83
N VAL B 257 3.18 10.89 18.75
CA VAL B 257 4.61 10.63 18.65
C VAL B 257 5.37 11.94 18.41
N TYR B 258 5.17 12.56 17.26
CA TYR B 258 5.89 13.79 16.89
C TYR B 258 5.65 14.88 17.95
N LYS B 259 4.38 15.17 18.26
CA LYS B 259 4.07 16.19 19.25
C LYS B 259 4.70 15.85 20.60
N VAL B 260 4.65 14.57 21.01
CA VAL B 260 5.16 14.15 22.31
C VAL B 260 6.68 14.25 22.34
N ASP B 261 7.34 13.77 21.28
CA ASP B 261 8.80 13.82 21.21
C ASP B 261 9.30 15.27 21.26
N THR B 262 8.51 16.20 20.70
CA THR B 262 8.88 17.61 20.71
C THR B 262 9.02 18.07 22.16
N ALA B 263 8.02 17.74 22.99
CA ALA B 263 8.05 18.08 24.41
C ALA B 263 9.18 17.37 25.14
N VAL B 264 9.45 16.12 24.78
CA VAL B 264 10.49 15.32 25.43
C VAL B 264 11.86 15.94 25.17
N ILE B 265 12.15 16.31 23.90
CA ILE B 265 13.44 16.89 23.59
C ILE B 265 13.59 18.20 24.38
N ALA B 266 12.52 19.01 24.42
CA ALA B 266 12.59 20.28 25.14
C ALA B 266 12.90 20.03 26.62
N ALA B 267 12.28 18.99 27.18
CA ALA B 267 12.39 18.67 28.60
C ALA B 267 13.84 18.35 28.98
N PHE B 268 14.59 17.73 28.06
CA PHE B 268 15.96 17.31 28.35
C PHE B 268 16.98 18.37 27.92
N TYR B 269 16.55 19.41 27.21
CA TYR B 269 17.47 20.37 26.65
C TYR B 269 17.00 21.81 26.94
N PRO B 270 16.63 22.13 28.20
CA PRO B 270 15.99 23.42 28.49
C PRO B 270 16.86 24.65 28.20
N GLU B 271 18.19 24.50 28.17
CA GLU B 271 19.06 25.61 27.81
C GLU B 271 18.80 26.08 26.37
N TRP B 272 18.25 25.17 25.54
CA TRP B 272 18.03 25.51 24.14
C TRP B 272 16.75 26.31 23.95
N LEU B 273 16.10 26.67 25.07
CA LEU B 273 15.03 27.66 25.06
C LEU B 273 15.60 29.06 25.29
N THR B 274 16.91 29.17 25.49
CA THR B 274 17.50 30.44 25.90
C THR B 274 18.58 30.88 24.91
N ARG B 275 18.68 30.20 23.77
CA ARG B 275 19.59 30.63 22.72
C ARG B 275 18.95 30.35 21.35
N GLY B 276 19.60 30.86 20.30
CA GLY B 276 19.13 30.62 18.95
C GLY B 276 18.08 31.63 18.48
N LYS B 277 17.98 32.79 19.13
CA LYS B 277 17.10 33.84 18.67
C LYS B 277 17.72 34.50 17.44
N GLY B 278 16.95 34.54 16.35
CA GLY B 278 17.46 34.98 15.07
C GLY B 278 17.05 36.42 14.71
N ALA B 279 15.90 36.84 15.22
CA ALA B 279 15.34 38.13 14.86
C ALA B 279 14.36 38.59 15.93
N VAL B 280 13.95 39.86 15.82
CA VAL B 280 12.90 40.41 16.65
C VAL B 280 11.67 40.71 15.80
N ASN B 281 11.76 40.55 14.48
CA ASN B 281 10.61 40.76 13.61
C ASN B 281 10.28 39.45 12.91
N TYR B 282 8.98 39.22 12.68
CA TYR B 282 8.47 37.96 12.13
C TYR B 282 7.37 38.24 11.13
N LEU B 283 7.35 37.46 10.04
CA LEU B 283 6.36 37.56 8.98
C LEU B 283 5.82 36.19 8.61
N SER B 284 4.51 36.13 8.37
CA SER B 284 3.87 34.98 7.77
C SER B 284 2.71 35.51 6.92
N VAL B 285 2.32 34.75 5.88
CA VAL B 285 1.16 35.07 5.09
C VAL B 285 0.03 34.11 5.44
N PRO B 286 -1.23 34.57 5.31
CA PRO B 286 -2.38 33.69 5.51
C PRO B 286 -2.34 32.61 4.44
N GLU B 287 -2.94 31.46 4.71
CA GLU B 287 -2.83 30.32 3.82
C GLU B 287 -4.09 29.46 3.89
N PHE B 288 -4.27 28.66 2.83
CA PHE B 288 -5.42 27.79 2.62
C PHE B 288 -6.68 28.61 2.33
N PRO B 289 -6.76 29.27 1.15
CA PRO B 289 -7.96 30.01 0.79
C PRO B 289 -9.12 29.06 0.49
N THR B 290 -10.33 29.50 0.84
CA THR B 290 -11.52 28.65 0.77
C THR B 290 -12.71 29.34 0.08
N ASP B 291 -12.51 30.52 -0.53
CA ASP B 291 -13.58 31.15 -1.27
C ASP B 291 -13.25 31.09 -2.75
N SER B 292 -14.09 31.74 -3.57
CA SER B 292 -13.99 31.73 -5.02
C SER B 292 -13.22 32.95 -5.53
N LYS B 293 -12.57 33.69 -4.63
CA LYS B 293 -11.87 34.92 -4.96
C LYS B 293 -10.49 34.97 -4.31
N ASN B 294 -9.85 33.81 -4.16
CA ASN B 294 -8.45 33.69 -3.75
C ASN B 294 -8.25 34.17 -2.31
N GLY B 295 -9.31 34.08 -1.47
CA GLY B 295 -9.28 34.58 -0.10
C GLY B 295 -9.96 33.64 0.88
N SER B 296 -10.33 34.19 2.05
CA SER B 296 -10.97 33.46 3.15
C SER B 296 -10.07 32.33 3.61
N PHE B 297 -8.90 32.72 4.13
CA PHE B 297 -7.87 31.76 4.49
C PHE B 297 -8.20 31.05 5.80
N LEU B 298 -7.88 29.76 5.91
CA LEU B 298 -8.04 29.03 7.17
C LEU B 298 -6.98 29.41 8.19
N PHE B 299 -5.75 29.73 7.76
CA PHE B 299 -4.69 30.13 8.67
C PHE B 299 -4.43 31.62 8.48
N PRO B 300 -4.29 32.42 9.58
CA PRO B 300 -3.97 33.84 9.46
C PRO B 300 -2.47 34.13 9.29
N GLY B 301 -2.20 35.33 8.76
CA GLY B 301 -0.85 35.84 8.61
C GLY B 301 -0.74 37.21 9.26
N GLY B 302 0.48 37.74 9.27
CA GLY B 302 0.71 39.00 9.96
C GLY B 302 2.19 39.34 10.04
N TYR B 303 2.45 40.51 10.61
CA TYR B 303 3.79 41.04 10.83
C TYR B 303 3.93 41.46 12.29
N ILE B 304 4.95 40.89 12.94
CA ILE B 304 5.30 41.20 14.31
C ILE B 304 6.61 41.98 14.30
N GLU B 305 6.60 43.11 15.02
CA GLU B 305 7.77 43.96 15.12
C GLU B 305 8.26 44.01 16.58
N ASN B 306 9.57 43.87 16.74
CA ASN B 306 10.20 43.90 18.04
C ASN B 306 9.52 42.96 19.02
N ALA B 307 9.15 41.76 18.55
CA ALA B 307 8.66 40.68 19.39
C ALA B 307 7.39 41.06 20.15
N ASP B 308 6.66 42.08 19.68
CA ASP B 308 5.46 42.55 20.35
C ASP B 308 4.20 41.99 19.70
N LEU B 309 3.69 40.88 20.24
CA LEU B 309 2.52 40.24 19.66
C LEU B 309 1.30 41.15 19.79
N SER B 310 1.25 41.95 20.87
CA SER B 310 0.06 42.71 21.20
C SER B 310 -0.21 43.77 20.14
N SER B 311 0.83 44.21 19.42
CA SER B 311 0.65 45.28 18.43
C SER B 311 0.96 44.80 17.00
N TYR B 312 0.84 43.51 16.74
CA TYR B 312 1.15 42.98 15.41
C TYR B 312 0.15 43.52 14.40
N ARG B 313 0.53 43.45 13.13
CA ARG B 313 -0.31 43.87 12.03
C ARG B 313 -0.85 42.65 11.31
N PRO B 314 -2.18 42.41 11.33
CA PRO B 314 -2.77 41.31 10.56
C PRO B 314 -2.60 41.48 9.06
N ILE B 315 -2.41 40.35 8.36
CA ILE B 315 -2.45 40.27 6.92
C ILE B 315 -3.49 39.20 6.56
N THR B 316 -4.52 39.60 5.81
CA THR B 316 -5.65 38.72 5.54
C THR B 316 -5.82 38.52 4.03
N SER B 317 -4.96 39.15 3.22
CA SER B 317 -5.08 39.11 1.78
C SER B 317 -3.71 38.96 1.14
N HIS B 318 -3.65 38.18 0.05
CA HIS B 318 -2.44 38.03 -0.76
C HIS B 318 -2.25 39.24 -1.68
N SER B 319 -3.21 40.18 -1.69
CA SER B 319 -3.11 41.43 -2.44
C SER B 319 -2.78 42.64 -1.54
N ASP B 320 -2.46 42.38 -0.26
CA ASP B 320 -2.14 43.41 0.72
C ASP B 320 -1.00 44.31 0.23
N GLU B 321 -1.27 45.61 0.00
CA GLU B 321 -0.28 46.52 -0.56
C GLU B 321 0.86 46.79 0.41
N TYR B 322 0.55 46.80 1.71
CA TYR B 322 1.54 46.99 2.76
C TYR B 322 2.60 45.88 2.69
N LEU B 323 2.14 44.63 2.51
CA LEU B 323 3.03 43.49 2.43
C LEU B 323 3.86 43.61 1.17
N ILE B 324 3.19 43.85 0.05
CA ILE B 324 3.83 43.87 -1.26
C ILE B 324 4.94 44.93 -1.33
N LYS B 325 4.64 46.12 -0.81
CA LYS B 325 5.54 47.26 -0.99
C LYS B 325 6.72 47.18 -0.04
N GLY B 326 6.63 46.38 1.03
CA GLY B 326 7.70 46.33 2.02
C GLY B 326 8.90 45.50 1.57
N ILE B 327 8.70 44.62 0.58
CA ILE B 327 9.67 43.55 0.36
C ILE B 327 10.74 44.02 -0.62
N GLN B 328 12.01 43.88 -0.22
CA GLN B 328 13.14 44.14 -1.09
C GLN B 328 14.24 43.12 -0.81
N GLU B 329 15.20 43.03 -1.72
CA GLU B 329 16.39 42.20 -1.55
C GLU B 329 17.63 42.98 -1.99
N SER B 330 18.74 42.75 -1.26
CA SER B 330 20.02 43.37 -1.56
C SER B 330 21.04 42.28 -1.84
N ALA B 331 22.03 42.64 -2.66
CA ALA B 331 23.14 41.73 -2.94
C ALA B 331 24.48 42.35 -2.58
N LYS B 332 24.49 43.28 -1.62
CA LYS B 332 25.74 43.88 -1.18
C LYS B 332 26.77 42.81 -0.77
N HIS B 333 26.37 41.83 0.05
CA HIS B 333 27.28 40.76 0.49
C HIS B 333 27.00 39.41 -0.20
N SER B 334 26.33 39.46 -1.35
CA SER B 334 26.01 38.31 -2.19
C SER B 334 26.80 38.38 -3.49
N TRP B 335 26.94 37.23 -4.19
CA TRP B 335 27.67 37.19 -5.45
C TRP B 335 26.82 37.60 -6.65
N TYR B 336 26.17 38.77 -6.54
CA TYR B 336 25.50 39.40 -7.67
C TYR B 336 26.01 40.84 -7.82
N LYS B 337 25.77 41.41 -9.01
CA LYS B 337 26.32 42.69 -9.40
C LYS B 337 25.59 43.86 -8.75
N ASP B 338 24.25 43.90 -8.84
CA ASP B 338 23.49 45.04 -8.37
C ASP B 338 23.25 44.91 -6.86
N GLU B 339 23.70 45.91 -6.07
CA GLU B 339 23.75 45.73 -4.62
C GLU B 339 22.66 46.48 -3.87
N ALA B 340 22.12 47.56 -4.45
CA ALA B 340 21.12 48.37 -3.76
C ALA B 340 19.85 47.54 -3.56
N PRO B 341 19.07 47.76 -2.49
CA PRO B 341 17.84 47.02 -2.29
C PRO B 341 16.92 47.17 -3.49
N GLN B 342 16.39 46.03 -3.97
CA GLN B 342 15.49 45.94 -5.12
C GLN B 342 14.15 45.35 -4.70
N ALA B 343 13.06 46.05 -5.06
CA ALA B 343 11.74 45.44 -5.09
C ALA B 343 11.74 44.34 -6.15
N PRO B 344 11.19 43.15 -5.88
CA PRO B 344 11.37 42.00 -6.79
C PRO B 344 10.81 42.18 -8.19
N TRP B 345 9.76 43.00 -8.38
CA TRP B 345 9.30 43.27 -9.74
C TRP B 345 10.40 44.00 -10.53
N GLU B 346 11.32 44.69 -9.83
CA GLU B 346 12.43 45.37 -10.49
C GLU B 346 13.76 44.66 -10.22
N GLY B 347 13.69 43.40 -9.80
CA GLY B 347 14.89 42.67 -9.38
C GLY B 347 15.76 42.26 -10.56
N THR B 348 17.06 42.13 -10.30
CA THR B 348 17.98 41.51 -11.21
C THR B 348 18.70 40.38 -10.48
N THR B 349 19.28 39.47 -11.24
CA THR B 349 20.07 38.39 -10.68
C THR B 349 21.29 38.19 -11.56
N ILE B 350 22.26 39.11 -11.43
CA ILE B 350 23.41 39.10 -12.34
C ILE B 350 24.60 38.54 -11.58
N PRO B 351 25.08 37.32 -11.91
CA PRO B 351 26.13 36.68 -11.13
C PRO B 351 27.40 37.54 -11.18
N ALA B 352 28.11 37.60 -10.05
CA ALA B 352 29.32 38.38 -9.91
C ALA B 352 30.19 37.75 -8.83
N TYR B 353 30.56 36.49 -9.06
CA TYR B 353 31.35 35.72 -8.13
C TYR B 353 32.78 36.24 -8.08
N ASP B 354 33.28 36.53 -6.87
CA ASP B 354 34.63 37.03 -6.70
C ASP B 354 35.32 36.33 -5.53
N GLY B 355 34.85 35.11 -5.22
CA GLY B 355 35.33 34.36 -4.06
C GLY B 355 34.87 34.94 -2.73
N TRP B 356 35.29 34.25 -1.67
CA TRP B 356 34.84 34.54 -0.32
C TRP B 356 35.62 35.71 0.29
N SER B 357 34.89 36.57 1.00
CA SER B 357 35.46 37.67 1.75
C SER B 357 34.59 37.93 2.97
N ASP B 358 35.20 37.94 4.16
CA ASP B 358 34.45 38.15 5.39
C ASP B 358 33.68 39.45 5.37
N ASP B 359 34.22 40.49 4.72
CA ASP B 359 33.62 41.80 4.76
C ASP B 359 32.97 42.15 3.42
N GLY B 360 33.18 41.31 2.39
CA GLY B 360 32.60 41.55 1.08
C GLY B 360 31.47 40.56 0.77
N LYS B 361 31.61 39.90 -0.38
CA LYS B 361 30.58 38.97 -0.84
C LYS B 361 30.96 37.56 -0.40
N TYR B 362 29.99 36.82 0.16
CA TYR B 362 30.30 35.48 0.66
C TYR B 362 29.14 34.48 0.51
N SER B 363 28.16 34.76 -0.36
CA SER B 363 27.00 33.87 -0.47
C SER B 363 26.27 34.07 -1.81
N TRP B 364 25.66 32.99 -2.32
CA TRP B 364 24.72 33.07 -3.43
C TRP B 364 23.31 33.45 -2.96
N VAL B 365 23.10 33.53 -1.65
CA VAL B 365 21.82 33.95 -1.11
C VAL B 365 21.76 35.48 -1.07
N LYS B 366 20.62 36.07 -1.52
CA LYS B 366 20.36 37.50 -1.40
C LYS B 366 19.91 37.83 0.03
N SER B 367 19.83 39.12 0.34
CA SER B 367 19.47 39.62 1.66
C SER B 367 18.12 40.33 1.63
N PRO B 368 17.00 39.65 2.00
CA PRO B 368 15.69 40.30 2.01
C PRO B 368 15.48 41.16 3.25
N THR B 369 14.73 42.25 3.08
CA THR B 369 14.27 43.08 4.17
C THR B 369 12.80 43.38 3.95
N PHE B 370 12.14 43.72 5.06
CA PHE B 370 10.77 44.21 5.07
C PHE B 370 10.79 45.63 5.61
N TYR B 371 10.48 46.63 4.76
CA TYR B 371 10.69 48.05 5.09
C TYR B 371 12.03 48.26 5.77
N GLY B 372 13.09 47.67 5.20
CA GLY B 372 14.46 47.86 5.65
C GLY B 372 14.87 47.03 6.87
N LYS B 373 14.01 46.16 7.40
CA LYS B 373 14.36 45.36 8.55
C LYS B 373 14.59 43.89 8.19
N THR B 374 15.46 43.26 8.99
CA THR B 374 15.66 41.82 8.92
CA THR B 374 15.67 41.83 8.94
C THR B 374 14.47 41.13 9.60
N VAL B 375 14.05 39.99 9.04
CA VAL B 375 12.85 39.30 9.48
C VAL B 375 13.09 37.79 9.44
N GLU B 376 12.59 37.09 10.46
CA GLU B 376 12.56 35.64 10.45
C GLU B 376 11.19 35.21 9.93
N VAL B 377 11.22 34.21 9.04
CA VAL B 377 10.04 33.58 8.52
C VAL B 377 10.06 32.10 8.93
N GLY B 378 8.92 31.45 8.72
CA GLY B 378 8.83 30.03 9.00
C GLY B 378 8.00 29.75 10.22
N PRO B 379 8.00 28.48 10.69
CA PRO B 379 7.10 28.03 11.74
C PRO B 379 7.08 28.81 13.04
N LEU B 380 8.22 29.38 13.45
CA LEU B 380 8.24 30.25 14.64
C LEU B 380 7.41 31.51 14.36
N ALA B 381 7.69 32.15 13.22
CA ALA B 381 6.94 33.32 12.80
C ALA B 381 5.45 32.97 12.71
N ASN B 382 5.18 31.81 12.10
CA ASN B 382 3.79 31.43 11.81
CA ASN B 382 3.84 31.35 11.82
C ASN B 382 3.05 31.16 13.12
N MET B 383 3.71 30.53 14.10
CA MET B 383 3.07 30.25 15.37
C MET B 383 2.83 31.56 16.13
N LEU B 384 3.86 32.41 16.17
CA LEU B 384 3.77 33.65 16.93
C LEU B 384 2.64 34.53 16.38
N VAL B 385 2.51 34.60 15.05
CA VAL B 385 1.46 35.37 14.42
C VAL B 385 0.10 34.80 14.81
N LYS B 386 -0.02 33.46 14.80
CA LYS B 386 -1.29 32.83 15.18
C LYS B 386 -1.63 33.15 16.64
N LEU B 387 -0.64 33.08 17.53
CA LEU B 387 -0.84 33.46 18.92
C LEU B 387 -1.24 34.94 19.01
N ALA B 388 -0.61 35.83 18.24
CA ALA B 388 -0.98 37.25 18.25
C ALA B 388 -2.41 37.45 17.76
N ALA B 389 -2.85 36.63 16.81
CA ALA B 389 -4.20 36.69 16.29
C ALA B 389 -5.22 36.13 17.29
N GLY B 390 -4.75 35.54 18.38
CA GLY B 390 -5.64 34.86 19.33
C GLY B 390 -6.33 33.61 18.75
N ARG B 391 -5.67 32.93 17.82
CA ARG B 391 -6.20 31.70 17.24
C ARG B 391 -6.21 30.60 18.30
N GLU B 392 -7.42 30.17 18.68
CA GLU B 392 -7.56 29.24 19.80
C GLU B 392 -6.92 27.88 19.49
N SER B 393 -7.06 27.41 18.25
N SER B 393 -7.05 27.41 18.24
CA SER B 393 -6.47 26.14 17.87
CA SER B 393 -6.47 26.12 17.89
C SER B 393 -4.95 26.13 18.12
C SER B 393 -4.95 26.12 18.12
N THR B 394 -4.27 27.24 17.80
CA THR B 394 -2.84 27.33 18.00
C THR B 394 -2.48 27.39 19.49
N GLN B 395 -3.21 28.21 20.27
CA GLN B 395 -2.95 28.28 21.71
C GLN B 395 -3.17 26.91 22.36
N ASN B 396 -4.25 26.21 21.97
CA ASN B 396 -4.56 24.90 22.53
C ASN B 396 -3.46 23.89 22.22
N LYS B 397 -2.95 23.91 20.99
CA LYS B 397 -1.95 22.93 20.57
C LYS B 397 -0.61 23.17 21.26
N LEU B 398 -0.22 24.43 21.36
CA LEU B 398 0.96 24.79 22.15
C LEU B 398 0.78 24.35 23.61
N ASN B 399 -0.41 24.59 24.18
CA ASN B 399 -0.69 24.23 25.58
C ASN B 399 -0.52 22.72 25.80
N GLU B 400 -0.85 21.89 24.78
CA GLU B 400 -0.70 20.44 24.91
C GLU B 400 0.78 20.07 25.01
N ILE B 401 1.61 20.71 24.18
CA ILE B 401 3.04 20.47 24.22
C ILE B 401 3.58 20.91 25.58
N VAL B 402 3.10 22.05 26.05
CA VAL B 402 3.60 22.59 27.31
C VAL B 402 3.18 21.68 28.48
N ALA B 403 1.97 21.13 28.41
CA ALA B 403 1.47 20.23 29.45
C ALA B 403 2.35 19.00 29.57
N ILE B 404 2.82 18.47 28.45
CA ILE B 404 3.70 17.31 28.47
C ILE B 404 5.03 17.73 29.08
N TYR B 405 5.62 18.83 28.57
CA TYR B 405 6.85 19.39 29.11
C TYR B 405 6.74 19.59 30.62
N GLN B 406 5.60 20.10 31.08
CA GLN B 406 5.39 20.35 32.50
C GLN B 406 5.35 19.03 33.27
N LYS B 407 4.67 18.03 32.71
CA LYS B 407 4.62 16.73 33.34
C LYS B 407 6.04 16.19 33.52
N LEU B 408 6.94 16.44 32.56
CA LEU B 408 8.27 15.87 32.60
C LEU B 408 9.25 16.70 33.45
N THR B 409 9.05 18.01 33.58
CA THR B 409 10.04 18.88 34.20
C THR B 409 9.50 19.59 35.44
N GLY B 410 8.18 19.65 35.58
CA GLY B 410 7.54 20.49 36.57
C GLY B 410 7.52 21.97 36.22
N ASN B 411 8.00 22.36 35.01
CA ASN B 411 8.07 23.76 34.62
C ASN B 411 7.09 24.03 33.47
N THR B 412 6.71 25.30 33.31
CA THR B 412 5.93 25.72 32.17
C THR B 412 6.85 26.42 31.17
N LEU B 413 6.29 26.83 30.02
CA LEU B 413 6.97 27.65 29.02
C LEU B 413 6.19 28.93 28.84
N GLU B 414 6.89 30.08 28.80
CA GLU B 414 6.30 31.35 28.43
C GLU B 414 6.67 31.69 26.98
N VAL B 415 5.90 32.61 26.36
CA VAL B 415 6.13 33.03 24.99
C VAL B 415 7.56 33.55 24.82
N ALA B 416 8.13 34.19 25.84
CA ALA B 416 9.46 34.73 25.72
C ALA B 416 10.47 33.63 25.39
N GLN B 417 10.23 32.41 25.90
CA GLN B 417 11.12 31.28 25.70
C GLN B 417 10.97 30.64 24.31
N LEU B 418 9.96 31.05 23.53
CA LEU B 418 9.77 30.51 22.19
C LEU B 418 10.69 31.19 21.18
N HIS B 419 11.28 32.33 21.56
CA HIS B 419 12.21 33.02 20.66
C HIS B 419 13.58 32.37 20.80
N SER B 420 13.68 31.13 20.28
CA SER B 420 14.77 30.23 20.59
C SER B 420 14.83 29.07 19.60
N THR B 421 15.93 28.34 19.62
CA THR B 421 16.07 27.11 18.86
C THR B 421 14.91 26.14 19.13
N LEU B 422 14.57 25.91 20.39
CA LEU B 422 13.49 24.97 20.73
C LEU B 422 12.12 25.56 20.40
N GLY B 423 11.94 26.88 20.57
CA GLY B 423 10.69 27.54 20.21
C GLY B 423 10.36 27.35 18.73
N ARG B 424 11.41 27.41 17.92
CA ARG B 424 11.31 27.27 16.48
C ARG B 424 10.87 25.85 16.15
N ILE B 425 11.51 24.87 16.78
CA ILE B 425 11.12 23.47 16.62
C ILE B 425 9.66 23.28 17.06
N ILE B 426 9.28 23.90 18.16
CA ILE B 426 7.91 23.79 18.66
C ILE B 426 6.91 24.37 17.67
N GLY B 427 7.23 25.53 17.07
CA GLY B 427 6.35 26.15 16.09
C GLY B 427 6.06 25.21 14.92
N ARG B 428 7.07 24.46 14.50
CA ARG B 428 6.95 23.52 13.39
C ARG B 428 6.02 22.37 13.76
N THR B 429 6.19 21.88 14.99
CA THR B 429 5.38 20.79 15.47
C THR B 429 3.91 21.20 15.55
N VAL B 430 3.67 22.40 16.13
CA VAL B 430 2.32 22.94 16.22
C VAL B 430 1.70 23.01 14.81
N HIS B 431 2.49 23.48 13.84
CA HIS B 431 2.02 23.57 12.47
C HIS B 431 1.58 22.20 11.97
N CYS B 432 2.47 21.22 12.07
CA CYS B 432 2.14 19.87 11.63
C CYS B 432 0.84 19.38 12.26
N CYS B 433 0.63 19.66 13.54
CA CYS B 433 -0.56 19.21 14.24
C CYS B 433 -1.80 19.90 13.68
N GLU B 434 -1.74 21.23 13.50
CA GLU B 434 -2.91 21.95 13.04
C GLU B 434 -3.26 21.58 11.59
N LEU B 435 -2.25 21.20 10.79
CA LEU B 435 -2.48 20.84 9.40
C LEU B 435 -3.37 19.62 9.25
N GLN B 436 -3.45 18.73 10.25
CA GLN B 436 -4.30 17.56 10.15
C GLN B 436 -5.76 18.01 10.11
N ASP B 437 -6.11 19.07 10.86
CA ASP B 437 -7.45 19.62 10.83
C ASP B 437 -7.71 20.31 9.49
N ILE B 438 -6.69 20.97 8.91
CA ILE B 438 -6.82 21.54 7.58
C ILE B 438 -7.24 20.45 6.59
N LEU B 439 -6.54 19.31 6.62
CA LEU B 439 -6.83 18.22 5.71
C LEU B 439 -8.27 17.71 5.87
N GLN B 440 -8.72 17.47 7.11
CA GLN B 440 -10.07 16.96 7.32
C GLN B 440 -11.09 17.98 6.80
N ASN B 441 -10.83 19.25 7.11
CA ASN B 441 -11.71 20.36 6.78
C ASN B 441 -11.89 20.47 5.27
N GLN B 442 -10.78 20.42 4.53
CA GLN B 442 -10.77 20.63 3.10
C GLN B 442 -11.26 19.39 2.35
N TYR B 443 -10.98 18.18 2.84
CA TYR B 443 -11.59 16.99 2.25
C TYR B 443 -13.12 17.09 2.34
N SER B 444 -13.65 17.45 3.52
CA SER B 444 -15.07 17.57 3.73
CA SER B 444 -15.07 17.59 3.75
C SER B 444 -15.66 18.67 2.84
N ALA B 445 -14.98 19.81 2.75
CA ALA B 445 -15.42 20.92 1.91
C ALA B 445 -15.57 20.47 0.45
N LEU B 446 -14.58 19.72 -0.04
CA LEU B 446 -14.58 19.23 -1.41
C LEU B 446 -15.76 18.27 -1.65
N ILE B 447 -15.96 17.27 -0.78
CA ILE B 447 -17.04 16.31 -0.90
C ILE B 447 -18.39 17.05 -0.91
N THR B 448 -18.57 17.98 0.03
CA THR B 448 -19.77 18.80 0.12
C THR B 448 -20.00 19.61 -1.16
N ASN B 449 -18.95 20.25 -1.66
CA ASN B 449 -19.09 21.14 -2.80
C ASN B 449 -19.45 20.33 -4.06
N ILE B 450 -18.79 19.18 -4.22
CA ILE B 450 -19.11 18.32 -5.34
C ILE B 450 -20.58 17.89 -5.25
N GLY B 451 -21.05 17.59 -4.04
CA GLY B 451 -22.43 17.18 -3.79
C GLY B 451 -23.46 18.23 -4.19
N LYS B 452 -23.10 19.51 -4.14
CA LYS B 452 -23.99 20.58 -4.59
C LYS B 452 -23.97 20.78 -6.10
N GLY B 453 -23.19 20.00 -6.84
CA GLY B 453 -23.23 20.06 -8.28
C GLY B 453 -22.07 20.85 -8.90
N ASP B 454 -21.13 21.33 -8.07
CA ASP B 454 -20.03 22.11 -8.59
C ASP B 454 -18.86 21.17 -8.91
N HIS B 455 -18.60 20.95 -10.19
CA HIS B 455 -17.47 20.14 -10.60
C HIS B 455 -16.41 20.98 -11.31
N THR B 456 -16.49 22.32 -11.21
CA THR B 456 -15.59 23.19 -11.94
C THR B 456 -14.21 23.21 -11.26
N THR B 457 -13.16 23.22 -12.09
CA THR B 457 -11.78 23.08 -11.62
C THR B 457 -10.80 24.04 -12.30
N PHE B 458 -11.20 24.64 -13.43
CA PHE B 458 -10.28 25.38 -14.26
C PHE B 458 -10.98 26.53 -14.98
N VAL B 459 -10.36 27.71 -14.94
CA VAL B 459 -10.73 28.87 -15.73
C VAL B 459 -9.61 29.15 -16.71
N LYS B 460 -9.89 28.98 -18.01
CA LYS B 460 -8.88 29.20 -19.03
C LYS B 460 -8.44 30.66 -19.05
N PRO B 461 -7.13 30.94 -18.93
CA PRO B 461 -6.65 32.32 -19.00
C PRO B 461 -6.62 32.88 -20.42
N ASN B 462 -6.77 34.21 -20.50
CA ASN B 462 -6.31 34.96 -21.66
C ASN B 462 -5.11 35.81 -21.22
N ILE B 463 -4.13 35.92 -22.10
CA ILE B 463 -2.88 36.61 -21.82
C ILE B 463 -2.68 37.66 -22.92
N PRO B 464 -2.92 38.96 -22.64
CA PRO B 464 -2.77 39.98 -23.67
C PRO B 464 -1.39 39.92 -24.28
N ALA B 465 -1.35 40.12 -25.61
CA ALA B 465 -0.15 39.96 -26.42
C ALA B 465 0.70 41.22 -26.41
N THR B 466 0.17 42.29 -25.83
CA THR B 466 0.89 43.54 -25.66
C THR B 466 0.60 44.03 -24.24
N GLY B 467 1.30 45.08 -23.82
CA GLY B 467 1.17 45.58 -22.47
C GLY B 467 2.19 44.91 -21.55
N GLU B 468 2.44 45.56 -20.41
CA GLU B 468 3.32 45.05 -19.38
C GLU B 468 2.55 45.01 -18.08
N PHE B 469 2.50 43.85 -17.41
CA PHE B 469 1.75 43.75 -16.18
C PHE B 469 2.39 42.73 -15.23
N LYS B 470 2.05 42.82 -13.96
CA LYS B 470 2.87 42.26 -12.90
C LYS B 470 1.96 41.58 -11.89
N GLY B 471 2.47 40.51 -11.28
CA GLY B 471 1.69 39.76 -10.32
C GLY B 471 2.62 39.17 -9.26
N VAL B 472 2.05 38.86 -8.09
CA VAL B 472 2.80 38.21 -7.04
C VAL B 472 1.96 37.10 -6.41
N GLY B 473 2.61 35.94 -6.22
CA GLY B 473 1.98 34.76 -5.62
C GLY B 473 2.64 34.47 -4.27
N PHE B 474 1.86 34.63 -3.19
CA PHE B 474 2.32 34.34 -1.85
C PHE B 474 1.86 32.94 -1.42
N LEU B 475 2.65 32.32 -0.56
CA LEU B 475 2.35 30.99 -0.06
C LEU B 475 3.07 30.80 1.26
N GLU B 476 2.38 30.29 2.29
CA GLU B 476 3.02 29.97 3.55
C GLU B 476 3.54 28.54 3.49
N ALA B 477 4.82 28.43 3.15
CA ALA B 477 5.51 27.18 2.88
C ALA B 477 5.98 26.58 4.18
N PRO B 478 6.45 25.31 4.18
CA PRO B 478 6.96 24.68 5.39
C PRO B 478 8.04 25.48 6.13
N ARG B 479 8.88 26.21 5.38
CA ARG B 479 9.97 26.98 5.98
C ARG B 479 9.67 28.48 6.03
N GLY B 480 8.47 28.88 5.58
CA GLY B 480 7.93 30.22 5.81
C GLY B 480 7.38 30.88 4.55
N MET B 481 7.17 32.21 4.62
CA MET B 481 6.55 32.96 3.55
C MET B 481 7.39 32.88 2.28
N LEU B 482 6.75 32.40 1.21
CA LEU B 482 7.29 32.32 -0.14
C LEU B 482 6.57 33.33 -1.02
N SER B 483 7.31 34.00 -1.91
CA SER B 483 6.70 34.85 -2.90
C SER B 483 7.41 34.72 -4.25
N HIS B 484 6.60 34.53 -5.30
CA HIS B 484 7.02 34.55 -6.68
C HIS B 484 6.50 35.84 -7.31
N TRP B 485 7.38 36.53 -8.04
CA TRP B 485 7.07 37.83 -8.61
C TRP B 485 7.29 37.78 -10.12
N MET B 486 6.20 37.92 -10.89
CA MET B 486 6.24 37.75 -12.32
C MET B 486 5.88 39.08 -12.99
N VAL B 487 6.72 39.51 -13.94
CA VAL B 487 6.36 40.58 -14.86
C VAL B 487 6.16 39.98 -16.24
N ILE B 488 5.03 40.32 -16.86
CA ILE B 488 4.70 39.86 -18.19
C ILE B 488 4.81 41.05 -19.14
N LYS B 489 5.52 40.87 -20.25
CA LYS B 489 5.53 41.90 -21.29
C LYS B 489 5.43 41.24 -22.67
N ASP B 490 4.50 41.76 -23.49
CA ASP B 490 4.19 41.19 -24.80
C ASP B 490 3.93 39.68 -24.73
N GLY B 491 3.23 39.26 -23.67
CA GLY B 491 2.76 37.89 -23.57
C GLY B 491 3.74 36.89 -22.97
N ILE B 492 4.98 37.30 -22.67
CA ILE B 492 5.97 36.38 -22.12
C ILE B 492 6.56 36.97 -20.83
N ILE B 493 7.20 36.13 -20.05
CA ILE B 493 7.81 36.54 -18.78
C ILE B 493 9.02 37.42 -19.06
N SER B 494 8.96 38.69 -18.64
CA SER B 494 10.09 39.60 -18.82
C SER B 494 10.93 39.68 -17.55
N ASN B 495 10.33 39.38 -16.39
CA ASN B 495 11.10 39.27 -15.17
C ASN B 495 10.42 38.24 -14.27
N TYR B 496 11.25 37.45 -13.59
CA TYR B 496 10.80 36.48 -12.62
C TYR B 496 11.75 36.50 -11.44
N GLN B 497 11.21 36.77 -10.26
CA GLN B 497 12.00 36.81 -9.04
C GLN B 497 11.27 35.99 -7.98
N ALA B 498 11.99 35.01 -7.42
CA ALA B 498 11.53 34.26 -6.25
C ALA B 498 12.26 34.78 -5.03
N VAL B 499 11.47 35.09 -3.99
CA VAL B 499 11.96 35.45 -2.66
C VAL B 499 11.48 34.33 -1.72
N VAL B 500 12.42 33.50 -1.29
CA VAL B 500 12.06 32.20 -0.74
C VAL B 500 12.30 32.22 0.77
N PRO B 501 11.53 31.48 1.62
CA PRO B 501 11.71 31.61 3.06
C PRO B 501 13.15 31.46 3.55
N SER B 502 13.87 30.45 3.05
CA SER B 502 15.26 30.29 3.43
C SER B 502 16.13 31.44 2.96
N THR B 503 15.69 32.19 1.93
CA THR B 503 16.37 33.43 1.55
C THR B 503 16.32 34.41 2.73
N TRP B 504 15.13 34.64 3.29
CA TRP B 504 14.99 35.51 4.45
C TRP B 504 15.92 35.09 5.57
N ASN B 505 15.94 33.79 5.91
CA ASN B 505 16.56 33.34 7.14
C ASN B 505 18.07 33.21 6.96
N SER B 506 18.51 32.71 5.79
CA SER B 506 19.89 32.34 5.56
C SER B 506 20.69 33.46 4.87
N GLY B 507 19.99 34.51 4.45
CA GLY B 507 20.63 35.59 3.71
C GLY B 507 21.81 36.18 4.47
N PRO B 508 22.87 36.66 3.78
CA PRO B 508 24.06 37.21 4.43
C PRO B 508 23.78 38.65 4.88
N ARG B 509 24.80 39.31 5.40
CA ARG B 509 24.64 40.69 5.84
C ARG B 509 24.09 41.55 4.71
N ASN B 510 23.19 42.47 5.07
CA ASN B 510 22.39 43.17 4.09
C ASN B 510 23.07 44.49 3.68
N PHE B 511 22.32 45.38 3.03
CA PHE B 511 22.88 46.62 2.50
C PHE B 511 23.45 47.50 3.61
N ASN B 512 22.83 47.44 4.81
CA ASN B 512 23.28 48.20 5.96
C ASN B 512 24.13 47.35 6.90
N ASP B 513 24.61 46.20 6.39
CA ASP B 513 25.48 45.27 7.10
C ASP B 513 24.77 44.65 8.29
N ASP B 514 23.44 44.67 8.32
CA ASP B 514 22.69 44.03 9.38
C ASP B 514 22.68 42.52 9.15
N VAL B 515 22.58 41.79 10.25
CA VAL B 515 22.82 40.37 10.28
C VAL B 515 21.46 39.68 10.19
N GLY B 516 21.36 38.69 9.31
CA GLY B 516 20.14 37.93 9.13
C GLY B 516 19.93 36.86 10.20
N PRO B 517 18.75 36.20 10.25
CA PRO B 517 18.45 35.24 11.30
C PRO B 517 19.46 34.12 11.57
N TYR B 518 19.94 33.37 10.56
CA TYR B 518 20.89 32.32 10.87
C TYR B 518 22.10 32.92 11.57
N GLU B 519 22.66 34.00 10.99
CA GLU B 519 23.91 34.57 11.49
C GLU B 519 23.74 35.13 12.90
N GLN B 520 22.61 35.77 13.16
CA GLN B 520 22.33 36.35 14.47
C GLN B 520 22.10 35.25 15.51
N SER B 521 21.40 34.19 15.10
CA SER B 521 20.99 33.12 16.01
C SER B 521 22.21 32.40 16.61
N LEU B 522 23.35 32.43 15.92
CA LEU B 522 24.52 31.71 16.36
C LEU B 522 25.36 32.50 17.37
N VAL B 523 25.21 33.84 17.44
CA VAL B 523 25.97 34.62 18.41
C VAL B 523 25.63 34.10 19.81
N GLY B 524 26.67 33.75 20.59
CA GLY B 524 26.43 33.28 21.94
C GLY B 524 26.38 31.76 22.06
N THR B 525 26.50 31.04 20.94
CA THR B 525 26.42 29.60 20.99
C THR B 525 27.67 29.07 21.67
N PRO B 526 27.56 28.30 22.78
CA PRO B 526 28.72 27.64 23.36
C PRO B 526 29.14 26.48 22.46
N VAL B 527 30.45 26.29 22.30
CA VAL B 527 30.99 25.22 21.48
C VAL B 527 32.02 24.47 22.33
N ALA B 528 31.65 23.28 22.81
CA ALA B 528 32.51 22.53 23.69
C ALA B 528 33.78 22.11 22.98
N ASP B 529 33.63 21.71 21.72
CA ASP B 529 34.72 21.18 20.92
C ASP B 529 34.67 21.85 19.55
N PRO B 530 35.55 22.84 19.26
CA PRO B 530 35.45 23.57 18.00
C PRO B 530 35.71 22.69 16.77
N ASN B 531 36.27 21.50 16.95
CA ASN B 531 36.47 20.57 15.86
C ASN B 531 35.15 19.88 15.50
N LYS B 532 34.20 19.88 16.44
CA LYS B 532 32.95 19.16 16.32
C LYS B 532 31.82 20.04 16.81
N PRO B 533 31.52 21.15 16.10
CA PRO B 533 30.59 22.17 16.57
C PRO B 533 29.11 21.79 16.40
N LEU B 534 28.73 20.70 17.11
CA LEU B 534 27.37 20.22 17.15
C LEU B 534 26.37 21.31 17.56
N GLU B 535 26.74 22.17 18.52
CA GLU B 535 25.86 23.21 19.04
C GLU B 535 25.43 24.17 17.95
N VAL B 536 26.34 24.48 17.01
CA VAL B 536 26.06 25.39 15.92
C VAL B 536 25.01 24.80 14.98
N VAL B 537 25.23 23.53 14.64
CA VAL B 537 24.39 22.81 13.70
C VAL B 537 22.99 22.64 14.30
N ARG B 538 22.91 22.51 15.63
CA ARG B 538 21.62 22.37 16.30
C ARG B 538 20.75 23.58 16.02
N THR B 539 21.35 24.78 16.15
CA THR B 539 20.59 26.00 15.96
C THR B 539 20.25 26.18 14.47
N ILE B 540 21.23 25.96 13.58
CA ILE B 540 21.00 26.12 12.16
C ILE B 540 19.90 25.15 11.70
N HIS B 541 19.98 23.88 12.10
CA HIS B 541 18.97 22.89 11.72
C HIS B 541 17.59 23.30 12.17
N SER B 542 17.45 24.09 13.26
CA SER B 542 16.13 24.46 13.76
C SER B 542 15.37 25.31 12.75
N PHE B 543 16.11 25.99 11.85
CA PHE B 543 15.52 26.80 10.80
C PHE B 543 15.12 25.95 9.58
N ASP B 544 15.48 24.65 9.55
CA ASP B 544 15.15 23.76 8.45
C ASP B 544 15.71 24.32 7.14
N PRO B 545 17.04 24.55 7.03
CA PRO B 545 17.60 25.19 5.85
C PRO B 545 17.32 24.42 4.57
N CYS B 546 16.97 25.17 3.54
CA CYS B 546 16.83 24.62 2.20
C CYS B 546 17.55 25.59 1.24
N MET B 547 18.73 25.19 0.77
CA MET B 547 19.61 26.13 0.07
C MET B 547 19.34 26.16 -1.43
N ALA B 548 18.77 25.07 -1.99
CA ALA B 548 18.25 25.13 -3.33
C ALA B 548 17.15 26.17 -3.38
N CYS B 549 16.30 26.18 -2.36
CA CYS B 549 15.33 27.25 -2.13
C CYS B 549 15.95 28.63 -1.96
N ALA B 550 16.94 28.73 -1.06
CA ALA B 550 17.48 30.03 -0.67
C ALA B 550 18.05 30.75 -1.88
N VAL B 551 18.69 29.99 -2.76
CA VAL B 551 19.49 30.54 -3.86
C VAL B 551 18.81 30.46 -5.22
N HIS B 552 18.23 29.31 -5.54
N HIS B 552 18.24 29.29 -5.54
CA HIS B 552 17.58 29.06 -6.82
CA HIS B 552 17.61 29.05 -6.83
C HIS B 552 18.52 29.48 -7.98
C HIS B 552 18.52 29.51 -8.00
N GLN C 9 -25.03 6.40 14.54
CA GLN C 9 -25.71 5.24 13.90
C GLN C 9 -25.20 5.08 12.46
N ARG C 10 -24.93 3.85 12.05
CA ARG C 10 -24.38 3.59 10.74
C ARG C 10 -25.44 2.95 9.86
N PRO C 11 -25.41 3.20 8.54
CA PRO C 11 -26.42 2.66 7.63
C PRO C 11 -26.39 1.13 7.61
N PRO C 12 -27.56 0.48 7.74
CA PRO C 12 -27.61 -0.98 7.84
C PRO C 12 -27.52 -1.64 6.47
N VAL C 13 -26.83 -2.79 6.47
CA VAL C 13 -26.67 -3.63 5.30
C VAL C 13 -27.03 -5.08 5.66
N ILE C 14 -27.79 -5.72 4.77
CA ILE C 14 -28.16 -7.12 4.86
CA ILE C 14 -28.13 -7.12 4.89
C ILE C 14 -27.57 -7.82 3.65
N TRP C 15 -26.69 -8.81 3.89
CA TRP C 15 -26.02 -9.54 2.83
C TRP C 15 -26.49 -11.00 2.84
N ILE C 16 -27.06 -11.45 1.72
CA ILE C 16 -27.52 -12.82 1.58
C ILE C 16 -26.77 -13.49 0.44
N GLY C 17 -26.14 -14.64 0.72
CA GLY C 17 -25.47 -15.41 -0.31
C GLY C 17 -26.36 -16.53 -0.84
N ALA C 18 -26.48 -16.63 -2.17
CA ALA C 18 -27.31 -17.64 -2.82
C ALA C 18 -26.42 -18.78 -3.32
N GLN C 19 -26.22 -18.92 -4.64
CA GLN C 19 -25.27 -19.89 -5.16
C GLN C 19 -23.92 -19.21 -5.37
N GLU C 20 -23.29 -18.84 -4.25
CA GLU C 20 -22.08 -18.03 -4.26
CA GLU C 20 -22.08 -18.04 -4.28
C GLU C 20 -20.89 -18.91 -3.94
N CYS C 21 -19.71 -18.53 -4.44
CA CYS C 21 -18.45 -19.21 -4.15
C CYS C 21 -17.73 -18.52 -2.99
N THR C 22 -18.25 -17.36 -2.56
CA THR C 22 -17.76 -16.51 -1.47
C THR C 22 -16.67 -15.55 -1.93
N GLY C 23 -16.24 -15.67 -3.19
CA GLY C 23 -15.27 -14.75 -3.78
C GLY C 23 -15.68 -13.28 -3.69
N CYS C 24 -16.98 -13.00 -3.81
CA CYS C 24 -17.46 -11.63 -3.74
C CYS C 24 -17.33 -11.04 -2.34
N THR C 25 -17.59 -11.84 -1.29
CA THR C 25 -17.29 -11.42 0.08
C THR C 25 -15.78 -11.29 0.26
N GLU C 26 -15.03 -12.26 -0.29
CA GLU C 26 -13.59 -12.27 -0.11
C GLU C 26 -12.94 -11.04 -0.75
N SER C 27 -13.57 -10.45 -1.77
CA SER C 27 -13.07 -9.22 -2.37
C SER C 27 -12.87 -8.15 -1.29
N LEU C 28 -13.79 -8.11 -0.32
CA LEU C 28 -13.77 -7.08 0.72
C LEU C 28 -12.49 -7.17 1.56
N LEU C 29 -11.92 -8.37 1.70
CA LEU C 29 -10.74 -8.58 2.52
C LEU C 29 -9.48 -8.05 1.83
N ARG C 30 -9.60 -7.68 0.54
CA ARG C 30 -8.52 -7.05 -0.19
C ARG C 30 -8.64 -5.53 -0.18
N ALA C 31 -9.83 -5.03 0.14
CA ALA C 31 -10.12 -3.61 0.02
C ALA C 31 -9.26 -2.78 0.97
N THR C 32 -9.01 -1.52 0.56
CA THR C 32 -8.21 -0.60 1.35
C THR C 32 -8.92 0.71 1.64
N HIS C 33 -10.06 0.97 1.00
CA HIS C 33 -10.70 2.27 1.16
C HIS C 33 -12.21 2.18 1.00
N PRO C 34 -12.95 1.67 2.02
CA PRO C 34 -12.38 1.20 3.28
C PRO C 34 -11.90 -0.27 3.31
N THR C 35 -10.97 -0.54 4.22
CA THR C 35 -10.69 -1.88 4.68
C THR C 35 -11.96 -2.50 5.27
N VAL C 36 -11.99 -3.84 5.32
CA VAL C 36 -13.18 -4.54 5.78
C VAL C 36 -13.44 -4.20 7.26
N GLU C 37 -12.37 -4.05 8.07
CA GLU C 37 -12.55 -3.72 9.48
C GLU C 37 -13.16 -2.31 9.62
N ASN C 38 -12.73 -1.35 8.79
CA ASN C 38 -13.33 -0.03 8.85
C ASN C 38 -14.73 -0.04 8.25
N LEU C 39 -14.97 -0.89 7.25
CA LEU C 39 -16.31 -1.00 6.71
C LEU C 39 -17.29 -1.38 7.83
N VAL C 40 -16.96 -2.42 8.62
CA VAL C 40 -17.97 -2.97 9.51
C VAL C 40 -18.03 -2.21 10.84
N LEU C 41 -16.95 -1.50 11.19
CA LEU C 41 -16.89 -0.76 12.45
C LEU C 41 -17.30 0.71 12.26
N GLU C 42 -17.05 1.30 11.07
CA GLU C 42 -17.21 2.75 10.86
C GLU C 42 -18.20 3.09 9.75
N THR C 43 -18.13 2.43 8.58
CA THR C 43 -18.88 2.88 7.42
C THR C 43 -20.33 2.40 7.45
N ILE C 44 -20.55 1.12 7.76
CA ILE C 44 -21.88 0.53 7.74
C ILE C 44 -22.11 -0.20 9.07
N SER C 45 -23.36 -0.60 9.29
CA SER C 45 -23.65 -1.68 10.19
C SER C 45 -24.03 -2.92 9.38
N LEU C 46 -23.17 -3.93 9.43
CA LEU C 46 -23.41 -5.16 8.71
C LEU C 46 -24.29 -6.02 9.61
N GLU C 47 -25.61 -5.90 9.39
CA GLU C 47 -26.65 -6.48 10.23
C GLU C 47 -26.81 -7.98 10.00
N TYR C 48 -26.46 -8.46 8.79
CA TYR C 48 -26.52 -9.88 8.48
C TYR C 48 -25.44 -10.20 7.47
N HIS C 49 -24.53 -11.11 7.82
CA HIS C 49 -23.59 -11.69 6.89
C HIS C 49 -23.09 -12.98 7.50
N GLU C 50 -23.42 -14.10 6.86
CA GLU C 50 -23.17 -15.41 7.44
C GLU C 50 -21.69 -15.79 7.55
N VAL C 51 -20.83 -15.19 6.71
CA VAL C 51 -19.42 -15.53 6.75
C VAL C 51 -18.75 -14.98 8.02
N LEU C 52 -19.22 -13.85 8.54
CA LEU C 52 -18.54 -13.19 9.66
C LEU C 52 -19.33 -13.18 10.95
N SER C 53 -20.63 -13.53 10.88
CA SER C 53 -21.52 -13.41 12.04
CA SER C 53 -21.55 -13.46 12.02
C SER C 53 -21.11 -14.37 13.16
N ALA C 54 -21.04 -13.81 14.38
CA ALA C 54 -20.78 -14.56 15.59
C ALA C 54 -21.90 -15.57 15.81
N ALA C 55 -23.14 -15.10 15.65
CA ALA C 55 -24.33 -15.93 15.81
C ALA C 55 -24.42 -16.95 14.68
N PHE C 56 -24.97 -18.12 15.02
CA PHE C 56 -25.31 -19.16 14.05
C PHE C 56 -26.77 -19.58 14.26
N GLY C 57 -27.28 -20.38 13.33
CA GLY C 57 -28.53 -21.10 13.49
C GLY C 57 -29.70 -20.18 13.86
N HIS C 58 -30.36 -20.50 14.96
CA HIS C 58 -31.59 -19.81 15.34
C HIS C 58 -31.27 -18.36 15.71
N GLN C 59 -30.09 -18.15 16.29
CA GLN C 59 -29.68 -16.83 16.74
C GLN C 59 -29.43 -15.90 15.56
N VAL C 60 -28.83 -16.40 14.48
CA VAL C 60 -28.55 -15.56 13.34
C VAL C 60 -29.84 -15.28 12.59
N GLU C 61 -30.74 -16.26 12.55
CA GLU C 61 -32.07 -16.07 12.00
C GLU C 61 -32.80 -14.95 12.76
N GLU C 62 -32.70 -14.92 14.09
CA GLU C 62 -33.30 -13.84 14.87
C GLU C 62 -32.71 -12.50 14.41
N ASN C 63 -31.39 -12.43 14.24
CA ASN C 63 -30.75 -11.19 13.81
C ASN C 63 -31.37 -10.71 12.51
N LYS C 64 -31.60 -11.63 11.57
CA LYS C 64 -32.16 -11.25 10.28
C LYS C 64 -33.54 -10.60 10.48
N HIS C 65 -34.40 -11.28 11.24
CA HIS C 65 -35.77 -10.82 11.38
C HIS C 65 -35.81 -9.49 12.12
N ASN C 66 -35.01 -9.37 13.18
CA ASN C 66 -34.92 -8.14 13.94
C ASN C 66 -34.49 -7.00 13.02
N ALA C 67 -33.48 -7.25 12.18
CA ALA C 67 -32.94 -6.23 11.31
C ALA C 67 -33.95 -5.85 10.23
N LEU C 68 -34.66 -6.82 9.67
CA LEU C 68 -35.65 -6.51 8.64
C LEU C 68 -36.76 -5.62 9.18
N GLU C 69 -37.13 -5.82 10.45
CA GLU C 69 -38.19 -5.01 11.08
C GLU C 69 -37.64 -3.65 11.48
N LYS C 70 -36.57 -3.65 12.29
CA LYS C 70 -36.00 -2.43 12.80
C LYS C 70 -35.59 -1.47 11.68
N TYR C 71 -35.10 -1.98 10.54
CA TYR C 71 -34.51 -1.11 9.53
C TYR C 71 -35.34 -1.12 8.24
N LYS C 72 -36.62 -1.52 8.35
CA LYS C 72 -37.50 -1.52 7.19
C LYS C 72 -37.39 -0.18 6.45
N GLY C 73 -37.25 -0.24 5.13
CA GLY C 73 -37.16 0.94 4.29
C GLY C 73 -35.76 1.57 4.27
N GLN C 74 -34.81 1.09 5.08
CA GLN C 74 -33.55 1.79 5.27
C GLN C 74 -32.32 1.00 4.81
N TYR C 75 -32.38 -0.34 4.77
CA TYR C 75 -31.15 -1.11 4.60
C TYR C 75 -30.83 -1.29 3.13
N VAL C 76 -29.53 -1.51 2.87
CA VAL C 76 -29.08 -1.93 1.56
C VAL C 76 -29.07 -3.45 1.60
N LEU C 77 -29.75 -4.08 0.65
CA LEU C 77 -29.66 -5.52 0.47
C LEU C 77 -28.59 -5.80 -0.58
N VAL C 78 -27.72 -6.76 -0.27
CA VAL C 78 -26.67 -7.23 -1.18
C VAL C 78 -26.81 -8.73 -1.36
N VAL C 79 -26.77 -9.20 -2.59
CA VAL C 79 -26.77 -10.64 -2.85
C VAL C 79 -25.60 -10.97 -3.76
N ASP C 80 -24.83 -12.00 -3.37
CA ASP C 80 -23.88 -12.67 -4.24
C ASP C 80 -24.38 -14.08 -4.56
N GLY C 81 -23.92 -14.59 -5.70
CA GLY C 81 -24.38 -15.87 -6.22
C GLY C 81 -25.64 -15.74 -7.06
N SER C 82 -25.86 -16.76 -7.91
CA SER C 82 -27.08 -16.90 -8.68
C SER C 82 -28.20 -17.48 -7.80
N ILE C 83 -29.44 -17.38 -8.28
CA ILE C 83 -30.60 -17.87 -7.57
C ILE C 83 -31.21 -18.99 -8.40
N PRO C 84 -31.22 -20.25 -7.90
CA PRO C 84 -31.70 -21.38 -8.68
C PRO C 84 -33.22 -21.55 -8.58
N LEU C 85 -33.88 -21.53 -9.74
CA LEU C 85 -35.34 -21.66 -9.78
C LEU C 85 -35.78 -23.09 -10.15
N LYS C 86 -34.88 -23.95 -10.64
CA LYS C 86 -35.30 -25.28 -11.08
C LYS C 86 -35.82 -26.07 -9.88
N ASP C 87 -36.86 -26.89 -10.09
CA ASP C 87 -37.38 -27.77 -9.05
C ASP C 87 -37.75 -27.01 -7.78
N ASN C 88 -38.41 -25.85 -7.96
CA ASN C 88 -39.03 -25.13 -6.86
C ASN C 88 -37.99 -24.60 -5.86
N GLY C 89 -36.75 -24.36 -6.33
CA GLY C 89 -35.78 -23.60 -5.55
C GLY C 89 -34.93 -24.45 -4.60
N ILE C 90 -35.00 -25.79 -4.71
CA ILE C 90 -34.40 -26.67 -3.71
C ILE C 90 -32.86 -26.75 -3.89
N TYR C 91 -32.29 -26.15 -4.94
CA TYR C 91 -30.84 -26.22 -5.13
C TYR C 91 -30.08 -25.25 -4.24
N CYS C 92 -30.78 -24.45 -3.44
CA CYS C 92 -30.14 -23.68 -2.40
C CYS C 92 -31.15 -23.44 -1.28
N MET C 93 -31.00 -24.17 -0.18
CA MET C 93 -31.96 -24.14 0.92
C MET C 93 -31.25 -23.76 2.20
N VAL C 94 -31.76 -22.71 2.84
CA VAL C 94 -31.20 -22.20 4.09
C VAL C 94 -32.31 -22.16 5.13
N ALA C 95 -32.02 -22.71 6.31
CA ALA C 95 -33.00 -22.87 7.38
C ALA C 95 -34.27 -23.51 6.83
N GLY C 96 -34.12 -24.47 5.91
CA GLY C 96 -35.25 -25.26 5.44
C GLY C 96 -36.10 -24.58 4.36
N GLU C 97 -35.68 -23.42 3.84
N GLU C 97 -35.68 -23.42 3.84
CA GLU C 97 -36.46 -22.69 2.84
CA GLU C 97 -36.46 -22.69 2.85
C GLU C 97 -35.60 -22.29 1.65
C GLU C 97 -35.60 -22.27 1.66
N PRO C 98 -36.16 -22.24 0.44
CA PRO C 98 -35.43 -21.80 -0.75
C PRO C 98 -34.87 -20.38 -0.61
N ILE C 99 -33.63 -20.18 -1.08
CA ILE C 99 -32.96 -18.89 -0.92
C ILE C 99 -33.75 -17.81 -1.66
N VAL C 100 -34.44 -18.15 -2.74
CA VAL C 100 -35.21 -17.17 -3.47
C VAL C 100 -36.26 -16.53 -2.53
N ASP C 101 -36.81 -17.29 -1.57
CA ASP C 101 -37.82 -16.77 -0.67
C ASP C 101 -37.19 -15.82 0.34
N HIS C 102 -36.03 -16.18 0.89
CA HIS C 102 -35.30 -15.32 1.80
C HIS C 102 -35.00 -13.98 1.12
N ILE C 103 -34.62 -14.04 -0.17
CA ILE C 103 -34.22 -12.85 -0.93
C ILE C 103 -35.43 -11.97 -1.21
N ARG C 104 -36.53 -12.55 -1.68
CA ARG C 104 -37.75 -11.79 -1.96
C ARG C 104 -38.27 -11.13 -0.70
N LYS C 105 -38.20 -11.81 0.44
CA LYS C 105 -38.65 -11.21 1.69
C LYS C 105 -37.78 -10.00 2.02
N ALA C 106 -36.44 -10.18 1.99
CA ALA C 106 -35.53 -9.09 2.31
C ALA C 106 -35.67 -7.92 1.33
N ALA C 107 -36.00 -8.20 0.07
CA ALA C 107 -36.12 -7.15 -0.92
C ALA C 107 -37.30 -6.22 -0.63
N GLU C 108 -38.32 -6.74 0.08
CA GLU C 108 -39.53 -5.99 0.32
C GLU C 108 -39.20 -4.68 1.04
N GLY C 109 -38.32 -4.72 2.03
CA GLY C 109 -38.04 -3.55 2.83
C GLY C 109 -36.73 -2.83 2.48
N ALA C 110 -36.14 -3.12 1.31
CA ALA C 110 -34.78 -2.63 1.03
C ALA C 110 -34.86 -1.20 0.50
N ALA C 111 -33.95 -0.34 0.98
CA ALA C 111 -33.79 0.99 0.41
C ALA C 111 -33.06 0.94 -0.92
N ALA C 112 -32.12 0.00 -1.07
CA ALA C 112 -31.43 -0.20 -2.33
C ALA C 112 -31.06 -1.68 -2.41
N ILE C 113 -30.93 -2.20 -3.62
CA ILE C 113 -30.60 -3.60 -3.82
C ILE C 113 -29.43 -3.69 -4.80
N ILE C 114 -28.40 -4.44 -4.39
CA ILE C 114 -27.17 -4.57 -5.15
C ILE C 114 -26.91 -6.06 -5.42
N ALA C 115 -26.78 -6.41 -6.70
CA ALA C 115 -26.19 -7.67 -7.12
C ALA C 115 -24.67 -7.46 -7.27
N ILE C 116 -23.92 -8.03 -6.33
CA ILE C 116 -22.47 -8.03 -6.42
C ILE C 116 -22.00 -9.33 -7.10
N GLY C 117 -21.21 -9.15 -8.16
CA GLY C 117 -20.62 -10.25 -8.91
C GLY C 117 -21.48 -10.63 -10.11
N SER C 118 -20.83 -11.26 -11.08
CA SER C 118 -21.46 -11.71 -12.30
C SER C 118 -22.58 -12.73 -12.03
N CYS C 119 -22.45 -13.57 -11.00
CA CYS C 119 -23.46 -14.59 -10.71
C CYS C 119 -24.81 -13.93 -10.43
N SER C 120 -24.86 -13.01 -9.46
CA SER C 120 -26.09 -12.30 -9.15
C SER C 120 -26.44 -11.27 -10.22
N ALA C 121 -25.43 -10.70 -10.90
CA ALA C 121 -25.68 -9.68 -11.91
C ALA C 121 -26.36 -10.24 -13.16
N TRP C 122 -25.89 -11.39 -13.65
CA TRP C 122 -26.48 -11.95 -14.86
C TRP C 122 -26.48 -13.48 -14.91
N GLY C 123 -26.23 -14.16 -13.78
CA GLY C 123 -26.24 -15.62 -13.74
C GLY C 123 -24.84 -16.21 -13.62
N GLY C 124 -23.89 -15.60 -14.34
CA GLY C 124 -22.48 -15.93 -14.20
C GLY C 124 -22.15 -17.38 -14.53
N VAL C 125 -21.08 -17.88 -13.91
CA VAL C 125 -20.59 -19.22 -14.18
C VAL C 125 -21.63 -20.25 -13.76
N ALA C 126 -22.37 -19.96 -12.68
CA ALA C 126 -23.32 -20.92 -12.12
C ALA C 126 -24.48 -21.20 -13.08
N ALA C 127 -24.78 -20.25 -13.97
CA ALA C 127 -25.88 -20.35 -14.92
C ALA C 127 -25.37 -20.74 -16.31
N ALA C 128 -24.08 -21.07 -16.42
CA ALA C 128 -23.46 -21.32 -17.71
C ALA C 128 -23.69 -22.76 -18.17
N GLY C 129 -23.22 -23.04 -19.39
CA GLY C 129 -23.41 -24.34 -20.03
C GLY C 129 -24.88 -24.77 -20.01
N VAL C 130 -25.15 -25.98 -19.55
CA VAL C 130 -26.53 -26.47 -19.56
C VAL C 130 -27.31 -25.87 -18.40
N ASN C 131 -26.69 -25.05 -17.54
CA ASN C 131 -27.38 -24.48 -16.39
C ASN C 131 -28.14 -25.55 -15.60
N PRO C 132 -27.42 -26.45 -14.92
CA PRO C 132 -28.05 -27.54 -14.17
C PRO C 132 -29.16 -27.20 -13.18
N THR C 133 -29.13 -25.99 -12.59
CA THR C 133 -30.04 -25.67 -11.47
C THR C 133 -31.02 -24.57 -11.85
N GLY C 134 -31.07 -24.16 -13.12
CA GLY C 134 -31.94 -23.08 -13.51
C GLY C 134 -31.60 -21.80 -12.77
N ALA C 135 -30.29 -21.56 -12.62
CA ALA C 135 -29.76 -20.35 -11.99
C ALA C 135 -30.11 -19.11 -12.80
N VAL C 136 -30.56 -18.04 -12.10
CA VAL C 136 -30.85 -16.78 -12.73
C VAL C 136 -30.29 -15.64 -11.86
N SER C 137 -30.38 -14.44 -12.43
CA SER C 137 -29.87 -13.22 -11.83
C SER C 137 -30.82 -12.72 -10.76
N LEU C 138 -30.29 -11.87 -9.88
CA LEU C 138 -31.11 -11.20 -8.87
C LEU C 138 -32.23 -10.39 -9.53
N GLN C 139 -31.93 -9.65 -10.60
CA GLN C 139 -32.95 -8.81 -11.24
C GLN C 139 -34.12 -9.67 -11.73
N GLU C 140 -33.82 -10.88 -12.23
N GLU C 140 -33.81 -10.89 -12.20
CA GLU C 140 -34.86 -11.76 -12.75
CA GLU C 140 -34.81 -11.80 -12.75
C GLU C 140 -35.79 -12.24 -11.63
C GLU C 140 -35.76 -12.28 -11.64
N VAL C 141 -35.25 -12.40 -10.41
CA VAL C 141 -36.04 -12.82 -9.26
C VAL C 141 -36.85 -11.65 -8.69
N LEU C 142 -36.45 -10.39 -9.00
CA LEU C 142 -37.07 -9.20 -8.42
C LEU C 142 -37.55 -8.28 -9.54
N PRO C 143 -38.51 -8.72 -10.39
CA PRO C 143 -38.90 -7.95 -11.57
C PRO C 143 -39.43 -6.55 -11.27
N GLY C 144 -40.00 -6.34 -10.07
CA GLY C 144 -40.55 -5.03 -9.75
C GLY C 144 -39.54 -4.06 -9.12
N LYS C 145 -38.27 -4.45 -8.95
CA LYS C 145 -37.32 -3.65 -8.18
C LYS C 145 -36.17 -3.20 -9.07
N THR C 146 -35.55 -2.07 -8.73
CA THR C 146 -34.32 -1.65 -9.41
C THR C 146 -33.13 -2.32 -8.75
N VAL C 147 -32.43 -3.19 -9.50
CA VAL C 147 -31.25 -3.87 -8.96
C VAL C 147 -30.02 -3.21 -9.56
N ILE C 148 -29.11 -2.75 -8.69
CA ILE C 148 -27.83 -2.23 -9.13
C ILE C 148 -26.86 -3.39 -9.33
N ASN C 149 -26.31 -3.49 -10.54
CA ASN C 149 -25.46 -4.60 -10.92
C ASN C 149 -23.98 -4.19 -10.86
N ILE C 150 -23.19 -4.96 -10.10
N ILE C 150 -23.20 -4.91 -10.04
CA ILE C 150 -21.77 -4.72 -9.97
CA ILE C 150 -21.76 -4.72 -9.93
C ILE C 150 -21.04 -5.99 -10.38
C ILE C 150 -21.06 -5.99 -10.38
N PRO C 151 -20.94 -6.25 -11.71
CA PRO C 151 -20.40 -7.51 -12.19
C PRO C 151 -18.88 -7.62 -12.12
N GLY C 152 -18.42 -8.81 -12.48
CA GLY C 152 -17.04 -9.24 -12.28
C GLY C 152 -17.02 -10.47 -11.39
N CYS C 153 -15.95 -11.24 -11.45
CA CYS C 153 -15.92 -12.57 -10.86
C CYS C 153 -14.62 -12.77 -10.08
N PRO C 154 -14.44 -12.07 -8.93
CA PRO C 154 -15.34 -11.01 -8.47
C PRO C 154 -14.94 -9.60 -8.92
N PRO C 155 -15.80 -8.57 -8.76
CA PRO C 155 -15.42 -7.20 -9.06
C PRO C 155 -14.33 -6.75 -8.09
N ASN C 156 -13.54 -5.77 -8.54
CA ASN C 156 -12.79 -4.96 -7.59
C ASN C 156 -13.78 -4.54 -6.49
N PRO C 157 -13.44 -4.76 -5.20
CA PRO C 157 -14.37 -4.48 -4.12
C PRO C 157 -14.81 -3.02 -4.06
N HIS C 158 -13.96 -2.12 -4.55
CA HIS C 158 -14.31 -0.69 -4.50
C HIS C 158 -15.39 -0.34 -5.53
N ASN C 159 -15.62 -1.18 -6.55
CA ASN C 159 -16.75 -0.98 -7.45
C ASN C 159 -18.04 -1.05 -6.62
N PHE C 160 -18.06 -1.98 -5.66
CA PHE C 160 -19.15 -2.11 -4.69
C PHE C 160 -19.09 -1.00 -3.64
N LEU C 161 -17.94 -0.81 -2.98
CA LEU C 161 -17.85 0.07 -1.82
C LEU C 161 -18.14 1.52 -2.19
N ALA C 162 -17.63 1.98 -3.35
CA ALA C 162 -17.89 3.33 -3.81
C ALA C 162 -19.35 3.51 -4.23
N THR C 163 -20.03 2.43 -4.65
CA THR C 163 -21.46 2.49 -4.95
C THR C 163 -22.24 2.71 -3.65
N VAL C 164 -21.91 1.91 -2.63
CA VAL C 164 -22.53 2.03 -1.32
C VAL C 164 -22.24 3.42 -0.74
N ALA C 165 -20.99 3.89 -0.86
CA ALA C 165 -20.63 5.20 -0.34
C ALA C 165 -21.46 6.30 -1.01
N HIS C 166 -21.70 6.17 -2.32
CA HIS C 166 -22.47 7.18 -3.03
C HIS C 166 -23.89 7.26 -2.47
N ILE C 167 -24.49 6.08 -2.24
CA ILE C 167 -25.82 5.98 -1.65
C ILE C 167 -25.84 6.63 -0.26
N ILE C 168 -24.89 6.28 0.61
CA ILE C 168 -24.78 6.84 1.94
C ILE C 168 -24.53 8.36 1.86
N THR C 169 -23.53 8.79 1.09
CA THR C 169 -23.01 10.14 1.20
C THR C 169 -23.93 11.13 0.49
N TYR C 170 -24.45 10.73 -0.68
CA TYR C 170 -25.20 11.67 -1.50
C TYR C 170 -26.66 11.25 -1.63
N GLY C 171 -27.07 10.18 -0.96
CA GLY C 171 -28.50 9.91 -0.79
C GLY C 171 -29.16 9.25 -2.00
N LYS C 172 -28.38 8.85 -3.01
CA LYS C 172 -28.92 8.22 -4.19
C LYS C 172 -27.84 7.35 -4.83
N PRO C 173 -28.18 6.43 -5.76
CA PRO C 173 -27.19 5.61 -6.42
C PRO C 173 -26.34 6.46 -7.36
N PRO C 174 -25.15 5.94 -7.74
CA PRO C 174 -24.35 6.56 -8.78
C PRO C 174 -25.09 6.41 -10.10
N LYS C 175 -24.65 7.17 -11.10
CA LYS C 175 -25.23 7.01 -12.42
C LYS C 175 -24.98 5.59 -12.92
N LEU C 176 -25.99 5.04 -13.61
CA LEU C 176 -26.00 3.66 -14.10
C LEU C 176 -26.15 3.65 -15.61
N ASP C 177 -25.63 2.60 -16.25
CA ASP C 177 -25.84 2.41 -17.68
C ASP C 177 -27.18 1.65 -17.85
N ASP C 178 -27.47 1.19 -19.08
N ASP C 178 -27.43 1.19 -19.09
CA ASP C 178 -28.74 0.55 -19.34
CA ASP C 178 -28.65 0.50 -19.47
C ASP C 178 -28.75 -0.91 -18.88
C ASP C 178 -28.77 -0.86 -18.77
N LYS C 179 -27.64 -1.41 -18.30
CA LYS C 179 -27.67 -2.65 -17.53
C LYS C 179 -27.65 -2.39 -16.04
N ASN C 180 -27.89 -1.15 -15.63
CA ASN C 180 -27.88 -0.76 -14.22
C ASN C 180 -26.52 -0.97 -13.55
N ARG C 181 -25.44 -0.87 -14.36
CA ARG C 181 -24.08 -0.91 -13.83
C ARG C 181 -23.58 0.51 -13.60
N PRO C 182 -22.92 0.82 -12.46
CA PRO C 182 -22.36 2.16 -12.28
C PRO C 182 -21.36 2.55 -13.36
N THR C 183 -21.58 3.72 -13.98
CA THR C 183 -20.78 4.19 -15.10
C THR C 183 -19.32 4.45 -14.67
N PHE C 184 -19.06 4.79 -13.41
CA PHE C 184 -17.69 5.08 -13.02
C PHE C 184 -16.80 3.84 -13.15
N ALA C 185 -17.41 2.65 -13.08
CA ALA C 185 -16.68 1.38 -13.12
C ALA C 185 -16.94 0.61 -14.41
N TYR C 186 -18.12 0.75 -15.05
CA TYR C 186 -18.47 -0.12 -16.16
C TYR C 186 -18.85 0.64 -17.42
N GLY C 187 -18.56 1.95 -17.43
CA GLY C 187 -19.01 2.81 -18.49
C GLY C 187 -18.24 2.70 -19.80
N ARG C 188 -17.20 1.85 -19.88
CA ARG C 188 -16.33 1.85 -21.04
C ARG C 188 -15.78 0.44 -21.26
N LEU C 189 -15.57 0.06 -22.54
CA LEU C 189 -14.90 -1.19 -22.86
C LEU C 189 -13.47 -1.12 -22.32
N ILE C 190 -12.98 -2.27 -21.85
CA ILE C 190 -11.60 -2.37 -21.41
C ILE C 190 -10.68 -1.99 -22.56
N HIS C 191 -11.00 -2.45 -23.78
CA HIS C 191 -10.18 -2.22 -24.96
C HIS C 191 -10.19 -0.76 -25.39
N GLU C 192 -11.16 0.02 -24.93
CA GLU C 192 -11.19 1.45 -25.22
C GLU C 192 -10.51 2.24 -24.10
N HIS C 193 -9.79 1.54 -23.20
CA HIS C 193 -8.97 2.22 -22.20
C HIS C 193 -7.84 1.30 -21.73
N CYS C 194 -7.23 0.59 -22.68
CA CYS C 194 -6.21 -0.40 -22.38
C CYS C 194 -4.84 0.10 -22.86
N GLU C 195 -3.83 -0.05 -21.98
CA GLU C 195 -2.50 0.47 -22.22
C GLU C 195 -1.78 -0.31 -23.30
N ARG C 196 -2.33 -1.47 -23.73
CA ARG C 196 -1.70 -2.23 -24.79
C ARG C 196 -2.34 -1.92 -26.16
N ARG C 197 -3.27 -0.98 -26.20
CA ARG C 197 -3.87 -0.59 -27.47
C ARG C 197 -2.82 -0.20 -28.50
N PRO C 198 -1.72 0.51 -28.15
CA PRO C 198 -0.72 0.86 -29.16
C PRO C 198 -0.18 -0.37 -29.89
N HIS C 199 -0.01 -1.46 -29.15
CA HIS C 199 0.54 -2.70 -29.71
C HIS C 199 -0.51 -3.32 -30.64
N PHE C 200 -1.77 -3.36 -30.20
CA PHE C 200 -2.87 -3.78 -31.05
C PHE C 200 -2.82 -3.02 -32.37
N ASP C 201 -2.72 -1.69 -32.25
CA ASP C 201 -2.79 -0.79 -33.38
C ASP C 201 -1.66 -1.08 -34.35
N ALA C 202 -0.50 -1.46 -33.84
CA ALA C 202 0.69 -1.68 -34.65
C ALA C 202 0.82 -3.12 -35.11
N GLY C 203 -0.11 -4.00 -34.77
CA GLY C 203 0.05 -5.40 -35.13
C GLY C 203 1.09 -6.10 -34.28
N ARG C 204 1.40 -5.56 -33.09
CA ARG C 204 2.37 -6.18 -32.19
C ARG C 204 1.61 -7.08 -31.22
N PHE C 205 1.63 -8.39 -31.49
CA PHE C 205 0.78 -9.35 -30.81
C PHE C 205 1.60 -10.52 -30.25
N ALA C 206 1.32 -10.85 -28.98
CA ALA C 206 1.66 -12.15 -28.43
C ALA C 206 0.90 -13.23 -29.21
N LYS C 207 1.61 -14.32 -29.51
CA LYS C 207 1.00 -15.46 -30.18
C LYS C 207 0.90 -16.67 -29.25
N GLU C 208 1.91 -16.83 -28.38
CA GLU C 208 1.91 -17.84 -27.33
C GLU C 208 2.48 -17.22 -26.06
N PHE C 209 1.97 -17.63 -24.91
CA PHE C 209 2.64 -17.27 -23.66
C PHE C 209 4.12 -17.60 -23.78
N GLY C 210 4.96 -16.70 -23.27
CA GLY C 210 6.39 -16.92 -23.19
C GLY C 210 7.16 -16.62 -24.48
N ASP C 211 6.48 -16.21 -25.56
CA ASP C 211 7.15 -15.84 -26.81
C ASP C 211 7.68 -14.41 -26.66
N GLU C 212 8.41 -13.95 -27.68
CA GLU C 212 9.19 -12.73 -27.54
C GLU C 212 8.27 -11.53 -27.30
N GLY C 213 7.20 -11.45 -28.08
CA GLY C 213 6.25 -10.36 -27.96
C GLY C 213 5.55 -10.34 -26.60
N HIS C 214 5.16 -11.53 -26.14
CA HIS C 214 4.52 -11.66 -24.86
C HIS C 214 5.46 -11.14 -23.77
N ARG C 215 6.74 -11.44 -23.95
CA ARG C 215 7.79 -11.06 -23.01
C ARG C 215 8.22 -9.61 -23.20
N GLU C 216 7.55 -8.88 -24.11
CA GLU C 216 7.73 -7.43 -24.23
C GLU C 216 6.43 -6.69 -23.89
N GLY C 217 5.42 -7.41 -23.39
CA GLY C 217 4.19 -6.75 -22.97
C GLY C 217 3.28 -6.33 -24.12
N TRP C 218 3.30 -7.07 -25.22
CA TRP C 218 2.45 -6.75 -26.37
C TRP C 218 0.99 -7.12 -26.13
N CYS C 219 0.14 -6.73 -27.08
CA CYS C 219 -1.30 -6.94 -26.99
C CYS C 219 -1.61 -8.44 -26.99
N LEU C 220 -2.66 -8.83 -26.25
CA LEU C 220 -3.01 -10.23 -26.06
C LEU C 220 -4.26 -10.61 -26.87
N TYR C 221 -4.63 -9.78 -27.87
CA TYR C 221 -5.81 -10.06 -28.68
C TYR C 221 -5.80 -11.50 -29.23
N HIS C 222 -4.63 -11.93 -29.77
CA HIS C 222 -4.56 -13.21 -30.45
C HIS C 222 -4.39 -14.37 -29.47
N LEU C 223 -4.34 -14.07 -28.16
CA LEU C 223 -4.39 -15.10 -27.14
C LEU C 223 -5.83 -15.27 -26.67
N GLY C 224 -6.76 -14.46 -27.20
CA GLY C 224 -8.17 -14.53 -26.85
C GLY C 224 -8.65 -13.40 -25.95
N CYS C 225 -7.95 -12.27 -25.90
CA CYS C 225 -8.36 -11.19 -25.03
C CYS C 225 -9.79 -10.75 -25.37
N LYS C 226 -10.65 -10.64 -24.35
CA LYS C 226 -12.05 -10.26 -24.53
C LYS C 226 -12.26 -8.80 -24.15
N GLY C 227 -11.17 -8.07 -23.89
CA GLY C 227 -11.28 -6.63 -23.63
C GLY C 227 -12.13 -5.90 -24.67
N PRO C 228 -12.04 -6.25 -25.97
CA PRO C 228 -12.87 -5.61 -26.99
C PRO C 228 -14.38 -5.79 -26.83
N GLU C 229 -14.84 -6.71 -25.97
CA GLU C 229 -16.28 -6.92 -25.83
C GLU C 229 -16.70 -6.98 -24.36
N THR C 230 -15.86 -6.42 -23.45
CA THR C 230 -16.12 -6.45 -22.02
C THR C 230 -16.08 -5.04 -21.44
N TYR C 231 -17.16 -4.62 -20.79
CA TYR C 231 -17.18 -3.35 -20.08
C TYR C 231 -16.61 -3.55 -18.68
N GLY C 232 -15.76 -2.60 -18.25
CA GLY C 232 -15.18 -2.61 -16.91
C GLY C 232 -14.05 -1.61 -16.72
N ASN C 233 -13.42 -1.65 -15.55
CA ASN C 233 -12.36 -0.72 -15.18
C ASN C 233 -11.09 -1.47 -14.81
N CYS C 234 -10.92 -2.69 -15.35
CA CYS C 234 -9.82 -3.55 -14.94
C CYS C 234 -8.48 -2.94 -15.33
N SER C 235 -8.43 -2.23 -16.46
CA SER C 235 -7.18 -1.64 -16.94
C SER C 235 -6.82 -0.39 -16.15
N THR C 236 -7.78 0.26 -15.47
CA THR C 236 -7.53 1.55 -14.83
C THR C 236 -7.48 1.38 -13.31
N LEU C 237 -8.61 1.02 -12.71
CA LEU C 237 -8.63 0.75 -11.28
C LEU C 237 -7.77 -0.48 -10.97
N GLN C 238 -7.79 -1.48 -11.84
CA GLN C 238 -6.99 -2.70 -11.66
C GLN C 238 -7.42 -3.39 -10.36
N PHE C 239 -6.49 -4.04 -9.66
CA PHE C 239 -6.83 -4.88 -8.51
C PHE C 239 -5.80 -4.75 -7.39
N CYS C 240 -6.30 -4.80 -6.15
CA CYS C 240 -5.51 -4.96 -4.92
C CYS C 240 -4.70 -3.72 -4.51
N ASP C 241 -4.80 -2.62 -5.26
CA ASP C 241 -4.27 -1.31 -4.90
C ASP C 241 -2.75 -1.30 -4.71
N VAL C 242 -2.05 -2.22 -5.39
CA VAL C 242 -0.60 -2.29 -5.30
C VAL C 242 0.02 -1.58 -6.51
N GLY C 243 -0.77 -1.38 -7.58
CA GLY C 243 -0.29 -0.77 -8.80
C GLY C 243 0.17 -1.79 -9.84
N GLY C 244 -0.44 -1.71 -11.03
CA GLY C 244 0.01 -2.47 -12.18
C GLY C 244 -0.54 -3.89 -12.25
N VAL C 245 -1.56 -4.22 -11.44
CA VAL C 245 -2.02 -5.59 -11.32
C VAL C 245 -3.44 -5.74 -11.87
N TRP C 246 -3.50 -6.30 -13.09
CA TRP C 246 -4.72 -6.82 -13.68
C TRP C 246 -4.33 -7.95 -14.62
N PRO C 247 -5.29 -8.82 -15.06
CA PRO C 247 -4.91 -10.01 -15.83
C PRO C 247 -3.96 -9.72 -16.99
N VAL C 248 -4.31 -8.74 -17.82
CA VAL C 248 -3.52 -8.42 -19.01
C VAL C 248 -2.12 -7.96 -18.59
N ALA C 249 -2.02 -7.12 -17.56
CA ALA C 249 -0.70 -6.63 -17.13
C ALA C 249 0.17 -7.78 -16.65
N ILE C 250 -0.45 -8.82 -16.07
CA ILE C 250 0.29 -9.99 -15.60
C ILE C 250 0.70 -10.90 -16.77
N GLY C 251 0.01 -10.79 -17.90
CA GLY C 251 0.36 -11.56 -19.09
C GLY C 251 -0.75 -12.45 -19.65
N HIS C 252 -1.96 -12.37 -19.08
CA HIS C 252 -3.06 -13.24 -19.51
C HIS C 252 -4.19 -12.42 -20.11
N PRO C 253 -4.83 -12.91 -21.20
CA PRO C 253 -5.97 -12.20 -21.79
C PRO C 253 -7.11 -12.03 -20.80
N CYS C 254 -7.86 -10.94 -20.96
CA CYS C 254 -9.17 -10.82 -20.36
C CYS C 254 -10.03 -11.98 -20.90
N TYR C 255 -10.82 -12.59 -20.01
CA TYR C 255 -11.71 -13.71 -20.28
C TYR C 255 -13.15 -13.25 -20.44
N GLY C 256 -13.40 -11.96 -20.18
CA GLY C 256 -14.74 -11.39 -20.23
C GLY C 256 -15.61 -11.75 -19.03
N CYS C 257 -15.04 -11.96 -17.85
CA CYS C 257 -15.79 -12.42 -16.68
C CYS C 257 -16.87 -11.41 -16.26
N ASN C 258 -16.68 -10.13 -16.59
CA ASN C 258 -17.67 -9.11 -16.29
C ASN C 258 -18.95 -9.28 -17.10
N GLU C 259 -18.84 -9.87 -18.31
CA GLU C 259 -19.78 -9.56 -19.38
C GLU C 259 -20.57 -10.80 -19.80
N GLU C 260 -21.90 -10.69 -19.70
CA GLU C 260 -22.80 -11.79 -20.04
C GLU C 260 -22.57 -12.22 -21.47
N GLY C 261 -22.44 -13.53 -21.69
CA GLY C 261 -22.24 -14.08 -23.03
C GLY C 261 -20.78 -14.11 -23.45
N ILE C 262 -19.87 -13.59 -22.60
CA ILE C 262 -18.45 -13.65 -22.93
C ILE C 262 -17.80 -14.63 -21.95
N GLY C 263 -17.56 -14.17 -20.71
CA GLY C 263 -16.97 -15.02 -19.70
C GLY C 263 -17.86 -16.25 -19.48
N PHE C 264 -17.21 -17.40 -19.39
CA PHE C 264 -17.85 -18.68 -19.06
C PHE C 264 -18.63 -19.23 -20.25
N HIS C 265 -18.58 -18.52 -21.38
CA HIS C 265 -19.24 -18.95 -22.60
C HIS C 265 -18.18 -19.17 -23.68
N LYS C 266 -17.37 -18.14 -23.92
CA LYS C 266 -16.33 -18.24 -24.92
C LYS C 266 -15.09 -18.90 -24.32
N GLY C 267 -14.39 -19.66 -25.14
CA GLY C 267 -13.12 -20.26 -24.74
C GLY C 267 -12.06 -19.18 -24.47
N ILE C 268 -11.08 -19.51 -23.63
CA ILE C 268 -10.02 -18.56 -23.28
C ILE C 268 -9.38 -18.02 -24.57
N HIS C 269 -9.06 -18.93 -25.49
CA HIS C 269 -8.29 -18.59 -26.67
C HIS C 269 -9.18 -18.25 -27.87
N GLN C 270 -10.50 -18.28 -27.70
CA GLN C 270 -11.40 -17.83 -28.75
C GLN C 270 -11.27 -16.31 -28.93
N LEU C 271 -11.25 -15.83 -30.18
CA LEU C 271 -11.03 -14.42 -30.45
C LEU C 271 -12.32 -13.64 -30.23
N ALA C 272 -12.17 -12.43 -29.73
CA ALA C 272 -13.27 -11.50 -29.56
C ALA C 272 -13.63 -10.83 -30.87
N ASN C 273 -14.89 -10.39 -30.98
CA ASN C 273 -15.32 -9.45 -31.99
C ASN C 273 -14.88 -8.04 -31.64
N VAL C 274 -14.28 -7.34 -32.60
CA VAL C 274 -13.82 -5.97 -32.40
C VAL C 274 -14.79 -5.01 -33.11
N GLU C 275 -15.32 -4.01 -32.37
CA GLU C 275 -16.36 -3.12 -32.89
C GLU C 275 -15.86 -2.36 -34.12
N SER D 2 -33.61 -36.17 26.31
CA SER D 2 -33.04 -36.24 24.93
C SER D 2 -33.71 -35.19 24.04
N GLN D 3 -33.07 -34.84 22.91
CA GLN D 3 -33.75 -34.04 21.88
C GLN D 3 -32.93 -33.90 20.60
N ARG D 4 -33.63 -33.42 19.58
CA ARG D 4 -33.12 -33.26 18.24
C ARG D 4 -32.95 -31.77 17.96
N ILE D 5 -31.74 -31.34 17.54
CA ILE D 5 -31.51 -29.94 17.19
C ILE D 5 -31.01 -29.82 15.76
N THR D 6 -31.28 -28.64 15.17
CA THR D 6 -30.76 -28.24 13.87
C THR D 6 -29.99 -26.93 14.01
N ILE D 7 -28.80 -26.88 13.40
CA ILE D 7 -27.99 -25.68 13.30
C ILE D 7 -27.89 -25.37 11.81
N ASP D 8 -28.68 -24.37 11.39
CA ASP D 8 -28.92 -24.09 9.98
C ASP D 8 -29.36 -22.64 9.84
N PRO D 9 -28.52 -21.69 9.35
CA PRO D 9 -27.19 -22.02 8.81
C PRO D 9 -26.09 -22.12 9.86
N VAL D 10 -25.11 -22.97 9.61
CA VAL D 10 -23.84 -22.83 10.31
C VAL D 10 -23.14 -21.62 9.67
N THR D 11 -22.79 -20.64 10.50
CA THR D 11 -22.11 -19.44 10.05
C THR D 11 -20.60 -19.59 10.27
N ARG D 12 -19.85 -18.59 9.78
CA ARG D 12 -18.41 -18.50 9.94
C ARG D 12 -17.76 -19.75 9.35
N ILE D 13 -18.29 -20.11 8.18
CA ILE D 13 -17.72 -21.06 7.24
C ILE D 13 -17.86 -20.45 5.86
N GLU D 14 -17.31 -21.13 4.86
CA GLU D 14 -17.71 -20.88 3.48
C GLU D 14 -18.91 -21.77 3.15
N GLY D 15 -19.96 -21.17 2.62
CA GLY D 15 -21.03 -21.91 1.99
C GLY D 15 -22.18 -22.26 2.95
N HIS D 16 -23.03 -23.16 2.45
CA HIS D 16 -24.30 -23.44 3.10
C HIS D 16 -24.23 -24.83 3.73
N LEU D 17 -24.24 -24.85 5.08
CA LEU D 17 -24.13 -26.06 5.87
C LEU D 17 -25.27 -26.09 6.90
N ARG D 18 -25.86 -27.28 7.01
CA ARG D 18 -26.80 -27.62 8.07
C ARG D 18 -26.20 -28.76 8.88
N ILE D 19 -26.22 -28.62 10.20
CA ILE D 19 -25.84 -29.69 11.12
C ILE D 19 -27.05 -30.04 11.98
N ASP D 20 -27.36 -31.34 12.05
CA ASP D 20 -28.37 -31.85 12.97
C ASP D 20 -27.69 -32.73 14.00
N CYS D 21 -28.21 -32.68 15.24
CA CYS D 21 -27.69 -33.48 16.34
C CYS D 21 -28.84 -34.03 17.19
N GLU D 22 -28.70 -35.31 17.54
CA GLU D 22 -29.47 -35.91 18.64
C GLU D 22 -28.66 -35.74 19.91
N ILE D 23 -29.30 -35.19 20.95
CA ILE D 23 -28.67 -34.99 22.24
C ILE D 23 -29.36 -35.89 23.28
N GLU D 24 -28.56 -36.64 24.02
CA GLU D 24 -29.02 -37.55 25.06
C GLU D 24 -28.21 -37.25 26.31
N ASN D 25 -28.91 -36.91 27.41
CA ASN D 25 -28.24 -36.70 28.67
C ASN D 25 -27.13 -35.67 28.47
N GLY D 26 -27.47 -34.57 27.79
CA GLY D 26 -26.60 -33.40 27.60
C GLY D 26 -25.36 -33.64 26.73
N VAL D 27 -25.37 -34.69 25.90
CA VAL D 27 -24.22 -35.05 25.08
C VAL D 27 -24.74 -35.47 23.70
N VAL D 28 -24.09 -35.02 22.62
CA VAL D 28 -24.47 -35.40 21.27
C VAL D 28 -24.29 -36.92 21.13
N SER D 29 -25.33 -37.60 20.65
CA SER D 29 -25.28 -39.05 20.51
C SER D 29 -25.14 -39.44 19.04
N LYS D 30 -25.67 -38.59 18.16
CA LYS D 30 -25.62 -38.85 16.74
C LYS D 30 -25.75 -37.52 16.00
N ALA D 31 -25.08 -37.40 14.83
CA ALA D 31 -25.08 -36.17 14.06
C ALA D 31 -25.24 -36.43 12.55
N TRP D 32 -25.80 -35.43 11.87
CA TRP D 32 -25.91 -35.35 10.41
C TRP D 32 -25.29 -34.05 9.89
N ALA D 33 -24.42 -34.17 8.88
CA ALA D 33 -23.89 -33.02 8.16
C ALA D 33 -24.53 -32.96 6.76
N SER D 34 -24.96 -31.75 6.38
CA SER D 34 -25.70 -31.54 5.13
C SER D 34 -25.22 -30.29 4.40
N GLY D 35 -24.68 -30.49 3.19
CA GLY D 35 -24.51 -29.41 2.23
C GLY D 35 -25.80 -29.11 1.50
N THR D 36 -26.29 -27.87 1.64
CA THR D 36 -27.65 -27.53 1.24
C THR D 36 -27.72 -26.73 -0.06
N MET D 37 -26.59 -26.58 -0.78
CA MET D 37 -26.59 -25.84 -2.03
C MET D 37 -25.71 -26.58 -3.05
N TRP D 38 -26.22 -26.71 -4.29
CA TRP D 38 -25.51 -27.34 -5.39
C TRP D 38 -25.58 -26.44 -6.60
N ARG D 39 -24.49 -26.44 -7.38
CA ARG D 39 -24.42 -25.70 -8.63
C ARG D 39 -24.28 -26.63 -9.85
N GLY D 40 -23.61 -27.77 -9.70
CA GLY D 40 -23.34 -28.63 -10.83
C GLY D 40 -22.16 -28.14 -11.69
N MET D 41 -21.06 -27.77 -11.01
CA MET D 41 -19.88 -27.21 -11.67
C MET D 41 -19.21 -28.26 -12.55
N GLU D 42 -19.25 -29.53 -12.14
CA GLU D 42 -18.75 -30.64 -12.93
C GLU D 42 -19.46 -30.74 -14.28
N GLU D 43 -20.77 -30.49 -14.29
CA GLU D 43 -21.57 -30.55 -15.51
C GLU D 43 -21.34 -29.29 -16.36
N ILE D 44 -21.25 -28.13 -15.72
CA ILE D 44 -21.01 -26.87 -16.41
C ILE D 44 -19.72 -26.91 -17.24
N VAL D 45 -18.66 -27.59 -16.76
CA VAL D 45 -17.37 -27.58 -17.42
C VAL D 45 -17.29 -28.66 -18.51
N LYS D 46 -18.23 -29.60 -18.53
CA LYS D 46 -18.17 -30.72 -19.45
C LYS D 46 -18.28 -30.24 -20.90
N ASN D 47 -17.67 -30.98 -21.83
CA ASN D 47 -17.82 -30.77 -23.26
C ASN D 47 -16.99 -29.59 -23.75
N ARG D 48 -16.06 -29.08 -22.94
CA ARG D 48 -15.24 -27.94 -23.30
C ARG D 48 -13.83 -28.40 -23.64
N ASP D 49 -13.05 -27.48 -24.20
CA ASP D 49 -11.64 -27.71 -24.43
C ASP D 49 -10.94 -27.87 -23.08
N PRO D 50 -10.06 -28.88 -22.90
CA PRO D 50 -9.36 -29.08 -21.63
C PRO D 50 -8.70 -27.83 -21.06
N ARG D 51 -8.24 -26.94 -21.95
CA ARG D 51 -7.52 -25.74 -21.57
C ARG D 51 -8.41 -24.72 -20.87
N ASP D 52 -9.74 -24.79 -21.10
CA ASP D 52 -10.66 -23.79 -20.58
C ASP D 52 -11.14 -24.15 -19.18
N ALA D 53 -10.90 -25.39 -18.74
CA ALA D 53 -11.54 -25.87 -17.51
C ALA D 53 -11.15 -25.00 -16.31
N TRP D 54 -9.85 -24.67 -16.19
CA TRP D 54 -9.35 -24.08 -14.96
C TRP D 54 -10.04 -22.76 -14.61
N MET D 55 -10.39 -21.96 -15.62
CA MET D 55 -10.96 -20.65 -15.37
C MET D 55 -12.41 -20.82 -14.88
N ILE D 56 -13.05 -21.93 -15.29
CA ILE D 56 -14.43 -22.20 -14.88
C ILE D 56 -14.46 -22.85 -13.50
N VAL D 57 -13.70 -23.92 -13.31
CA VAL D 57 -13.77 -24.68 -12.06
C VAL D 57 -13.05 -23.94 -10.92
N GLN D 58 -12.24 -22.92 -11.21
CA GLN D 58 -11.71 -22.11 -10.11
C GLN D 58 -12.89 -21.56 -9.30
N ARG D 59 -14.02 -21.30 -9.98
CA ARG D 59 -15.16 -20.70 -9.32
C ARG D 59 -15.94 -21.70 -8.45
N ILE D 60 -15.47 -22.93 -8.30
CA ILE D 60 -15.99 -23.79 -7.25
C ILE D 60 -15.91 -23.04 -5.92
N CYS D 61 -14.80 -22.31 -5.67
CA CYS D 61 -14.65 -21.64 -4.39
C CYS D 61 -13.80 -20.38 -4.48
N GLY D 62 -14.26 -19.32 -3.82
CA GLY D 62 -13.55 -18.04 -3.75
C GLY D 62 -12.78 -17.87 -2.45
N VAL D 63 -13.05 -18.74 -1.45
CA VAL D 63 -12.27 -18.73 -0.22
C VAL D 63 -10.96 -19.44 -0.52
N CYS D 64 -11.04 -20.71 -0.95
CA CYS D 64 -9.87 -21.43 -1.45
C CYS D 64 -9.71 -21.17 -2.94
N THR D 65 -9.67 -19.87 -3.29
CA THR D 65 -9.30 -19.44 -4.62
C THR D 65 -7.87 -19.91 -4.87
N THR D 66 -7.51 -20.00 -6.15
CA THR D 66 -6.27 -20.58 -6.65
C THR D 66 -6.30 -22.11 -6.71
N THR D 67 -6.91 -22.79 -5.73
CA THR D 67 -6.68 -24.22 -5.55
C THR D 67 -7.30 -25.04 -6.69
N HIS D 68 -8.55 -24.74 -7.06
CA HIS D 68 -9.21 -25.47 -8.14
C HIS D 68 -8.61 -25.16 -9.51
N ALA D 69 -8.16 -23.91 -9.70
CA ALA D 69 -7.42 -23.53 -10.89
C ALA D 69 -6.17 -24.39 -11.06
N LEU D 70 -5.36 -24.49 -9.99
CA LEU D 70 -4.12 -25.25 -10.03
C LEU D 70 -4.37 -26.74 -10.22
N SER D 71 -5.34 -27.30 -9.48
CA SER D 71 -5.68 -28.70 -9.59
C SER D 71 -6.14 -29.01 -11.02
N SER D 72 -6.91 -28.10 -11.63
CA SER D 72 -7.47 -28.30 -12.97
C SER D 72 -6.35 -28.36 -14.02
N VAL D 73 -5.44 -27.37 -14.01
CA VAL D 73 -4.35 -27.43 -14.98
C VAL D 73 -3.47 -28.66 -14.71
N ARG D 74 -3.26 -29.04 -13.44
CA ARG D 74 -2.49 -30.26 -13.17
C ARG D 74 -3.18 -31.50 -13.73
N ALA D 75 -4.52 -31.52 -13.72
CA ALA D 75 -5.28 -32.66 -14.22
C ALA D 75 -5.10 -32.78 -15.73
N ALA D 76 -5.25 -31.64 -16.44
CA ALA D 76 -5.05 -31.60 -17.87
C ALA D 76 -3.62 -32.02 -18.24
N GLU D 77 -2.64 -31.52 -17.49
CA GLU D 77 -1.24 -31.85 -17.72
C GLU D 77 -0.96 -33.34 -17.47
N SER D 78 -1.65 -33.91 -16.48
CA SER D 78 -1.59 -35.34 -16.20
C SER D 78 -2.12 -36.13 -17.41
N ALA D 79 -3.29 -35.75 -17.91
CA ALA D 79 -3.89 -36.47 -19.03
C ALA D 79 -2.97 -36.40 -20.26
N LEU D 80 -2.36 -35.23 -20.49
CA LEU D 80 -1.67 -34.95 -21.73
C LEU D 80 -0.18 -35.29 -21.65
N ASN D 81 0.29 -35.65 -20.46
CA ASN D 81 1.70 -35.99 -20.23
C ASN D 81 2.61 -34.77 -20.47
N ILE D 82 2.31 -33.64 -19.82
CA ILE D 82 3.08 -32.41 -19.95
C ILE D 82 3.90 -32.22 -18.68
N ASP D 83 5.19 -31.95 -18.90
CA ASP D 83 6.14 -31.58 -17.86
C ASP D 83 6.16 -30.06 -17.77
N VAL D 84 5.75 -29.55 -16.61
CA VAL D 84 5.62 -28.12 -16.38
C VAL D 84 7.00 -27.51 -16.17
N PRO D 85 7.29 -26.38 -16.85
CA PRO D 85 8.54 -25.66 -16.62
C PRO D 85 8.73 -25.34 -15.15
N VAL D 86 10.00 -25.44 -14.70
CA VAL D 86 10.26 -25.25 -13.29
C VAL D 86 9.90 -23.83 -12.83
N ASN D 87 10.10 -22.80 -13.67
CA ASN D 87 9.71 -21.44 -13.29
C ASN D 87 8.20 -21.37 -13.02
N ALA D 88 7.41 -22.08 -13.83
CA ALA D 88 5.98 -22.12 -13.66
C ALA D 88 5.62 -22.78 -12.33
N GLN D 89 6.38 -23.80 -11.94
CA GLN D 89 6.19 -24.42 -10.64
C GLN D 89 6.50 -23.42 -9.51
N TYR D 90 7.60 -22.67 -9.62
CA TYR D 90 7.96 -21.73 -8.56
C TYR D 90 6.83 -20.72 -8.36
N ILE D 91 6.30 -20.22 -9.47
CA ILE D 91 5.24 -19.22 -9.45
C ILE D 91 3.95 -19.83 -8.89
N ARG D 92 3.55 -21.00 -9.38
CA ARG D 92 2.41 -21.71 -8.83
C ARG D 92 2.55 -21.92 -7.32
N ASN D 93 3.75 -22.32 -6.88
CA ASN D 93 4.03 -22.62 -5.49
C ASN D 93 3.92 -21.38 -4.61
N ILE D 94 4.46 -20.24 -5.06
CA ILE D 94 4.40 -19.00 -4.30
C ILE D 94 2.95 -18.59 -4.14
N ILE D 95 2.18 -18.67 -5.23
CA ILE D 95 0.75 -18.33 -5.17
C ILE D 95 0.04 -19.21 -4.14
N LEU D 96 0.23 -20.53 -4.22
CA LEU D 96 -0.49 -21.43 -3.32
C LEU D 96 -0.08 -21.16 -1.86
N ALA D 97 1.22 -21.00 -1.59
CA ALA D 97 1.73 -20.79 -0.24
C ALA D 97 1.19 -19.48 0.34
N ALA D 98 1.20 -18.41 -0.47
CA ALA D 98 0.75 -17.10 0.01
C ALA D 98 -0.77 -17.12 0.20
N HIS D 99 -1.47 -17.71 -0.77
CA HIS D 99 -2.92 -17.87 -0.61
C HIS D 99 -3.24 -18.59 0.70
N THR D 100 -2.59 -19.72 0.95
CA THR D 100 -2.92 -20.54 2.11
C THR D 100 -2.63 -19.77 3.41
N THR D 101 -1.59 -18.92 3.40
CA THR D 101 -1.27 -18.07 4.54
C THR D 101 -2.47 -17.19 4.88
N HIS D 102 -2.99 -16.50 3.86
CA HIS D 102 -4.20 -15.70 4.01
C HIS D 102 -5.35 -16.54 4.58
N ASP D 103 -5.56 -17.68 3.95
CA ASP D 103 -6.68 -18.56 4.21
C ASP D 103 -6.67 -18.97 5.69
N HIS D 104 -5.54 -19.53 6.14
CA HIS D 104 -5.41 -20.04 7.52
C HIS D 104 -5.57 -18.93 8.56
N ILE D 105 -4.95 -17.76 8.32
CA ILE D 105 -5.07 -16.64 9.26
C ILE D 105 -6.54 -16.26 9.41
N VAL D 106 -7.25 -16.16 8.28
CA VAL D 106 -8.64 -15.73 8.31
C VAL D 106 -9.50 -16.77 9.04
N HIS D 107 -9.16 -18.06 8.84
CA HIS D 107 -9.90 -19.10 9.53
C HIS D 107 -9.76 -19.02 11.04
N PHE D 108 -8.53 -18.92 11.54
CA PHE D 108 -8.30 -18.88 12.97
C PHE D 108 -8.97 -17.66 13.60
N TYR D 109 -8.86 -16.50 12.96
CA TYR D 109 -9.39 -15.26 13.51
C TYR D 109 -10.83 -14.99 13.10
N GLN D 110 -11.07 -14.65 11.83
CA GLN D 110 -12.37 -14.16 11.42
C GLN D 110 -13.45 -15.25 11.48
N LEU D 111 -13.07 -16.52 11.21
CA LEU D 111 -14.08 -17.58 11.18
C LEU D 111 -14.18 -18.29 12.55
N SER D 112 -13.07 -18.52 13.26
CA SER D 112 -13.09 -19.43 14.41
C SER D 112 -13.05 -18.73 15.77
N ALA D 113 -12.40 -17.57 15.90
CA ALA D 113 -12.08 -17.05 17.22
C ALA D 113 -13.33 -16.79 18.06
N LEU D 114 -14.44 -16.41 17.44
CA LEU D 114 -15.63 -16.02 18.19
C LEU D 114 -16.40 -17.22 18.73
N ASP D 115 -15.84 -18.43 18.54
CA ASP D 115 -16.29 -19.63 19.24
C ASP D 115 -15.67 -19.72 20.64
N TRP D 116 -14.52 -19.07 20.81
CA TRP D 116 -13.67 -19.25 21.98
C TRP D 116 -13.52 -17.95 22.77
N VAL D 117 -13.95 -16.84 22.17
CA VAL D 117 -13.61 -15.50 22.61
C VAL D 117 -14.93 -14.77 22.82
N ASP D 118 -15.01 -14.06 23.95
CA ASP D 118 -16.21 -13.34 24.33
C ASP D 118 -15.92 -11.84 24.32
N ILE D 119 -16.52 -11.09 23.37
CA ILE D 119 -16.14 -9.68 23.20
C ILE D 119 -16.62 -8.84 24.39
N THR D 120 -17.75 -9.24 25.00
CA THR D 120 -18.33 -8.58 26.15
C THR D 120 -17.36 -8.63 27.32
N SER D 121 -16.81 -9.82 27.58
CA SER D 121 -15.84 -10.02 28.64
C SER D 121 -14.61 -9.13 28.41
N ALA D 122 -14.24 -8.92 27.13
CA ALA D 122 -13.09 -8.08 26.81
C ALA D 122 -13.26 -6.65 27.33
N LEU D 123 -14.49 -6.17 27.46
CA LEU D 123 -14.75 -4.83 27.97
C LEU D 123 -14.32 -4.67 29.42
N GLN D 124 -14.23 -5.77 30.15
CA GLN D 124 -13.90 -5.76 31.57
C GLN D 124 -12.41 -5.93 31.78
N ALA D 125 -11.63 -6.09 30.69
CA ALA D 125 -10.21 -6.37 30.82
C ALA D 125 -9.46 -5.13 31.28
N ASP D 126 -8.36 -5.40 31.98
CA ASP D 126 -7.35 -4.40 32.26
C ASP D 126 -6.29 -4.53 31.17
N PRO D 127 -6.14 -3.53 30.26
CA PRO D 127 -5.17 -3.63 29.18
C PRO D 127 -3.73 -3.89 29.61
N THR D 128 -3.33 -3.31 30.75
CA THR D 128 -1.97 -3.49 31.23
C THR D 128 -1.73 -4.94 31.65
N LYS D 129 -2.69 -5.51 32.40
CA LYS D 129 -2.61 -6.90 32.82
C LYS D 129 -2.53 -7.82 31.58
N ALA D 130 -3.36 -7.51 30.56
CA ALA D 130 -3.38 -8.28 29.33
C ALA D 130 -2.01 -8.31 28.68
N SER D 131 -1.39 -7.13 28.55
CA SER D 131 -0.07 -7.03 27.98
C SER D 131 0.94 -7.82 28.80
N GLU D 132 0.84 -7.74 30.15
CA GLU D 132 1.78 -8.41 31.04
C GLU D 132 1.75 -9.93 30.86
N MET D 133 0.56 -10.48 30.58
CA MET D 133 0.35 -11.90 30.40
C MET D 133 1.20 -12.46 29.26
N LEU D 134 1.60 -11.62 28.28
CA LEU D 134 2.31 -12.15 27.12
C LEU D 134 3.82 -11.97 27.24
N LYS D 135 4.33 -11.42 28.34
CA LYS D 135 5.78 -11.31 28.53
C LYS D 135 6.42 -12.70 28.56
N GLY D 136 7.51 -12.89 27.80
CA GLY D 136 8.16 -14.20 27.73
C GLY D 136 7.37 -15.25 26.95
N VAL D 137 6.24 -14.86 26.34
CA VAL D 137 5.41 -15.74 25.52
C VAL D 137 5.51 -15.31 24.05
N SER D 138 5.60 -14.00 23.81
CA SER D 138 5.67 -13.42 22.47
C SER D 138 6.60 -12.23 22.47
N THR D 139 7.31 -12.02 21.35
CA THR D 139 8.05 -10.81 21.08
C THR D 139 7.31 -9.87 20.13
N TRP D 140 6.02 -10.11 19.87
CA TRP D 140 5.26 -9.26 18.97
C TRP D 140 5.26 -7.80 19.47
N HIS D 141 5.36 -6.87 18.51
CA HIS D 141 5.58 -5.47 18.81
C HIS D 141 4.26 -4.71 19.00
N LEU D 142 3.11 -5.39 18.83
CA LEU D 142 1.82 -4.72 18.97
C LEU D 142 0.95 -5.36 20.05
N ASN D 143 1.56 -5.66 21.20
CA ASN D 143 0.84 -6.17 22.35
C ASN D 143 0.86 -5.19 23.54
N SER D 144 1.07 -3.89 23.29
CA SER D 144 1.14 -2.91 24.36
C SER D 144 -0.21 -2.73 25.01
N PRO D 145 -0.24 -2.23 26.27
CA PRO D 145 -1.47 -1.79 26.89
C PRO D 145 -2.20 -0.74 26.04
N GLU D 146 -1.41 0.09 25.36
CA GLU D 146 -1.94 1.18 24.54
C GLU D 146 -2.69 0.63 23.31
N GLU D 147 -2.08 -0.35 22.63
CA GLU D 147 -2.78 -1.05 21.56
C GLU D 147 -4.10 -1.64 22.07
N PHE D 148 -4.02 -2.35 23.20
CA PHE D 148 -5.17 -3.07 23.75
C PHE D 148 -6.27 -2.10 24.18
N THR D 149 -5.86 -0.92 24.65
CA THR D 149 -6.81 0.12 25.04
C THR D 149 -7.54 0.64 23.81
N LYS D 150 -6.81 0.91 22.72
CA LYS D 150 -7.44 1.35 21.47
C LYS D 150 -8.49 0.33 21.03
N VAL D 151 -8.11 -0.95 21.05
CA VAL D 151 -9.01 -2.02 20.62
C VAL D 151 -10.21 -2.07 21.57
N GLN D 152 -9.96 -2.00 22.88
CA GLN D 152 -11.06 -2.05 23.83
C GLN D 152 -12.04 -0.91 23.57
N ASN D 153 -11.52 0.29 23.24
CA ASN D 153 -12.39 1.43 22.99
C ASN D 153 -13.22 1.25 21.74
N LYS D 154 -12.68 0.59 20.71
CA LYS D 154 -13.47 0.28 19.52
C LYS D 154 -14.64 -0.63 19.89
N ILE D 155 -14.39 -1.67 20.70
CA ILE D 155 -15.47 -2.56 21.12
C ILE D 155 -16.50 -1.77 21.94
N LYS D 156 -16.02 -0.99 22.92
CA LYS D 156 -16.89 -0.13 23.72
C LYS D 156 -17.80 0.72 22.83
N ASP D 157 -17.23 1.36 21.80
CA ASP D 157 -18.00 2.27 20.95
C ASP D 157 -19.02 1.49 20.14
N LEU D 158 -18.65 0.29 19.69
CA LEU D 158 -19.56 -0.55 18.93
C LEU D 158 -20.75 -0.93 19.80
N VAL D 159 -20.48 -1.38 21.03
CA VAL D 159 -21.54 -1.82 21.92
C VAL D 159 -22.42 -0.64 22.29
N ALA D 160 -21.80 0.50 22.61
CA ALA D 160 -22.54 1.70 22.98
C ALA D 160 -23.46 2.15 21.85
N SER D 161 -23.09 1.90 20.59
CA SER D 161 -23.88 2.36 19.45
C SER D 161 -25.21 1.62 19.38
N GLY D 162 -25.33 0.47 20.07
CA GLY D 162 -26.53 -0.34 19.98
C GLY D 162 -26.63 -1.11 18.65
N GLN D 163 -25.60 -1.00 17.79
CA GLN D 163 -25.58 -1.70 16.52
C GLN D 163 -24.39 -2.67 16.51
N LEU D 164 -24.64 -3.89 17.02
CA LEU D 164 -23.58 -4.88 17.15
C LEU D 164 -23.23 -5.50 15.80
N GLY D 165 -24.16 -5.49 14.86
CA GLY D 165 -23.94 -6.08 13.54
C GLY D 165 -23.50 -7.54 13.61
N ILE D 166 -22.30 -7.82 13.11
CA ILE D 166 -21.78 -9.18 13.01
C ILE D 166 -21.55 -9.76 14.41
N PHE D 167 -21.49 -8.91 15.42
CA PHE D 167 -21.27 -9.36 16.79
C PHE D 167 -22.60 -9.56 17.54
N ALA D 168 -23.73 -9.22 16.93
CA ALA D 168 -25.01 -9.28 17.62
C ALA D 168 -25.42 -10.73 17.93
N ASN D 169 -25.91 -10.96 19.15
CA ASN D 169 -26.53 -12.21 19.53
C ASN D 169 -25.50 -13.34 19.48
N GLY D 170 -24.24 -13.00 19.73
CA GLY D 170 -23.19 -13.99 19.91
C GLY D 170 -23.32 -14.67 21.27
N TYR D 171 -22.37 -15.57 21.58
CA TYR D 171 -22.49 -16.48 22.71
C TYR D 171 -21.77 -15.91 23.93
N TRP D 172 -22.02 -14.63 24.18
CA TRP D 172 -21.39 -13.89 25.27
C TRP D 172 -21.97 -14.41 26.59
N GLY D 173 -21.11 -14.76 27.54
CA GLY D 173 -21.57 -15.28 28.83
C GLY D 173 -21.85 -16.79 28.84
N HIS D 174 -21.73 -17.45 27.68
CA HIS D 174 -22.00 -18.88 27.59
C HIS D 174 -21.08 -19.61 28.56
N PRO D 175 -21.56 -20.66 29.25
CA PRO D 175 -20.72 -21.42 30.16
C PRO D 175 -19.46 -22.03 29.56
N ALA D 176 -19.44 -22.23 28.24
CA ALA D 176 -18.29 -22.85 27.59
C ALA D 176 -17.19 -21.83 27.28
N MET D 177 -17.49 -20.54 27.47
CA MET D 177 -16.52 -19.46 27.27
C MET D 177 -15.64 -19.38 28.52
N LYS D 178 -14.35 -19.68 28.39
CA LYS D 178 -13.49 -19.86 29.55
C LYS D 178 -12.34 -18.85 29.62
N LEU D 179 -12.19 -17.94 28.65
CA LEU D 179 -11.05 -17.03 28.69
C LEU D 179 -11.32 -15.95 29.73
N PRO D 180 -10.29 -15.52 30.48
CA PRO D 180 -10.38 -14.32 31.30
C PRO D 180 -10.54 -13.08 30.42
N PRO D 181 -11.17 -11.99 30.94
CA PRO D 181 -11.32 -10.75 30.16
C PRO D 181 -10.08 -10.33 29.37
N GLU D 182 -8.91 -10.42 30.00
CA GLU D 182 -7.65 -10.02 29.40
C GLU D 182 -7.34 -10.81 28.12
N VAL D 183 -7.59 -12.12 28.12
CA VAL D 183 -7.23 -12.95 26.97
C VAL D 183 -8.25 -12.74 25.85
N ASN D 184 -9.49 -12.43 26.23
CA ASN D 184 -10.51 -12.05 25.27
C ASN D 184 -10.09 -10.78 24.52
N LEU D 185 -9.55 -9.80 25.26
CA LEU D 185 -9.12 -8.55 24.65
C LEU D 185 -7.92 -8.78 23.73
N ILE D 186 -6.95 -9.59 24.18
CA ILE D 186 -5.79 -9.97 23.39
C ILE D 186 -6.25 -10.53 22.03
N ALA D 187 -7.22 -11.46 22.08
CA ALA D 187 -7.70 -12.13 20.88
C ALA D 187 -8.36 -11.14 19.92
N VAL D 188 -9.16 -10.21 20.44
CA VAL D 188 -9.84 -9.26 19.56
C VAL D 188 -8.80 -8.35 18.91
N ALA D 189 -7.78 -7.94 19.67
CA ALA D 189 -6.73 -7.11 19.09
C ALA D 189 -6.06 -7.87 17.94
N HIS D 190 -5.74 -9.16 18.18
CA HIS D 190 -5.11 -10.01 17.19
C HIS D 190 -6.02 -10.25 15.99
N TYR D 191 -7.34 -10.35 16.23
CA TYR D 191 -8.32 -10.49 15.17
C TYR D 191 -8.19 -9.34 14.18
N LEU D 192 -8.07 -8.10 14.70
CA LEU D 192 -7.99 -6.92 13.86
C LEU D 192 -6.63 -6.85 13.17
N GLN D 193 -5.55 -7.16 13.88
CA GLN D 193 -4.21 -7.14 13.33
C GLN D 193 -4.08 -8.18 12.20
N ALA D 194 -4.76 -9.31 12.34
CA ALA D 194 -4.74 -10.39 11.36
C ALA D 194 -5.17 -9.90 9.98
N LEU D 195 -6.08 -8.93 9.94
CA LEU D 195 -6.63 -8.48 8.67
C LEU D 195 -5.55 -7.81 7.82
N GLU D 196 -4.54 -7.22 8.47
CA GLU D 196 -3.46 -6.60 7.72
C GLU D 196 -2.51 -7.67 7.19
N CYS D 197 -2.24 -8.68 8.00
CA CYS D 197 -1.32 -9.72 7.58
C CYS D 197 -1.87 -10.49 6.37
N GLN D 198 -3.15 -10.88 6.44
CA GLN D 198 -3.76 -11.62 5.34
C GLN D 198 -3.81 -10.76 4.08
N ARG D 199 -4.01 -9.44 4.22
CA ARG D 199 -3.98 -8.53 3.08
C ARG D 199 -2.62 -8.56 2.39
N ASP D 200 -1.53 -8.54 3.18
CA ASP D 200 -0.19 -8.66 2.63
C ASP D 200 0.03 -10.00 1.91
N ALA D 201 -0.48 -11.11 2.46
CA ALA D 201 -0.32 -12.41 1.81
C ALA D 201 -0.95 -12.36 0.43
N ASN D 202 -2.13 -11.74 0.32
CA ASN D 202 -2.83 -11.69 -0.94
C ASN D 202 -2.21 -10.68 -1.91
N ARG D 203 -1.41 -9.74 -1.43
CA ARG D 203 -0.67 -8.86 -2.33
C ARG D 203 0.39 -9.70 -3.07
N VAL D 204 0.97 -10.70 -2.40
CA VAL D 204 1.87 -11.64 -3.05
C VAL D 204 1.11 -12.36 -4.16
N VAL D 205 -0.08 -12.88 -3.81
CA VAL D 205 -0.88 -13.65 -4.76
C VAL D 205 -1.20 -12.77 -5.96
N ALA D 206 -1.66 -11.55 -5.71
CA ALA D 206 -2.11 -10.66 -6.77
C ALA D 206 -0.98 -10.35 -7.76
N LEU D 207 0.25 -10.11 -7.27
CA LEU D 207 1.31 -9.69 -8.16
C LEU D 207 1.72 -10.80 -9.13
N LEU D 208 1.47 -12.07 -8.79
CA LEU D 208 1.71 -13.17 -9.74
C LEU D 208 0.45 -13.63 -10.46
N GLY D 209 -0.72 -13.54 -9.78
CA GLY D 209 -1.95 -14.06 -10.33
C GLY D 209 -2.72 -13.09 -11.25
N GLY D 210 -2.43 -11.79 -11.11
CA GLY D 210 -3.11 -10.76 -11.89
C GLY D 210 -4.29 -10.14 -11.14
N LYS D 211 -4.62 -10.73 -9.99
CA LYS D 211 -5.69 -10.30 -9.09
C LYS D 211 -5.95 -11.46 -8.13
N THR D 212 -6.62 -11.18 -7.01
CA THR D 212 -7.25 -12.18 -6.15
C THR D 212 -8.39 -11.48 -5.43
N PRO D 213 -9.57 -12.12 -5.24
CA PRO D 213 -9.82 -13.52 -5.63
C PRO D 213 -9.80 -13.83 -7.12
N HIS D 214 -9.57 -15.11 -7.41
CA HIS D 214 -9.61 -15.74 -8.71
C HIS D 214 -8.45 -15.26 -9.59
N ILE D 215 -7.33 -15.99 -9.45
CA ILE D 215 -6.13 -15.69 -10.20
C ILE D 215 -6.37 -15.96 -11.68
N GLN D 216 -5.50 -15.41 -12.51
CA GLN D 216 -5.70 -15.47 -13.96
C GLN D 216 -4.36 -15.53 -14.67
N ASN D 217 -3.45 -16.35 -14.14
CA ASN D 217 -2.10 -16.42 -14.70
C ASN D 217 -1.69 -17.86 -15.02
N LEU D 218 -2.63 -18.81 -14.93
CA LEU D 218 -2.30 -20.19 -15.21
C LEU D 218 -2.52 -20.53 -16.70
N ALA D 219 -2.06 -21.71 -17.05
CA ALA D 219 -2.32 -22.31 -18.34
C ALA D 219 -2.01 -23.79 -18.23
N VAL D 220 -2.75 -24.60 -18.99
CA VAL D 220 -2.31 -25.94 -19.26
C VAL D 220 -1.00 -25.83 -20.05
N GLY D 221 0.11 -26.19 -19.40
CA GLY D 221 1.43 -25.98 -19.97
C GLY D 221 2.35 -25.07 -19.14
N GLY D 222 1.80 -24.33 -18.16
CA GLY D 222 2.62 -23.56 -17.24
C GLY D 222 1.91 -22.33 -16.69
N VAL D 223 2.47 -21.15 -16.97
CA VAL D 223 1.88 -19.90 -16.50
C VAL D 223 1.98 -18.84 -17.62
N ALA D 224 1.17 -17.78 -17.48
CA ALA D 224 1.10 -16.68 -18.41
C ALA D 224 2.02 -15.52 -18.03
N ASN D 225 2.75 -15.64 -16.93
CA ASN D 225 3.66 -14.58 -16.50
C ASN D 225 4.84 -14.55 -17.46
N PRO D 226 5.20 -13.40 -18.07
CA PRO D 226 6.35 -13.30 -18.96
C PRO D 226 7.59 -12.85 -18.17
N ILE D 227 8.51 -13.76 -17.95
CA ILE D 227 9.74 -13.46 -17.23
C ILE D 227 10.73 -12.74 -18.15
N ASN D 228 11.05 -11.48 -17.79
CA ASN D 228 12.02 -10.72 -18.55
C ASN D 228 12.55 -9.60 -17.66
N LEU D 229 13.74 -9.78 -17.08
CA LEU D 229 14.29 -8.79 -16.15
C LEU D 229 14.46 -7.43 -16.82
N ASP D 230 14.59 -7.41 -18.16
CA ASP D 230 14.87 -6.19 -18.90
C ASP D 230 13.64 -5.68 -19.66
N GLY D 231 12.46 -6.26 -19.38
CA GLY D 231 11.25 -5.93 -20.11
C GLY D 231 10.40 -4.91 -19.37
N LEU D 232 9.80 -3.99 -20.12
CA LEU D 232 8.82 -3.08 -19.58
C LEU D 232 7.44 -3.73 -19.65
N GLY D 233 6.66 -3.62 -18.57
CA GLY D 233 5.29 -4.14 -18.57
C GLY D 233 5.17 -5.64 -18.29
N VAL D 234 6.28 -6.30 -17.92
CA VAL D 234 6.28 -7.74 -17.70
C VAL D 234 6.93 -8.07 -16.35
N LEU D 235 7.19 -9.37 -16.09
CA LEU D 235 7.70 -9.79 -14.79
C LEU D 235 9.22 -9.59 -14.77
N ASN D 236 9.62 -8.41 -14.27
CA ASN D 236 11.01 -7.97 -14.28
C ASN D 236 11.53 -7.93 -12.83
N LEU D 237 12.75 -7.41 -12.61
CA LEU D 237 13.31 -7.46 -11.28
C LEU D 237 12.55 -6.54 -10.33
N GLU D 238 12.07 -5.39 -10.84
CA GLU D 238 11.30 -4.48 -10.01
C GLU D 238 10.03 -5.16 -9.47
N ARG D 239 9.28 -5.85 -10.33
CA ARG D 239 8.07 -6.56 -9.92
C ARG D 239 8.42 -7.66 -8.91
N LEU D 240 9.51 -8.39 -9.14
CA LEU D 240 9.91 -9.44 -8.22
C LEU D 240 10.28 -8.85 -6.86
N MET D 241 10.95 -7.70 -6.86
CA MET D 241 11.31 -7.03 -5.61
C MET D 241 10.04 -6.65 -4.85
N TYR D 242 9.00 -6.26 -5.58
CA TYR D 242 7.74 -5.88 -4.96
C TYR D 242 7.12 -7.10 -4.27
N ILE D 243 7.06 -8.23 -5.00
CA ILE D 243 6.61 -9.49 -4.44
C ILE D 243 7.37 -9.78 -3.14
N LYS D 244 8.71 -9.69 -3.20
CA LYS D 244 9.52 -10.00 -2.03
C LYS D 244 9.15 -9.10 -0.84
N SER D 245 8.86 -7.83 -1.08
CA SER D 245 8.57 -6.92 0.01
C SER D 245 7.33 -7.38 0.80
N PHE D 246 6.37 -8.04 0.13
CA PHE D 246 5.18 -8.53 0.80
C PHE D 246 5.45 -9.87 1.48
N ILE D 247 6.20 -10.75 0.80
CA ILE D 247 6.58 -12.02 1.40
C ILE D 247 7.20 -11.79 2.78
N ASP D 248 8.08 -10.79 2.88
CA ASP D 248 8.85 -10.56 4.09
C ASP D 248 7.95 -10.00 5.21
N LYS D 249 6.77 -9.49 4.90
CA LYS D 249 5.90 -8.91 5.92
C LYS D 249 5.02 -9.94 6.62
N LEU D 250 5.06 -11.21 6.21
CA LEU D 250 4.11 -12.18 6.76
C LEU D 250 4.62 -12.85 8.04
N SER D 251 5.92 -13.08 8.14
CA SER D 251 6.46 -14.00 9.13
C SER D 251 6.17 -13.60 10.57
N ASP D 252 6.41 -12.32 10.90
CA ASP D 252 6.32 -11.88 12.29
C ASP D 252 4.93 -12.16 12.88
N PHE D 253 3.85 -11.78 12.19
CA PHE D 253 2.52 -12.04 12.70
C PHE D 253 2.26 -13.54 12.85
N VAL D 254 2.66 -14.31 11.83
CA VAL D 254 2.43 -15.74 11.85
C VAL D 254 3.10 -16.36 13.07
N GLU D 255 4.37 -16.02 13.29
CA GLU D 255 5.20 -16.64 14.31
C GLU D 255 4.91 -16.09 15.71
N GLN D 256 4.61 -14.78 15.82
CA GLN D 256 4.59 -14.11 17.11
C GLN D 256 3.16 -13.88 17.59
N VAL D 257 2.16 -14.07 16.72
CA VAL D 257 0.77 -13.84 17.10
C VAL D 257 -0.06 -15.12 16.88
N TYR D 258 -0.20 -15.55 15.62
CA TYR D 258 -1.04 -16.69 15.29
C TYR D 258 -0.54 -17.95 16.03
N LYS D 259 0.74 -18.27 15.89
CA LYS D 259 1.30 -19.43 16.55
C LYS D 259 1.10 -19.35 18.06
N VAL D 260 1.32 -18.17 18.64
CA VAL D 260 1.23 -17.99 20.08
C VAL D 260 -0.24 -18.13 20.54
N ASP D 261 -1.17 -17.48 19.82
CA ASP D 261 -2.57 -17.55 20.17
C ASP D 261 -3.07 -19.00 20.14
N THR D 262 -2.52 -19.81 19.22
CA THR D 262 -2.90 -21.21 19.10
C THR D 262 -2.62 -21.90 20.44
N ALA D 263 -1.41 -21.71 20.97
CA ALA D 263 -1.01 -22.29 22.24
C ALA D 263 -1.86 -21.73 23.40
N VAL D 264 -2.21 -20.44 23.33
CA VAL D 264 -3.00 -19.79 24.37
C VAL D 264 -4.38 -20.41 24.44
N ILE D 265 -5.04 -20.57 23.29
CA ILE D 265 -6.39 -21.13 23.27
C ILE D 265 -6.32 -22.56 23.84
N ALA D 266 -5.31 -23.33 23.43
CA ALA D 266 -5.18 -24.69 23.93
C ALA D 266 -5.04 -24.67 25.45
N ALA D 267 -4.24 -23.74 25.97
CA ALA D 267 -3.94 -23.68 27.39
C ALA D 267 -5.20 -23.44 28.24
N PHE D 268 -6.17 -22.71 27.69
CA PHE D 268 -7.37 -22.36 28.42
C PHE D 268 -8.49 -23.36 28.16
N TYR D 269 -8.33 -24.25 27.17
CA TYR D 269 -9.41 -25.13 26.75
C TYR D 269 -8.88 -26.56 26.62
N PRO D 270 -8.16 -27.10 27.62
CA PRO D 270 -7.47 -28.38 27.46
C PRO D 270 -8.40 -29.57 27.23
N GLU D 271 -9.66 -29.49 27.63
CA GLU D 271 -10.59 -30.59 27.40
C GLU D 271 -10.82 -30.77 25.89
N TRP D 272 -10.57 -29.71 25.11
CA TRP D 272 -10.83 -29.78 23.68
C TRP D 272 -9.68 -30.50 22.96
N LEU D 273 -8.71 -31.02 23.72
CA LEU D 273 -7.73 -31.96 23.24
C LEU D 273 -8.22 -33.40 23.42
N THR D 274 -9.42 -33.58 23.96
CA THR D 274 -9.91 -34.92 24.30
C THR D 274 -11.22 -35.21 23.58
N ARG D 275 -11.66 -34.32 22.70
CA ARG D 275 -12.83 -34.58 21.90
C ARG D 275 -12.63 -34.06 20.47
N GLY D 276 -13.53 -34.43 19.58
CA GLY D 276 -13.53 -33.92 18.22
C GLY D 276 -12.69 -34.79 17.28
N LYS D 277 -12.39 -36.02 17.68
CA LYS D 277 -11.74 -36.98 16.80
C LYS D 277 -12.73 -37.42 15.72
N GLY D 278 -12.34 -37.27 14.45
CA GLY D 278 -13.24 -37.51 13.33
C GLY D 278 -12.98 -38.81 12.59
N ALA D 279 -11.73 -39.30 12.66
CA ALA D 279 -11.34 -40.50 11.95
C ALA D 279 -10.10 -41.11 12.56
N VAL D 280 -9.80 -42.34 12.12
CA VAL D 280 -8.57 -43.03 12.47
C VAL D 280 -7.67 -43.15 11.25
N ASN D 281 -8.15 -42.76 10.07
CA ASN D 281 -7.31 -42.79 8.88
C ASN D 281 -7.14 -41.36 8.35
N TYR D 282 -5.96 -41.07 7.81
CA TYR D 282 -5.60 -39.73 7.36
C TYR D 282 -4.86 -39.80 6.02
N LEU D 283 -5.17 -38.84 5.13
CA LEU D 283 -4.53 -38.72 3.84
C LEU D 283 -4.08 -37.28 3.57
N SER D 284 -2.89 -37.14 2.98
CA SER D 284 -2.43 -35.89 2.42
C SER D 284 -1.58 -36.23 1.20
N VAL D 285 -1.48 -35.30 0.25
CA VAL D 285 -0.59 -35.46 -0.89
C VAL D 285 0.61 -34.55 -0.72
N PRO D 286 1.76 -34.94 -1.28
CA PRO D 286 2.93 -34.07 -1.27
C PRO D 286 2.60 -32.82 -2.07
N GLU D 287 3.32 -31.72 -1.81
CA GLU D 287 2.98 -30.43 -2.40
C GLU D 287 4.24 -29.60 -2.57
N PHE D 288 4.14 -28.62 -3.49
CA PHE D 288 5.21 -27.71 -3.88
C PHE D 288 6.30 -28.44 -4.67
N PRO D 289 6.00 -28.90 -5.91
CA PRO D 289 7.02 -29.53 -6.74
C PRO D 289 8.07 -28.51 -7.23
N THR D 290 9.32 -28.97 -7.32
CA THR D 290 10.44 -28.10 -7.59
C THR D 290 11.37 -28.62 -8.69
N ASP D 291 10.99 -29.69 -9.40
CA ASP D 291 11.80 -30.17 -10.51
C ASP D 291 11.06 -29.85 -11.81
N SER D 292 11.64 -30.31 -12.92
N SER D 292 11.66 -30.25 -12.93
CA SER D 292 11.13 -30.06 -14.25
CA SER D 292 11.09 -30.03 -14.26
C SER D 292 10.18 -31.18 -14.71
C SER D 292 10.19 -31.19 -14.71
N LYS D 293 9.81 -32.08 -13.80
CA LYS D 293 8.99 -33.24 -14.11
C LYS D 293 7.86 -33.43 -13.10
N ASN D 294 7.31 -32.31 -12.59
CA ASN D 294 6.10 -32.33 -11.78
C ASN D 294 6.28 -33.04 -10.44
N GLY D 295 7.54 -33.12 -9.96
CA GLY D 295 7.90 -33.83 -8.73
C GLY D 295 8.89 -33.06 -7.85
N SER D 296 9.56 -33.79 -6.95
CA SER D 296 10.50 -33.24 -5.98
C SER D 296 9.80 -32.22 -5.10
N PHE D 297 8.82 -32.71 -4.34
CA PHE D 297 7.97 -31.87 -3.53
C PHE D 297 8.70 -31.41 -2.27
N LEU D 298 8.45 -30.15 -1.85
CA LEU D 298 9.00 -29.65 -0.58
C LEU D 298 8.24 -30.22 0.63
N PHE D 299 6.95 -30.51 0.51
CA PHE D 299 6.18 -31.07 1.60
C PHE D 299 5.83 -32.52 1.27
N PRO D 300 5.96 -33.47 2.23
CA PRO D 300 5.61 -34.87 1.97
C PRO D 300 4.14 -35.19 2.18
N GLY D 301 3.69 -36.29 1.55
CA GLY D 301 2.33 -36.78 1.70
C GLY D 301 2.35 -38.25 2.09
N GLY D 302 1.18 -38.81 2.33
CA GLY D 302 1.10 -40.19 2.80
C GLY D 302 -0.28 -40.57 3.27
N TYR D 303 -0.39 -41.84 3.64
CA TYR D 303 -1.61 -42.41 4.18
C TYR D 303 -1.33 -43.07 5.54
N ILE D 304 -2.13 -42.68 6.53
CA ILE D 304 -2.08 -43.23 7.87
C ILE D 304 -3.35 -44.04 8.10
N GLU D 305 -3.18 -45.29 8.56
CA GLU D 305 -4.31 -46.17 8.81
C GLU D 305 -4.34 -46.51 10.29
N ASN D 306 -5.54 -46.44 10.86
CA ASN D 306 -5.77 -46.70 12.26
C ASN D 306 -4.77 -45.95 13.13
N ALA D 307 -4.49 -44.68 12.78
CA ALA D 307 -3.76 -43.74 13.61
C ALA D 307 -2.34 -44.23 13.90
N ASP D 308 -1.81 -45.13 13.08
CA ASP D 308 -0.48 -45.68 13.28
C ASP D 308 0.55 -44.98 12.40
N LEU D 309 1.21 -43.97 12.97
CA LEU D 309 2.19 -43.19 12.22
C LEU D 309 3.37 -44.06 11.82
N SER D 310 3.71 -45.06 12.64
CA SER D 310 4.94 -45.81 12.47
C SER D 310 4.89 -46.65 11.18
N SER D 311 3.68 -47.02 10.76
CA SER D 311 3.54 -47.88 9.58
C SER D 311 2.80 -47.17 8.44
N TYR D 312 2.87 -45.83 8.41
CA TYR D 312 2.20 -45.07 7.37
C TYR D 312 2.85 -45.41 6.02
N ARG D 313 2.09 -45.15 4.95
CA ARG D 313 2.60 -45.35 3.61
C ARG D 313 2.91 -43.98 2.98
N PRO D 314 4.19 -43.69 2.67
CA PRO D 314 4.55 -42.45 1.98
C PRO D 314 3.95 -42.38 0.58
N ILE D 315 3.63 -41.15 0.17
CA ILE D 315 3.25 -40.82 -1.19
C ILE D 315 4.16 -39.66 -1.64
N THR D 316 4.97 -39.91 -2.68
CA THR D 316 5.98 -38.97 -3.11
C THR D 316 5.74 -38.51 -4.55
N SER D 317 4.67 -39.01 -5.17
CA SER D 317 4.35 -38.72 -6.56
C SER D 317 2.84 -38.51 -6.73
N HIS D 318 2.48 -37.55 -7.59
CA HIS D 318 1.09 -37.30 -7.95
C HIS D 318 0.59 -38.33 -8.97
N SER D 319 1.48 -39.22 -9.43
CA SER D 319 1.13 -40.31 -10.35
C SER D 319 1.04 -41.65 -9.64
N ASP D 320 1.14 -41.65 -8.30
CA ASP D 320 1.13 -42.86 -7.48
C ASP D 320 -0.16 -43.64 -7.71
N GLU D 321 -0.06 -44.86 -8.26
CA GLU D 321 -1.23 -45.65 -8.61
C GLU D 321 -1.99 -46.13 -7.38
N TYR D 322 -1.27 -46.35 -6.27
CA TYR D 322 -1.90 -46.72 -5.01
C TYR D 322 -2.90 -45.64 -4.56
N LEU D 323 -2.48 -44.37 -4.66
CA LEU D 323 -3.36 -43.26 -4.30
C LEU D 323 -4.54 -43.19 -5.26
N ILE D 324 -4.23 -43.25 -6.55
CA ILE D 324 -5.22 -43.05 -7.60
C ILE D 324 -6.32 -44.12 -7.52
N LYS D 325 -5.92 -45.37 -7.30
CA LYS D 325 -6.84 -46.48 -7.40
C LYS D 325 -7.72 -46.57 -6.14
N GLY D 326 -7.30 -45.97 -5.03
CA GLY D 326 -8.05 -46.12 -3.80
C GLY D 326 -9.33 -45.27 -3.75
N ILE D 327 -9.39 -44.22 -4.56
CA ILE D 327 -10.37 -43.16 -4.31
C ILE D 327 -11.68 -43.45 -5.01
N GLN D 328 -12.77 -43.44 -4.24
CA GLN D 328 -14.11 -43.58 -4.79
C GLN D 328 -15.05 -42.68 -3.99
N GLU D 329 -16.23 -42.44 -4.57
CA GLU D 329 -17.28 -41.69 -3.92
C GLU D 329 -18.62 -42.38 -4.12
N SER D 330 -19.45 -42.34 -3.06
CA SER D 330 -20.78 -42.94 -3.06
C SER D 330 -21.82 -41.85 -2.82
N ALA D 331 -23.02 -42.08 -3.37
CA ALA D 331 -24.14 -41.17 -3.19
C ALA D 331 -25.34 -41.88 -2.56
N LYS D 332 -25.10 -42.94 -1.80
CA LYS D 332 -26.19 -43.63 -1.12
C LYS D 332 -27.01 -42.67 -0.25
N HIS D 333 -26.35 -41.83 0.58
CA HIS D 333 -27.05 -40.89 1.44
C HIS D 333 -26.94 -39.44 0.95
N SER D 334 -26.65 -39.28 -0.36
CA SER D 334 -26.56 -38.00 -1.03
C SER D 334 -27.70 -37.87 -2.03
N TRP D 335 -28.01 -36.63 -2.45
CA TRP D 335 -29.07 -36.38 -3.41
C TRP D 335 -28.61 -36.55 -4.86
N TYR D 336 -27.99 -37.71 -5.15
CA TYR D 336 -27.71 -38.11 -6.51
C TYR D 336 -28.29 -39.51 -6.77
N LYS D 337 -28.40 -39.85 -8.06
CA LYS D 337 -29.08 -41.05 -8.50
C LYS D 337 -28.22 -42.29 -8.29
N ASP D 338 -26.98 -42.28 -8.78
CA ASP D 338 -26.14 -43.47 -8.76
C ASP D 338 -25.45 -43.60 -7.42
N GLU D 339 -25.66 -44.74 -6.72
CA GLU D 339 -25.30 -44.81 -5.30
C GLU D 339 -24.05 -45.62 -5.03
N ALA D 340 -23.76 -46.60 -5.88
CA ALA D 340 -22.62 -47.47 -5.67
C ALA D 340 -21.32 -46.65 -5.74
N PRO D 341 -20.26 -47.05 -5.01
CA PRO D 341 -19.00 -46.33 -5.04
C PRO D 341 -18.49 -46.23 -6.49
N GLN D 342 -18.08 -45.00 -6.86
CA GLN D 342 -17.58 -44.68 -8.20
C GLN D 342 -16.16 -44.13 -8.11
N ALA D 343 -15.25 -44.73 -8.89
CA ALA D 343 -13.96 -44.11 -9.20
C ALA D 343 -14.24 -42.85 -10.00
N PRO D 344 -13.57 -41.72 -9.71
CA PRO D 344 -13.98 -40.44 -10.31
C PRO D 344 -13.85 -40.35 -11.83
N TRP D 345 -12.95 -41.12 -12.45
CA TRP D 345 -12.92 -41.14 -13.91
C TRP D 345 -14.23 -41.71 -14.46
N GLU D 346 -14.93 -42.52 -13.66
CA GLU D 346 -16.21 -43.11 -14.05
C GLU D 346 -17.37 -42.49 -13.28
N GLY D 347 -17.17 -41.32 -12.68
CA GLY D 347 -18.17 -40.73 -11.81
C GLY D 347 -19.34 -40.12 -12.59
N THR D 348 -20.50 -40.07 -11.93
CA THR D 348 -21.66 -39.34 -12.42
C THR D 348 -22.10 -38.40 -11.30
N THR D 349 -22.85 -37.37 -11.69
CA THR D 349 -23.38 -36.40 -10.77
C THR D 349 -24.81 -36.08 -11.20
N ILE D 350 -25.72 -37.03 -10.99
CA ILE D 350 -27.08 -36.88 -11.49
C ILE D 350 -27.97 -36.51 -10.30
N PRO D 351 -28.50 -35.27 -10.26
CA PRO D 351 -29.26 -34.82 -9.10
C PRO D 351 -30.50 -35.69 -8.92
N ALA D 352 -30.83 -35.98 -7.66
CA ALA D 352 -32.00 -36.78 -7.32
C ALA D 352 -32.49 -36.35 -5.94
N TYR D 353 -32.89 -35.09 -5.85
CA TYR D 353 -33.35 -34.52 -4.59
C TYR D 353 -34.71 -35.10 -4.22
N ASP D 354 -34.82 -35.60 -2.98
CA ASP D 354 -36.08 -36.17 -2.52
C ASP D 354 -36.37 -35.70 -1.08
N GLY D 355 -35.77 -34.58 -0.69
CA GLY D 355 -35.92 -34.06 0.65
C GLY D 355 -35.07 -34.81 1.65
N TRP D 356 -35.13 -34.33 2.88
CA TRP D 356 -34.30 -34.83 3.95
C TRP D 356 -34.88 -36.11 4.55
N SER D 357 -34.00 -37.05 4.89
CA SER D 357 -34.38 -38.25 5.59
C SER D 357 -33.21 -38.70 6.44
N ASP D 358 -33.45 -38.93 7.74
CA ASP D 358 -32.38 -39.35 8.64
C ASP D 358 -31.69 -40.61 8.16
N ASP D 359 -32.42 -41.50 7.49
CA ASP D 359 -31.90 -42.81 7.12
C ASP D 359 -31.69 -42.89 5.61
N GLY D 360 -32.16 -41.88 4.87
CA GLY D 360 -31.99 -41.86 3.43
C GLY D 360 -30.96 -40.82 2.98
N LYS D 361 -31.37 -39.99 2.02
CA LYS D 361 -30.52 -38.96 1.47
C LYS D 361 -30.73 -37.67 2.25
N TYR D 362 -29.62 -37.02 2.63
CA TYR D 362 -29.71 -35.80 3.42
C TYR D 362 -28.62 -34.77 3.10
N SER D 363 -27.96 -34.85 1.94
CA SER D 363 -26.86 -33.94 1.63
C SER D 363 -26.57 -33.88 0.12
N TRP D 364 -26.09 -32.71 -0.33
CA TRP D 364 -25.52 -32.60 -1.68
C TRP D 364 -24.05 -33.02 -1.71
N VAL D 365 -23.46 -33.31 -0.56
CA VAL D 365 -22.09 -33.80 -0.50
C VAL D 365 -22.07 -35.32 -0.71
N LYS D 366 -21.15 -35.79 -1.57
CA LYS D 366 -20.88 -37.21 -1.79
C LYS D 366 -20.04 -37.75 -0.64
N SER D 367 -19.91 -39.08 -0.57
CA SER D 367 -19.21 -39.78 0.48
C SER D 367 -17.95 -40.44 -0.07
N PRO D 368 -16.76 -39.82 0.07
CA PRO D 368 -15.53 -40.43 -0.42
C PRO D 368 -14.98 -41.48 0.54
N THR D 369 -14.35 -42.51 -0.04
CA THR D 369 -13.61 -43.50 0.70
C THR D 369 -12.29 -43.71 0.01
N PHE D 370 -11.32 -44.21 0.80
CA PHE D 370 -10.03 -44.66 0.31
C PHE D 370 -9.91 -46.16 0.59
N TYR D 371 -9.90 -46.98 -0.47
CA TYR D 371 -10.02 -48.44 -0.35
C TYR D 371 -11.12 -48.81 0.65
N GLY D 372 -12.28 -48.16 0.52
CA GLY D 372 -13.46 -48.48 1.30
C GLY D 372 -13.50 -47.87 2.70
N LYS D 373 -12.50 -47.07 3.09
CA LYS D 373 -12.46 -46.51 4.43
C LYS D 373 -12.75 -45.02 4.42
N THR D 374 -13.33 -44.54 5.53
CA THR D 374 -13.55 -43.11 5.75
C THR D 374 -12.22 -42.51 6.18
N VAL D 375 -11.92 -41.30 5.70
CA VAL D 375 -10.62 -40.67 5.89
C VAL D 375 -10.81 -39.18 6.19
N GLU D 376 -10.01 -38.69 7.15
CA GLU D 376 -9.92 -37.26 7.40
C GLU D 376 -8.76 -36.69 6.59
N VAL D 377 -9.03 -35.56 5.94
CA VAL D 377 -8.03 -34.82 5.20
C VAL D 377 -7.89 -33.44 5.83
N GLY D 378 -6.83 -32.74 5.41
CA GLY D 378 -6.60 -31.38 5.86
C GLY D 378 -5.48 -31.30 6.88
N PRO D 379 -5.30 -30.13 7.51
CA PRO D 379 -4.13 -29.86 8.34
C PRO D 379 -3.76 -30.88 9.43
N LEU D 380 -4.76 -31.52 10.04
CA LEU D 380 -4.46 -32.60 10.97
C LEU D 380 -3.80 -33.76 10.25
N ALA D 381 -4.42 -34.20 9.15
CA ALA D 381 -3.83 -35.22 8.30
C ALA D 381 -2.42 -34.83 7.88
N ASN D 382 -2.31 -33.57 7.40
CA ASN D 382 -1.07 -33.08 6.83
C ASN D 382 0.04 -33.07 7.89
N MET D 383 -0.29 -32.64 9.11
CA MET D 383 0.72 -32.57 10.16
C MET D 383 1.11 -33.99 10.58
N LEU D 384 0.11 -34.86 10.75
CA LEU D 384 0.39 -36.23 11.21
C LEU D 384 1.29 -36.95 10.22
N VAL D 385 1.01 -36.77 8.92
CA VAL D 385 1.82 -37.40 7.88
C VAL D 385 3.25 -36.87 7.95
N LYS D 386 3.40 -35.55 8.15
CA LYS D 386 4.73 -34.97 8.25
C LYS D 386 5.48 -35.54 9.47
N LEU D 387 4.80 -35.66 10.60
CA LEU D 387 5.40 -36.28 11.79
C LEU D 387 5.79 -37.73 11.47
N ALA D 388 4.92 -38.48 10.77
CA ALA D 388 5.22 -39.86 10.43
C ALA D 388 6.44 -39.95 9.51
N ALA D 389 6.59 -38.94 8.64
CA ALA D 389 7.73 -38.87 7.74
C ALA D 389 9.01 -38.48 8.48
N GLY D 390 8.92 -38.12 9.76
CA GLY D 390 10.06 -37.60 10.50
C GLY D 390 10.58 -36.25 9.99
N ARG D 391 9.65 -35.40 9.54
CA ARG D 391 10.03 -34.09 9.02
C ARG D 391 10.41 -33.22 10.21
N GLU D 392 11.68 -32.82 10.27
CA GLU D 392 12.23 -32.11 11.40
C GLU D 392 11.56 -30.74 11.54
N SER D 393 11.33 -30.06 10.41
CA SER D 393 10.71 -28.75 10.46
C SER D 393 9.34 -28.81 11.12
N THR D 394 8.56 -29.86 10.86
CA THR D 394 7.24 -30.00 11.43
C THR D 394 7.33 -30.34 12.92
N GLN D 395 8.22 -31.26 13.30
CA GLN D 395 8.36 -31.60 14.72
CA GLN D 395 8.45 -31.61 14.70
C GLN D 395 8.82 -30.35 15.49
N ASN D 396 9.75 -29.58 14.93
CA ASN D 396 10.27 -28.39 15.60
C ASN D 396 9.18 -27.34 15.79
N LYS D 397 8.33 -27.16 14.79
CA LYS D 397 7.29 -26.15 14.87
C LYS D 397 6.20 -26.54 15.85
N LEU D 398 5.81 -27.83 15.84
CA LEU D 398 4.89 -28.35 16.85
C LEU D 398 5.49 -28.17 18.24
N ASN D 399 6.78 -28.50 18.40
CA ASN D 399 7.46 -28.37 19.69
C ASN D 399 7.39 -26.93 20.21
N GLU D 400 7.46 -25.92 19.32
CA GLU D 400 7.41 -24.53 19.76
C GLU D 400 6.03 -24.22 20.35
N ILE D 401 4.98 -24.73 19.71
CA ILE D 401 3.63 -24.52 20.19
C ILE D 401 3.49 -25.22 21.55
N VAL D 402 4.04 -26.43 21.65
CA VAL D 402 3.93 -27.20 22.88
C VAL D 402 4.69 -26.49 24.01
N ALA D 403 5.86 -25.91 23.68
CA ALA D 403 6.67 -25.21 24.67
C ALA D 403 5.90 -24.02 25.26
N ILE D 404 5.13 -23.31 24.43
CA ILE D 404 4.34 -22.19 24.92
C ILE D 404 3.24 -22.75 25.82
N TYR D 405 2.49 -23.74 25.33
CA TYR D 405 1.48 -24.42 26.13
C TYR D 405 2.01 -24.88 27.49
N GLN D 406 3.22 -25.45 27.50
CA GLN D 406 3.82 -25.91 28.74
C GLN D 406 4.12 -24.75 29.67
N LYS D 407 4.68 -23.68 29.10
CA LYS D 407 4.95 -22.47 29.87
C LYS D 407 3.67 -21.97 30.53
N LEU D 408 2.52 -22.08 29.85
CA LEU D 408 1.28 -21.53 30.38
C LEU D 408 0.57 -22.47 31.35
N THR D 409 0.76 -23.79 31.23
CA THR D 409 -0.08 -24.74 31.96
C THR D 409 0.74 -25.65 32.86
N GLY D 410 2.05 -25.75 32.62
CA GLY D 410 2.90 -26.74 33.26
C GLY D 410 2.70 -28.16 32.72
N ASN D 411 1.89 -28.34 31.66
CA ASN D 411 1.65 -29.65 31.07
C ASN D 411 2.24 -29.72 29.66
N THR D 412 2.42 -30.95 29.19
CA THR D 412 2.93 -31.16 27.84
C THR D 412 1.77 -31.65 26.97
N LEU D 413 2.04 -31.80 25.66
CA LEU D 413 1.09 -32.43 24.74
C LEU D 413 1.76 -33.65 24.13
N GLU D 414 1.02 -34.78 24.09
CA GLU D 414 1.44 -35.97 23.36
C GLU D 414 0.69 -36.05 22.02
N VAL D 415 1.24 -36.84 21.09
CA VAL D 415 0.65 -36.99 19.75
C VAL D 415 -0.78 -37.50 19.88
N ALA D 416 -1.06 -38.33 20.89
CA ALA D 416 -2.40 -38.88 21.04
C ALA D 416 -3.43 -37.77 21.20
N GLN D 417 -3.02 -36.63 21.80
CA GLN D 417 -3.92 -35.51 22.04
C GLN D 417 -4.16 -34.65 20.80
N LEU D 418 -3.40 -34.87 19.73
CA LEU D 418 -3.60 -34.12 18.49
C LEU D 418 -4.79 -34.65 17.70
N HIS D 419 -5.28 -35.86 18.02
CA HIS D 419 -6.44 -36.40 17.34
C HIS D 419 -7.69 -35.81 17.98
N SER D 420 -7.92 -34.50 17.77
CA SER D 420 -8.89 -33.72 18.53
C SER D 420 -9.22 -32.40 17.81
N THR D 421 -10.24 -31.71 18.30
CA THR D 421 -10.57 -30.38 17.82
C THR D 421 -9.35 -29.45 17.89
N LEU D 422 -8.64 -29.43 19.02
CA LEU D 422 -7.50 -28.54 19.17
C LEU D 422 -6.30 -29.04 18.38
N GLY D 423 -6.13 -30.37 18.25
CA GLY D 423 -5.06 -30.92 17.44
C GLY D 423 -5.16 -30.46 15.99
N ARG D 424 -6.40 -30.44 15.50
CA ARG D 424 -6.74 -30.03 14.14
C ARG D 424 -6.37 -28.55 13.95
N ILE D 425 -6.74 -27.72 14.92
CA ILE D 425 -6.42 -26.30 14.89
C ILE D 425 -4.89 -26.14 14.89
N ILE D 426 -4.21 -26.93 15.73
CA ILE D 426 -2.76 -26.88 15.81
C ILE D 426 -2.13 -27.25 14.47
N GLY D 427 -2.65 -28.31 13.80
CA GLY D 427 -2.08 -28.73 12.52
C GLY D 427 -2.10 -27.59 11.49
N ARG D 428 -3.18 -26.81 11.52
CA ARG D 428 -3.37 -25.70 10.59
C ARG D 428 -2.33 -24.62 10.86
N THR D 429 -2.11 -24.33 12.14
CA THR D 429 -1.17 -23.32 12.57
C THR D 429 0.23 -23.70 12.13
N VAL D 430 0.62 -24.97 12.39
CA VAL D 430 1.92 -25.47 12.02
C VAL D 430 2.10 -25.29 10.51
N HIS D 431 1.07 -25.63 9.73
CA HIS D 431 1.12 -25.48 8.30
C HIS D 431 1.42 -24.02 7.93
N CYS D 432 0.61 -23.09 8.47
CA CYS D 432 0.81 -21.69 8.17
C CYS D 432 2.27 -21.27 8.44
N CYS D 433 2.86 -21.77 9.55
CA CYS D 433 4.20 -21.39 9.92
C CYS D 433 5.20 -21.96 8.91
N GLU D 434 5.08 -23.24 8.55
CA GLU D 434 6.03 -23.83 7.63
C GLU D 434 5.95 -23.21 6.24
N LEU D 435 4.76 -22.71 5.86
CA LEU D 435 4.56 -22.12 4.53
C LEU D 435 5.41 -20.85 4.34
N GLN D 436 5.79 -20.16 5.41
CA GLN D 436 6.60 -18.95 5.27
C GLN D 436 7.98 -19.35 4.74
N ASP D 437 8.51 -20.50 5.17
CA ASP D 437 9.76 -20.99 4.63
C ASP D 437 9.60 -21.46 3.17
N ILE D 438 8.44 -22.03 2.81
CA ILE D 438 8.17 -22.37 1.42
C ILE D 438 8.30 -21.11 0.55
N LEU D 439 7.66 -20.01 0.98
CA LEU D 439 7.72 -18.75 0.25
C LEU D 439 9.15 -18.26 0.06
N GLN D 440 9.96 -18.24 1.13
CA GLN D 440 11.33 -17.77 1.02
C GLN D 440 12.14 -18.65 0.06
N ASN D 441 11.94 -19.96 0.20
CA ASN D 441 12.65 -20.97 -0.57
C ASN D 441 12.35 -20.81 -2.06
N GLN D 442 11.08 -20.67 -2.41
CA GLN D 442 10.65 -20.63 -3.80
C GLN D 442 10.91 -19.26 -4.45
N TYR D 443 10.83 -18.16 -3.68
CA TYR D 443 11.26 -16.89 -4.23
C TYR D 443 12.75 -16.95 -4.60
N SER D 444 13.58 -17.47 -3.70
N SER D 444 13.58 -17.46 -3.68
CA SER D 444 15.01 -17.60 -3.92
CA SER D 444 15.01 -17.60 -3.92
C SER D 444 15.30 -18.51 -5.13
C SER D 444 15.29 -18.49 -5.14
N ALA D 445 14.58 -19.62 -5.22
CA ALA D 445 14.74 -20.54 -6.34
C ALA D 445 14.45 -19.85 -7.68
N LEU D 446 13.37 -19.06 -7.71
CA LEU D 446 12.98 -18.33 -8.91
C LEU D 446 14.07 -17.33 -9.32
N ILE D 447 14.53 -16.49 -8.37
CA ILE D 447 15.56 -15.49 -8.63
C ILE D 447 16.82 -16.17 -9.16
N THR D 448 17.26 -17.24 -8.50
CA THR D 448 18.43 -18.00 -8.91
C THR D 448 18.26 -18.60 -10.31
N ASN D 449 17.09 -19.18 -10.59
CA ASN D 449 16.88 -19.85 -11.87
C ASN D 449 16.86 -18.83 -12.99
N ILE D 450 16.22 -17.68 -12.75
CA ILE D 450 16.21 -16.63 -13.74
C ILE D 450 17.65 -16.20 -14.01
N GLY D 451 18.46 -16.09 -12.95
CA GLY D 451 19.87 -15.71 -13.06
C GLY D 451 20.70 -16.63 -13.94
N LYS D 452 20.34 -17.92 -14.01
CA LYS D 452 21.02 -18.87 -14.86
C LYS D 452 20.57 -18.77 -16.32
N GLY D 453 19.62 -17.89 -16.63
CA GLY D 453 19.26 -17.66 -18.01
C GLY D 453 17.94 -18.34 -18.39
N ASP D 454 17.29 -19.03 -17.44
CA ASP D 454 16.05 -19.72 -17.73
C ASP D 454 14.87 -18.76 -17.53
N HIS D 455 14.26 -18.34 -18.63
CA HIS D 455 13.06 -17.52 -18.54
C HIS D 455 11.81 -18.26 -19.04
N THR D 456 11.90 -19.58 -19.18
CA THR D 456 10.81 -20.36 -19.74
CA THR D 456 10.80 -20.34 -19.76
C THR D 456 9.70 -20.50 -18.71
N THR D 457 8.44 -20.34 -19.16
CA THR D 457 7.27 -20.35 -18.29
C THR D 457 6.14 -21.20 -18.84
N PHE D 458 6.18 -21.55 -20.12
CA PHE D 458 5.04 -22.14 -20.79
C PHE D 458 5.50 -23.07 -21.91
N VAL D 459 4.92 -24.28 -21.91
CA VAL D 459 5.05 -25.23 -23.01
C VAL D 459 3.65 -25.41 -23.61
N LYS D 460 3.48 -25.00 -24.87
CA LYS D 460 2.20 -25.08 -25.54
C LYS D 460 1.76 -26.55 -25.65
N PRO D 461 0.55 -26.90 -25.18
CA PRO D 461 0.06 -28.27 -25.31
C PRO D 461 -0.44 -28.61 -26.71
N ASN D 462 -0.36 -29.89 -27.04
CA ASN D 462 -1.18 -30.46 -28.11
C ASN D 462 -2.17 -31.45 -27.50
N ILE D 463 -3.36 -31.49 -28.10
CA ILE D 463 -4.45 -32.32 -27.59
C ILE D 463 -4.96 -33.18 -28.73
N PRO D 464 -4.67 -34.49 -28.75
CA PRO D 464 -5.11 -35.33 -29.86
C PRO D 464 -6.62 -35.29 -29.98
N ALA D 465 -7.09 -35.29 -31.24
CA ALA D 465 -8.50 -35.12 -31.58
C ALA D 465 -9.25 -36.46 -31.55
N THR D 466 -8.50 -37.55 -31.35
CA THR D 466 -9.07 -38.87 -31.13
C THR D 466 -8.38 -39.46 -29.91
N GLY D 467 -8.86 -40.61 -29.44
CA GLY D 467 -8.32 -41.22 -28.24
C GLY D 467 -9.04 -40.72 -26.99
N GLU D 468 -8.96 -41.53 -25.94
CA GLU D 468 -9.47 -41.19 -24.62
C GLU D 468 -8.31 -41.16 -23.66
N PHE D 469 -8.16 -40.03 -22.96
CA PHE D 469 -7.05 -39.81 -22.05
C PHE D 469 -7.63 -39.35 -20.74
N LYS D 470 -7.06 -39.89 -19.67
CA LYS D 470 -7.52 -39.61 -18.33
C LYS D 470 -6.38 -38.97 -17.57
N GLY D 471 -6.73 -37.96 -16.76
CA GLY D 471 -5.74 -37.27 -15.98
C GLY D 471 -6.30 -36.93 -14.61
N VAL D 472 -5.39 -36.88 -13.62
CA VAL D 472 -5.77 -36.45 -12.29
C VAL D 472 -4.74 -35.43 -11.80
N GLY D 473 -5.30 -34.33 -11.26
CA GLY D 473 -4.51 -33.27 -10.67
C GLY D 473 -4.73 -33.24 -9.16
N PHE D 474 -3.67 -33.57 -8.41
CA PHE D 474 -3.70 -33.55 -6.96
C PHE D 474 -3.08 -32.25 -6.45
N LEU D 475 -3.56 -31.80 -5.30
CA LEU D 475 -3.08 -30.57 -4.68
C LEU D 475 -3.40 -30.63 -3.20
N GLU D 476 -2.42 -30.28 -2.36
CA GLU D 476 -2.68 -30.21 -0.92
C GLU D 476 -3.17 -28.80 -0.59
N ALA D 477 -4.51 -28.69 -0.51
CA ALA D 477 -5.20 -27.42 -0.36
C ALA D 477 -5.24 -27.06 1.11
N PRO D 478 -5.63 -25.81 1.46
CA PRO D 478 -5.73 -25.41 2.87
C PRO D 478 -6.56 -26.35 3.76
N ARG D 479 -7.60 -26.95 3.18
CA ARG D 479 -8.50 -27.84 3.90
C ARG D 479 -8.23 -29.33 3.62
N GLY D 480 -7.23 -29.61 2.78
CA GLY D 480 -6.69 -30.95 2.60
C GLY D 480 -6.57 -31.38 1.14
N MET D 481 -6.34 -32.69 0.93
CA MET D 481 -6.11 -33.24 -0.40
C MET D 481 -7.29 -32.94 -1.34
N LEU D 482 -6.96 -32.26 -2.45
CA LEU D 482 -7.87 -31.96 -3.53
C LEU D 482 -7.47 -32.78 -4.76
N SER D 483 -8.47 -33.26 -5.51
CA SER D 483 -8.20 -33.94 -6.77
C SER D 483 -9.27 -33.61 -7.80
N HIS D 484 -8.81 -33.23 -9.00
CA HIS D 484 -9.62 -33.00 -10.17
C HIS D 484 -9.33 -34.15 -11.14
N TRP D 485 -10.40 -34.75 -11.66
CA TRP D 485 -10.32 -35.92 -12.52
C TRP D 485 -10.96 -35.61 -13.88
N MET D 486 -10.13 -35.57 -14.93
CA MET D 486 -10.58 -35.14 -16.24
C MET D 486 -10.45 -36.33 -17.21
N VAL D 487 -11.53 -36.61 -17.93
CA VAL D 487 -11.46 -37.52 -19.06
C VAL D 487 -11.61 -36.71 -20.33
N ILE D 488 -10.65 -36.87 -21.23
CA ILE D 488 -10.67 -36.25 -22.54
C ILE D 488 -11.01 -37.31 -23.58
N LYS D 489 -11.99 -37.00 -24.43
CA LYS D 489 -12.34 -37.91 -25.51
C LYS D 489 -12.68 -37.05 -26.72
N ASP D 490 -12.06 -37.38 -27.86
CA ASP D 490 -12.21 -36.63 -29.10
C ASP D 490 -11.91 -35.15 -28.88
N GLY D 491 -10.89 -34.87 -28.05
CA GLY D 491 -10.38 -33.52 -27.89
C GLY D 491 -11.12 -32.67 -26.87
N ILE D 492 -12.20 -33.17 -26.25
CA ILE D 492 -12.99 -32.35 -25.32
C ILE D 492 -13.19 -33.12 -24.03
N ILE D 493 -13.63 -32.40 -22.99
CA ILE D 493 -13.86 -32.99 -21.69
C ILE D 493 -15.13 -33.83 -21.74
N SER D 494 -14.99 -35.15 -21.57
CA SER D 494 -16.14 -36.04 -21.59
C SER D 494 -16.60 -36.35 -20.17
N ASN D 495 -15.70 -36.20 -19.18
CA ASN D 495 -16.11 -36.30 -17.80
C ASN D 495 -15.17 -35.43 -16.97
N TYR D 496 -15.73 -34.79 -15.95
CA TYR D 496 -14.99 -34.00 -15.00
C TYR D 496 -15.57 -34.28 -13.62
N GLN D 497 -14.70 -34.75 -12.71
CA GLN D 497 -15.11 -34.98 -11.34
C GLN D 497 -14.08 -34.34 -10.41
N ALA D 498 -14.56 -33.47 -9.52
CA ALA D 498 -13.77 -32.94 -8.42
C ALA D 498 -14.13 -33.68 -7.14
N VAL D 499 -13.10 -34.16 -6.44
CA VAL D 499 -13.18 -34.72 -5.11
C VAL D 499 -12.42 -33.78 -4.17
N VAL D 500 -13.17 -33.07 -3.33
CA VAL D 500 -12.62 -31.87 -2.69
C VAL D 500 -12.43 -32.16 -1.20
N PRO D 501 -11.42 -31.58 -0.51
CA PRO D 501 -11.17 -31.94 0.88
C PRO D 501 -12.39 -31.91 1.81
N SER D 502 -13.19 -30.85 1.72
CA SER D 502 -14.41 -30.80 2.50
C SER D 502 -15.43 -31.86 2.11
N THR D 503 -15.31 -32.43 0.89
CA THR D 503 -16.12 -33.58 0.54
C THR D 503 -15.75 -34.76 1.45
N TRP D 504 -14.46 -35.04 1.58
CA TRP D 504 -14.01 -36.10 2.47
C TRP D 504 -14.55 -35.91 3.88
N ASN D 505 -14.44 -34.68 4.44
CA ASN D 505 -14.66 -34.49 5.86
C ASN D 505 -16.15 -34.32 6.15
N SER D 506 -16.89 -33.65 5.26
CA SER D 506 -18.28 -33.27 5.50
C SER D 506 -19.27 -34.27 4.91
N GLY D 507 -18.77 -35.21 4.12
CA GLY D 507 -19.63 -36.14 3.41
C GLY D 507 -20.51 -36.95 4.37
N PRO D 508 -21.75 -37.29 3.97
CA PRO D 508 -22.69 -37.98 4.86
C PRO D 508 -22.34 -39.47 4.97
N ARG D 509 -23.19 -40.23 5.65
CA ARG D 509 -22.98 -41.66 5.77
C ARG D 509 -22.81 -42.29 4.39
N ASN D 510 -21.89 -43.26 4.31
CA ASN D 510 -21.42 -43.77 3.02
C ASN D 510 -22.22 -45.01 2.63
N PHE D 511 -21.71 -45.75 1.63
CA PHE D 511 -22.42 -46.87 1.04
C PHE D 511 -22.68 -47.95 2.08
N ASN D 512 -21.76 -48.10 3.07
CA ASN D 512 -21.88 -49.05 4.16
C ASN D 512 -22.43 -48.40 5.43
N ASP D 513 -23.00 -47.20 5.28
CA ASP D 513 -23.58 -46.41 6.36
C ASP D 513 -22.54 -46.00 7.41
N ASP D 514 -21.25 -46.01 7.06
CA ASP D 514 -20.21 -45.53 7.96
C ASP D 514 -20.24 -44.01 7.99
N VAL D 515 -19.78 -43.48 9.12
CA VAL D 515 -19.95 -42.08 9.44
C VAL D 515 -18.67 -41.35 9.00
N GLY D 516 -18.82 -40.21 8.34
CA GLY D 516 -17.69 -39.38 7.96
C GLY D 516 -17.12 -38.54 9.11
N PRO D 517 -15.95 -37.86 8.91
CA PRO D 517 -15.33 -37.10 10.00
C PRO D 517 -16.18 -36.07 10.75
N TYR D 518 -16.92 -35.18 10.08
CA TYR D 518 -17.70 -34.21 10.83
C TYR D 518 -18.66 -34.96 11.76
N GLU D 519 -19.39 -35.91 11.19
CA GLU D 519 -20.45 -36.61 11.93
C GLU D 519 -19.88 -37.41 13.11
N GLN D 520 -18.73 -38.06 12.91
CA GLN D 520 -18.07 -38.84 13.94
C GLN D 520 -17.53 -37.93 15.04
N SER D 521 -16.94 -36.79 14.65
CA SER D 521 -16.24 -35.90 15.57
C SER D 521 -17.18 -35.33 16.63
N LEU D 522 -18.47 -35.27 16.32
CA LEU D 522 -19.44 -34.65 17.20
C LEU D 522 -19.93 -35.61 18.27
N VAL D 523 -19.80 -36.93 18.08
CA VAL D 523 -20.33 -37.87 19.06
C VAL D 523 -19.60 -37.63 20.38
N GLY D 524 -20.38 -37.42 21.44
CA GLY D 524 -19.79 -37.18 22.75
C GLY D 524 -19.58 -35.70 23.07
N THR D 525 -20.04 -34.81 22.18
CA THR D 525 -19.87 -33.39 22.44
C THR D 525 -20.82 -33.01 23.56
N PRO D 526 -20.35 -32.45 24.70
CA PRO D 526 -21.26 -31.91 25.71
C PRO D 526 -21.90 -30.62 25.20
N VAL D 527 -23.21 -30.48 25.45
CA VAL D 527 -23.97 -29.32 25.02
C VAL D 527 -24.72 -28.78 26.24
N ALA D 528 -24.19 -27.69 26.83
CA ALA D 528 -24.77 -27.10 28.03
C ALA D 528 -26.18 -26.58 27.74
N ASP D 529 -26.37 -25.99 26.56
CA ASP D 529 -27.63 -25.36 26.19
C ASP D 529 -27.97 -25.76 24.77
N PRO D 530 -28.93 -26.69 24.56
CA PRO D 530 -29.28 -27.17 23.22
C PRO D 530 -29.82 -26.08 22.30
N ASN D 531 -30.26 -24.96 22.87
CA ASN D 531 -30.74 -23.87 22.04
C ASN D 531 -29.57 -23.07 21.46
N LYS D 532 -28.39 -23.19 22.06
CA LYS D 532 -27.19 -22.44 21.71
C LYS D 532 -26.00 -23.38 21.71
N PRO D 533 -25.98 -24.37 20.77
CA PRO D 533 -24.98 -25.43 20.76
C PRO D 533 -23.59 -24.99 20.26
N LEU D 534 -23.00 -24.05 21.01
CA LEU D 534 -21.66 -23.52 20.74
C LEU D 534 -20.62 -24.64 20.64
N GLU D 535 -20.72 -25.67 21.49
CA GLU D 535 -19.73 -26.73 21.56
C GLU D 535 -19.67 -27.51 20.24
N VAL D 536 -20.81 -27.65 19.57
CA VAL D 536 -20.89 -28.38 18.31
C VAL D 536 -20.14 -27.59 17.23
N VAL D 537 -20.43 -26.30 17.18
CA VAL D 537 -19.87 -25.41 16.17
C VAL D 537 -18.36 -25.29 16.37
N ARG D 538 -17.89 -25.38 17.62
CA ARG D 538 -16.47 -25.35 17.89
C ARG D 538 -15.75 -26.47 17.14
N THR D 539 -16.31 -27.68 17.21
CA THR D 539 -15.68 -28.83 16.60
C THR D 539 -15.81 -28.76 15.09
N ILE D 540 -16.99 -28.39 14.59
CA ILE D 540 -17.21 -28.33 13.16
C ILE D 540 -16.29 -27.28 12.54
N HIS D 541 -16.19 -26.09 13.16
CA HIS D 541 -15.31 -25.05 12.66
C HIS D 541 -13.87 -25.52 12.59
N SER D 542 -13.45 -26.47 13.44
CA SER D 542 -12.05 -26.89 13.48
C SER D 542 -11.63 -27.54 12.17
N PHE D 543 -12.61 -28.06 11.42
CA PHE D 543 -12.37 -28.65 10.11
C PHE D 543 -12.34 -27.61 8.98
N ASP D 544 -12.65 -26.34 9.29
CA ASP D 544 -12.65 -25.25 8.31
C ASP D 544 -13.58 -25.61 7.16
N PRO D 545 -14.89 -25.84 7.41
CA PRO D 545 -15.80 -26.25 6.34
C PRO D 545 -15.86 -25.26 5.19
N CYS D 546 -15.84 -25.82 3.99
CA CYS D 546 -16.09 -25.06 2.77
C CYS D 546 -17.08 -25.86 1.92
N MET D 547 -18.34 -25.42 1.89
CA MET D 547 -19.40 -26.23 1.32
C MET D 547 -19.58 -25.97 -0.18
N ALA D 548 -19.17 -24.79 -0.68
CA ALA D 548 -19.07 -24.61 -2.13
C ALA D 548 -18.06 -25.62 -2.69
N CYS D 549 -16.96 -25.81 -1.97
CA CYS D 549 -15.99 -26.86 -2.23
C CYS D 549 -16.59 -28.27 -2.11
N ALA D 550 -17.28 -28.52 -0.99
CA ALA D 550 -17.72 -29.87 -0.68
C ALA D 550 -18.64 -30.41 -1.77
N VAL D 551 -19.50 -29.53 -2.31
CA VAL D 551 -20.59 -29.91 -3.19
C VAL D 551 -20.33 -29.59 -4.66
N HIS D 552 -19.83 -28.37 -4.93
N HIS D 552 -19.82 -28.37 -4.92
CA HIS D 552 -19.59 -27.90 -6.29
CA HIS D 552 -19.63 -27.85 -6.27
C HIS D 552 -20.80 -28.17 -7.19
C HIS D 552 -20.89 -28.13 -7.12
FE1 SF4 E . -2.91 10.53 -25.59
FE2 SF4 E . -0.57 11.26 -24.24
FE3 SF4 E . -0.52 9.45 -26.27
FE4 SF4 E . -1.66 8.81 -23.90
S1 SF4 E . 0.60 9.34 -24.26
S2 SF4 E . -2.56 8.33 -25.97
S3 SF4 E . -2.64 10.72 -23.33
S4 SF4 E . -1.05 11.63 -26.49
FE1 F3S F . 7.80 13.07 -16.60
FE3 F3S F . 6.51 10.71 -16.78
FE4 F3S F . 5.97 12.67 -18.50
S1 F3S F . 7.04 11.84 -14.88
S2 F3S F . 6.45 14.68 -17.44
S3 F3S F . 7.91 11.57 -18.32
S4 F3S F . 4.54 11.38 -17.41
FE1 SF4 G . 15.56 17.84 -9.05
FE2 SF4 G . 17.05 17.60 -11.27
FE3 SF4 G . 14.47 16.90 -11.30
FE4 SF4 G . 16.16 15.31 -9.76
S1 SF4 G . 16.17 15.55 -12.07
S2 SF4 G . 14.07 16.02 -9.23
S3 SF4 G . 17.71 17.02 -9.15
S4 SF4 G . 15.33 19.04 -10.88
C1 GOL H . -4.51 23.65 -23.29
O1 GOL H . -4.41 24.20 -24.60
C2 GOL H . -5.45 24.41 -22.39
O2 GOL H . -5.25 25.81 -22.36
C3 GOL H . -5.46 23.94 -20.96
O3 GOL H . -6.77 23.48 -20.66
C1 GOL I . 9.76 26.52 -27.42
O1 GOL I . 9.03 27.73 -27.58
C2 GOL I . 9.52 25.60 -28.58
O2 GOL I . 9.43 26.38 -29.78
C3 GOL I . 10.57 24.52 -28.69
O3 GOL I . 10.30 23.61 -29.76
FE FCO J . 11.48 25.82 0.32
C1 FCO J . 12.46 26.96 1.39
N1 FCO J . 13.09 27.69 2.02
C2 FCO J . 10.30 25.48 1.67
N2 FCO J . 9.61 25.24 2.56
C3 FCO J . 10.33 27.08 -0.22
O3 FCO J . 9.57 27.85 -0.54
NI NI K . 13.01 23.84 -0.40
MG MG L . 15.39 35.27 -5.85
FE1 SF4 M . -5.05 -5.88 -26.76
FE2 SF4 M . -6.87 -6.88 -24.91
FE3 SF4 M . -7.50 -4.75 -26.48
FE4 SF4 M . -5.70 -4.50 -24.46
S1 SF4 M . -7.98 -5.02 -24.27
S2 SF4 M . -5.46 -3.64 -26.56
S3 SF4 M . -4.64 -6.49 -24.53
S4 SF4 M . -7.13 -6.90 -27.22
FE1 F3S N . -12.66 -10.23 -15.59
FE3 F3S N . -11.42 -7.86 -15.70
FE4 F3S N . -11.46 -9.44 -17.81
S1 F3S N . -11.47 -9.32 -13.96
S2 F3S N . -11.65 -11.61 -17.03
S3 F3S N . -13.26 -8.45 -16.92
S4 F3S N . -9.70 -8.36 -16.99
FE1 SF4 O . -17.59 -15.04 -9.27
FE2 SF4 O . -17.99 -16.42 -7.01
FE3 SF4 O . -20.03 -15.81 -8.59
FE4 SF4 O . -18.72 -13.79 -7.11
S1 SF4 O . -20.03 -15.63 -6.36
S2 SF4 O . -19.43 -13.68 -9.26
S3 SF4 O . -16.58 -14.57 -7.30
S4 SF4 O . -18.34 -17.21 -9.02
C1 GOL P . -2.67 -19.26 -27.58
O1 GOL P . -3.68 -19.60 -28.53
C2 GOL P . -2.52 -20.30 -26.48
O2 GOL P . -1.95 -21.49 -27.02
C3 GOL P . -1.70 -19.81 -25.30
O3 GOL P . -0.38 -19.36 -25.64
C1 GOL Q . -10.87 -22.56 -28.46
O1 GOL Q . -10.14 -21.41 -28.86
C2 GOL Q . -11.00 -22.57 -26.97
O2 GOL Q . -11.94 -23.55 -26.53
C3 GOL Q . -9.68 -22.73 -26.25
O3 GOL Q . -9.57 -21.71 -25.26
FE FCO R . -11.60 -25.76 -0.79
C1 FCO R . -12.21 -27.08 0.34
N1 FCO R . -12.67 -27.91 1.01
C2 FCO R . -10.14 -25.68 0.26
N2 FCO R . -9.16 -25.54 0.91
C3 FCO R . -10.68 -26.91 -1.82
O3 FCO R . -10.03 -27.62 -2.43
NI NI S . -13.19 -23.73 -0.64
MG MG T . -17.41 -34.05 -7.08
C1 GOL U . 0.87 -32.22 -14.10
O1 GOL U . 1.21 -30.88 -13.74
C2 GOL U . 0.65 -33.14 -12.91
O2 GOL U . -0.73 -33.34 -12.66
C3 GOL U . 1.29 -34.51 -13.04
O3 GOL U . 1.01 -35.32 -11.90
C1 GOL V . -3.12 -20.83 31.34
O1 GOL V . -2.02 -19.99 31.71
C2 GOL V . -4.01 -21.12 32.53
O2 GOL V . -3.26 -21.81 33.52
C3 GOL V . -5.22 -21.95 32.16
O3 GOL V . -6.09 -22.12 33.28
MG MG W . 5.57 -21.93 -27.22
#